data_2MP4
#
_entry.id   2MP4
#
_entity_poly.entity_id   1
_entity_poly.type   'polypeptide(L)'
_entity_poly.pdbx_seq_one_letter_code
;MSSGVMVDPDVQTSFQKLSEGRKEYRYIIFKIDENKVIVEAAVTQDQLGITGDDYDDSSKAAFDKFVEDVKSRTDNLTDC
RYAVFDFKFTCSRVGAGTSKMDKIIFLQICPDGASIKKKMVYASSAAAIKTSLGTGKILQFQVSDESEMSHKELLNKLGE
KYGDH
;
_entity_poly.pdbx_strand_id   A
#
# COMPACT_ATOMS: atom_id res chain seq x y z
N MET A 1 20.23 0.04 -12.75
CA MET A 1 19.07 -0.87 -12.51
C MET A 1 19.54 -2.18 -11.91
N SER A 2 20.57 -2.78 -12.53
CA SER A 2 21.13 -4.04 -12.04
C SER A 2 22.01 -3.80 -10.82
N SER A 3 21.61 -2.83 -10.00
CA SER A 3 22.37 -2.43 -8.84
C SER A 3 22.21 -3.44 -7.71
N GLY A 4 21.10 -4.17 -7.72
CA GLY A 4 20.86 -5.16 -6.70
C GLY A 4 20.21 -4.56 -5.47
N VAL A 5 18.94 -4.21 -5.60
CA VAL A 5 18.21 -3.56 -4.53
C VAL A 5 18.00 -4.50 -3.35
N MET A 6 18.34 -4.02 -2.16
CA MET A 6 18.18 -4.80 -0.95
C MET A 6 17.22 -4.07 -0.01
N VAL A 7 16.81 -4.73 1.07
CA VAL A 7 15.89 -4.11 2.01
C VAL A 7 16.58 -3.83 3.35
N ASP A 8 16.29 -2.67 3.92
CA ASP A 8 16.72 -2.38 5.28
C ASP A 8 16.01 -3.32 6.26
N PRO A 9 16.77 -4.00 7.12
CA PRO A 9 16.24 -4.99 8.06
C PRO A 9 14.96 -4.57 8.79
N ASP A 10 14.86 -3.28 9.14
CA ASP A 10 13.71 -2.77 9.88
C ASP A 10 12.41 -2.84 9.07
N VAL A 11 12.52 -3.01 7.75
CA VAL A 11 11.34 -3.18 6.90
C VAL A 11 10.54 -4.40 7.35
N GLN A 12 11.22 -5.53 7.46
CA GLN A 12 10.58 -6.78 7.86
C GLN A 12 10.06 -6.68 9.30
N THR A 13 10.81 -6.00 10.15
CA THR A 13 10.40 -5.78 11.53
C THR A 13 9.07 -5.04 11.59
N SER A 14 8.93 -4.02 10.75
CA SER A 14 7.71 -3.22 10.70
C SER A 14 6.54 -4.05 10.19
N PHE A 15 6.84 -5.04 9.36
CA PHE A 15 5.81 -5.93 8.82
C PHE A 15 5.35 -6.95 9.86
N GLN A 16 6.24 -7.30 10.77
CA GLN A 16 5.92 -8.26 11.81
C GLN A 16 4.84 -7.72 12.73
N LYS A 17 5.07 -6.53 13.29
CA LYS A 17 4.17 -5.95 14.27
C LYS A 17 2.79 -5.62 13.67
N LEU A 18 2.71 -5.62 12.35
CA LEU A 18 1.43 -5.44 11.67
C LEU A 18 0.75 -6.78 11.49
N SER A 19 1.44 -7.70 10.81
CA SER A 19 0.87 -9.01 10.49
C SER A 19 0.45 -9.78 11.74
N GLU A 20 1.36 -9.93 12.67
CA GLU A 20 1.09 -10.75 13.85
C GLU A 20 0.82 -9.89 15.07
N GLY A 21 0.59 -8.61 14.86
CA GLY A 21 0.36 -7.71 15.97
C GLY A 21 -0.92 -6.90 15.81
N ARG A 22 -0.79 -5.69 15.31
CA ARG A 22 -1.90 -4.75 15.22
C ARG A 22 -2.94 -5.17 14.16
N LYS A 23 -2.51 -6.00 13.22
CA LYS A 23 -3.37 -6.49 12.14
C LYS A 23 -3.69 -5.39 11.13
N GLU A 24 -4.73 -4.62 11.40
CA GLU A 24 -5.24 -3.64 10.45
C GLU A 24 -4.92 -2.22 10.91
N TYR A 25 -3.98 -2.09 11.83
CA TYR A 25 -3.74 -0.81 12.45
C TYR A 25 -2.26 -0.46 12.44
N ARG A 26 -1.99 0.81 12.13
CA ARG A 26 -0.63 1.35 12.03
C ARG A 26 0.12 0.71 10.87
N TYR A 27 0.46 1.53 9.89
CA TYR A 27 0.94 1.02 8.62
C TYR A 27 2.40 1.33 8.39
N ILE A 28 2.92 0.86 7.26
CA ILE A 28 4.33 0.97 6.96
C ILE A 28 4.56 1.80 5.69
N ILE A 29 5.40 2.82 5.82
CA ILE A 29 5.72 3.69 4.71
C ILE A 29 7.21 3.55 4.37
N PHE A 30 7.51 2.91 3.26
CA PHE A 30 8.90 2.64 2.91
C PHE A 30 9.18 2.96 1.44
N LYS A 31 10.26 3.70 1.23
CA LYS A 31 10.65 4.13 -0.11
C LYS A 31 12.02 3.56 -0.47
N ILE A 32 12.50 3.88 -1.65
CA ILE A 32 13.84 3.52 -2.06
C ILE A 32 14.78 4.70 -1.86
N ASP A 33 15.88 4.46 -1.16
CA ASP A 33 16.89 5.48 -0.99
C ASP A 33 18.23 4.93 -1.45
N GLU A 34 18.84 5.61 -2.41
CA GLU A 34 20.08 5.17 -3.04
C GLU A 34 19.89 3.85 -3.80
N ASN A 35 19.90 2.75 -3.07
CA ASN A 35 19.81 1.43 -3.69
C ASN A 35 19.18 0.39 -2.76
N LYS A 36 18.55 0.84 -1.68
CA LYS A 36 17.86 -0.10 -0.79
C LYS A 36 16.58 0.51 -0.23
N VAL A 37 15.69 -0.35 0.23
CA VAL A 37 14.40 0.07 0.77
C VAL A 37 14.57 0.63 2.18
N ILE A 38 14.01 1.80 2.44
CA ILE A 38 14.10 2.43 3.76
C ILE A 38 12.72 2.64 4.37
N VAL A 39 12.62 2.43 5.68
CA VAL A 39 11.39 2.71 6.39
C VAL A 39 11.35 4.17 6.80
N GLU A 40 10.49 4.95 6.16
CA GLU A 40 10.34 6.35 6.49
C GLU A 40 9.45 6.52 7.71
N ALA A 41 8.37 5.76 7.75
CA ALA A 41 7.40 5.90 8.82
C ALA A 41 6.65 4.60 9.08
N ALA A 42 6.41 4.32 10.35
CA ALA A 42 5.51 3.26 10.75
C ALA A 42 4.33 3.89 11.50
N VAL A 43 3.45 4.51 10.73
CA VAL A 43 2.44 5.38 11.28
C VAL A 43 1.03 4.90 10.93
N THR A 44 0.11 5.08 11.86
CA THR A 44 -1.29 4.81 11.60
C THR A 44 -2.02 6.12 11.34
N GLN A 45 -3.20 6.05 10.78
CA GLN A 45 -3.96 7.25 10.53
C GLN A 45 -4.74 7.63 11.78
N ASP A 46 -4.92 6.68 12.69
CA ASP A 46 -5.70 6.92 13.89
C ASP A 46 -4.90 7.72 14.92
N GLN A 47 -3.58 7.79 14.74
CA GLN A 47 -2.74 8.57 15.64
C GLN A 47 -2.57 10.00 15.13
N LEU A 48 -2.95 10.26 13.87
CA LEU A 48 -2.76 11.58 13.30
C LEU A 48 -4.06 12.39 13.33
N GLY A 49 -5.18 11.73 13.58
CA GLY A 49 -6.43 12.44 13.71
C GLY A 49 -7.63 11.64 13.26
N ILE A 50 -7.40 10.63 12.43
CA ILE A 50 -8.48 9.79 11.93
C ILE A 50 -8.75 8.67 12.93
N THR A 51 -9.73 7.81 12.65
CA THR A 51 -10.10 6.75 13.58
C THR A 51 -9.47 5.41 13.21
N GLY A 52 -9.30 5.13 11.91
CA GLY A 52 -8.55 3.95 11.52
C GLY A 52 -9.14 3.18 10.35
N ASP A 53 -10.17 2.39 10.62
CA ASP A 53 -10.70 1.45 9.64
C ASP A 53 -11.29 2.16 8.42
N ASP A 54 -10.82 1.76 7.23
CA ASP A 54 -11.22 2.39 5.98
C ASP A 54 -12.74 2.46 5.81
N TYR A 55 -13.38 1.30 5.70
CA TYR A 55 -14.82 1.29 5.49
C TYR A 55 -15.54 0.99 6.79
N ASP A 56 -14.99 0.08 7.57
CA ASP A 56 -15.60 -0.35 8.82
C ASP A 56 -15.89 0.84 9.73
N ASP A 57 -14.94 1.76 9.79
CA ASP A 57 -15.13 2.99 10.55
C ASP A 57 -15.58 4.13 9.62
N SER A 58 -15.20 4.01 8.34
CA SER A 58 -15.43 5.04 7.32
C SER A 58 -14.32 6.09 7.37
N SER A 59 -13.11 5.63 7.67
CA SER A 59 -11.93 6.50 7.67
C SER A 59 -11.39 6.70 6.25
N LYS A 60 -12.06 6.10 5.26
CA LYS A 60 -11.64 6.20 3.86
C LYS A 60 -11.58 7.66 3.41
N ALA A 61 -12.35 8.52 4.07
CA ALA A 61 -12.33 9.95 3.79
C ALA A 61 -10.90 10.50 3.87
N ALA A 62 -10.08 9.89 4.73
CA ALA A 62 -8.68 10.27 4.84
C ALA A 62 -7.95 9.97 3.54
N PHE A 63 -8.17 8.76 3.01
CA PHE A 63 -7.52 8.34 1.76
C PHE A 63 -8.01 9.19 0.59
N ASP A 64 -9.21 9.73 0.72
CA ASP A 64 -9.83 10.50 -0.35
C ASP A 64 -9.11 11.83 -0.54
N LYS A 65 -8.68 12.44 0.56
CA LYS A 65 -7.96 13.70 0.48
C LYS A 65 -6.46 13.47 0.29
N PHE A 66 -5.98 12.29 0.71
CA PHE A 66 -4.55 11.98 0.62
C PHE A 66 -4.06 11.99 -0.82
N VAL A 67 -4.92 11.57 -1.75
CA VAL A 67 -4.54 11.52 -3.16
C VAL A 67 -4.26 12.93 -3.70
N GLU A 68 -4.97 13.92 -3.16
CA GLU A 68 -4.76 15.31 -3.53
C GLU A 68 -3.42 15.79 -3.00
N ASP A 69 -3.13 15.40 -1.77
CA ASP A 69 -1.87 15.74 -1.13
C ASP A 69 -0.72 15.17 -1.95
N VAL A 70 -0.95 13.98 -2.49
CA VAL A 70 0.03 13.33 -3.36
C VAL A 70 0.38 14.21 -4.56
N LYS A 71 -0.62 14.78 -5.23
CA LYS A 71 -0.31 15.57 -6.42
C LYS A 71 0.16 16.97 -6.03
N SER A 72 -0.18 17.39 -4.82
CA SER A 72 0.21 18.70 -4.34
C SER A 72 1.69 18.72 -3.94
N ARG A 73 2.12 17.73 -3.17
CA ARG A 73 3.49 17.70 -2.67
C ARG A 73 4.47 17.22 -3.73
N THR A 74 4.03 16.35 -4.62
CA THR A 74 4.93 15.75 -5.59
C THR A 74 4.79 16.40 -6.97
N ASP A 75 4.15 17.58 -7.00
CA ASP A 75 4.10 18.41 -8.21
C ASP A 75 3.24 17.80 -9.32
N ASN A 76 3.80 16.84 -10.04
CA ASN A 76 3.09 16.25 -11.17
C ASN A 76 2.54 14.87 -10.79
N LEU A 77 3.38 13.86 -10.87
CA LEU A 77 3.04 12.50 -10.44
C LEU A 77 4.32 11.71 -10.24
N THR A 78 5.40 12.43 -10.00
CA THR A 78 6.74 11.87 -9.97
C THR A 78 7.02 11.15 -8.65
N ASP A 79 5.99 10.62 -8.01
CA ASP A 79 6.15 9.93 -6.75
C ASP A 79 6.20 8.43 -6.98
N CYS A 80 7.07 7.76 -6.27
CA CYS A 80 7.16 6.31 -6.33
C CYS A 80 7.57 5.81 -4.97
N ARG A 81 6.92 4.78 -4.48
CA ARG A 81 7.19 4.26 -3.16
C ARG A 81 6.59 2.87 -3.01
N TYR A 82 6.85 2.27 -1.87
CA TYR A 82 6.13 1.08 -1.49
C TYR A 82 5.27 1.39 -0.27
N ALA A 83 4.00 1.06 -0.37
CA ALA A 83 3.09 1.29 0.73
C ALA A 83 2.29 0.04 1.00
N VAL A 84 2.23 -0.37 2.24
CA VAL A 84 1.49 -1.55 2.61
C VAL A 84 0.49 -1.25 3.69
N PHE A 85 -0.77 -1.53 3.39
CA PHE A 85 -1.85 -1.28 4.32
C PHE A 85 -2.71 -2.52 4.45
N ASP A 86 -2.98 -2.92 5.68
CA ASP A 86 -4.04 -3.89 5.91
C ASP A 86 -5.31 -3.10 6.13
N PHE A 87 -6.10 -2.97 5.09
CA PHE A 87 -7.25 -2.09 5.14
C PHE A 87 -8.52 -2.89 5.34
N LYS A 88 -9.35 -2.40 6.24
CA LYS A 88 -10.59 -3.08 6.58
C LYS A 88 -11.75 -2.53 5.77
N PHE A 89 -12.23 -3.34 4.85
CA PHE A 89 -13.29 -2.97 3.95
C PHE A 89 -14.47 -3.91 4.11
N THR A 90 -15.45 -3.80 3.24
CA THR A 90 -16.58 -4.70 3.26
C THR A 90 -16.74 -5.40 1.92
N CYS A 91 -16.76 -6.71 1.95
CA CYS A 91 -16.89 -7.51 0.75
C CYS A 91 -18.35 -7.92 0.56
N SER A 92 -18.80 -7.88 -0.69
CA SER A 92 -20.15 -8.28 -1.01
C SER A 92 -20.25 -9.79 -1.14
N ARG A 93 -20.76 -10.43 -0.11
CA ARG A 93 -20.88 -11.88 -0.10
C ARG A 93 -21.98 -12.33 -1.06
N VAL A 94 -21.61 -13.14 -2.04
CA VAL A 94 -22.56 -13.69 -2.99
C VAL A 94 -23.58 -14.57 -2.27
N GLY A 95 -24.84 -14.15 -2.29
CA GLY A 95 -25.87 -14.86 -1.57
C GLY A 95 -26.29 -14.12 -0.32
N ALA A 96 -25.50 -13.12 0.05
CA ALA A 96 -25.75 -12.33 1.23
C ALA A 96 -25.48 -10.85 0.95
N GLY A 97 -25.28 -10.08 2.00
CA GLY A 97 -25.07 -8.65 1.84
C GLY A 97 -23.66 -8.23 2.19
N THR A 98 -23.55 -7.14 2.92
CA THR A 98 -22.26 -6.60 3.32
C THR A 98 -21.60 -7.50 4.38
N SER A 99 -20.31 -7.75 4.20
CA SER A 99 -19.53 -8.48 5.19
C SER A 99 -18.15 -7.85 5.35
N LYS A 100 -17.83 -7.43 6.57
CA LYS A 100 -16.58 -6.74 6.85
C LYS A 100 -15.39 -7.70 6.72
N MET A 101 -14.38 -7.26 5.97
CA MET A 101 -13.18 -8.06 5.75
C MET A 101 -11.93 -7.19 5.87
N ASP A 102 -10.92 -7.69 6.55
CA ASP A 102 -9.67 -6.97 6.72
C ASP A 102 -8.50 -7.75 6.13
N LYS A 103 -7.70 -7.11 5.29
CA LYS A 103 -6.53 -7.79 4.74
C LYS A 103 -5.53 -6.81 4.11
N ILE A 104 -4.32 -7.33 3.89
CA ILE A 104 -3.15 -6.53 3.55
C ILE A 104 -2.93 -6.48 2.04
N ILE A 105 -2.54 -5.31 1.55
CA ILE A 105 -2.24 -5.12 0.12
C ILE A 105 -0.89 -4.44 -0.07
N PHE A 106 -0.19 -4.84 -1.12
CA PHE A 106 1.05 -4.18 -1.53
C PHE A 106 0.74 -3.12 -2.58
N LEU A 107 0.94 -1.87 -2.21
CA LEU A 107 0.71 -0.77 -3.11
C LEU A 107 2.03 -0.38 -3.78
N GLN A 108 2.19 -0.80 -5.03
CA GLN A 108 3.34 -0.41 -5.83
C GLN A 108 2.92 0.68 -6.82
N ILE A 109 3.47 1.87 -6.66
CA ILE A 109 3.13 2.96 -7.55
C ILE A 109 4.26 3.20 -8.54
N CYS A 110 4.01 2.86 -9.78
CA CYS A 110 4.99 3.04 -10.85
C CYS A 110 4.42 3.89 -11.97
N PRO A 111 4.54 5.23 -11.83
CA PRO A 111 4.14 6.17 -12.88
C PRO A 111 5.00 5.98 -14.13
N ASP A 112 4.36 5.71 -15.26
CA ASP A 112 5.10 5.52 -16.49
C ASP A 112 5.87 6.79 -16.83
N GLY A 113 5.20 7.93 -16.68
CA GLY A 113 5.83 9.21 -16.94
C GLY A 113 6.57 9.75 -15.73
N ALA A 114 7.41 8.91 -15.14
CA ALA A 114 8.19 9.29 -13.97
C ALA A 114 9.68 9.06 -14.21
N SER A 115 10.48 9.44 -13.23
CA SER A 115 11.94 9.33 -13.33
C SER A 115 12.37 7.87 -13.46
N ILE A 116 12.69 7.46 -14.69
CA ILE A 116 12.93 6.04 -15.00
C ILE A 116 14.05 5.45 -14.17
N LYS A 117 15.16 6.18 -14.03
CA LYS A 117 16.33 5.68 -13.28
C LYS A 117 15.93 5.16 -11.91
N LYS A 118 15.43 6.05 -11.06
CA LYS A 118 15.09 5.69 -9.69
C LYS A 118 13.81 4.86 -9.63
N LYS A 119 12.97 5.01 -10.64
CA LYS A 119 11.71 4.29 -10.68
C LYS A 119 11.93 2.83 -11.00
N MET A 120 12.85 2.57 -11.92
CA MET A 120 13.14 1.20 -12.34
C MET A 120 13.79 0.42 -11.20
N VAL A 121 14.38 1.17 -10.27
CA VAL A 121 14.92 0.58 -9.04
C VAL A 121 13.79 -0.11 -8.25
N TYR A 122 12.61 0.49 -8.29
CA TYR A 122 11.44 -0.07 -7.62
C TYR A 122 11.00 -1.37 -8.27
N ALA A 123 11.32 -1.56 -9.53
CA ALA A 123 11.00 -2.79 -10.23
C ALA A 123 11.89 -3.92 -9.71
N SER A 124 13.13 -3.59 -9.41
CA SER A 124 14.05 -4.52 -8.78
C SER A 124 13.64 -4.78 -7.33
N SER A 125 13.01 -3.78 -6.73
CA SER A 125 12.59 -3.85 -5.33
C SER A 125 11.44 -4.84 -5.14
N ALA A 126 10.55 -4.90 -6.12
CA ALA A 126 9.41 -5.83 -6.09
C ALA A 126 9.86 -7.25 -5.79
N ALA A 127 10.96 -7.65 -6.41
CA ALA A 127 11.51 -8.99 -6.20
C ALA A 127 12.06 -9.13 -4.79
N ALA A 128 12.79 -8.12 -4.34
CA ALA A 128 13.46 -8.16 -3.05
C ALA A 128 12.46 -8.13 -1.90
N ILE A 129 11.55 -7.16 -1.92
CA ILE A 129 10.63 -6.96 -0.81
C ILE A 129 9.70 -8.16 -0.61
N LYS A 130 9.28 -8.78 -1.70
CA LYS A 130 8.36 -9.91 -1.61
C LYS A 130 9.11 -11.15 -1.12
N THR A 131 10.30 -11.37 -1.65
CA THR A 131 11.11 -12.51 -1.27
C THR A 131 11.52 -12.42 0.20
N SER A 132 11.77 -11.21 0.67
CA SER A 132 12.16 -10.99 2.05
C SER A 132 11.00 -11.28 3.00
N LEU A 133 9.77 -11.07 2.54
CA LEU A 133 8.60 -11.30 3.39
C LEU A 133 8.05 -12.71 3.22
N GLY A 134 8.25 -13.29 2.04
CA GLY A 134 7.77 -14.65 1.78
C GLY A 134 6.32 -14.86 2.16
N THR A 135 5.47 -13.90 1.85
CA THR A 135 4.07 -13.94 2.26
C THR A 135 3.32 -15.05 1.52
N GLY A 136 3.55 -15.15 0.23
CA GLY A 136 2.90 -16.18 -0.59
C GLY A 136 1.47 -15.84 -0.95
N LYS A 137 0.77 -15.11 -0.08
CA LYS A 137 -0.60 -14.71 -0.34
C LYS A 137 -0.74 -13.21 -0.14
N ILE A 138 -0.65 -12.47 -1.23
CA ILE A 138 -0.78 -11.02 -1.19
C ILE A 138 -1.38 -10.50 -2.49
N LEU A 139 -1.94 -9.30 -2.42
CA LEU A 139 -2.41 -8.61 -3.61
C LEU A 139 -1.49 -7.42 -3.88
N GLN A 140 -0.57 -7.59 -4.82
CA GLN A 140 0.38 -6.56 -5.14
C GLN A 140 -0.01 -5.92 -6.47
N PHE A 141 -0.63 -4.75 -6.39
CA PHE A 141 -1.12 -4.06 -7.57
C PHE A 141 -0.18 -2.95 -7.98
N GLN A 142 -0.17 -2.63 -9.26
CA GLN A 142 0.69 -1.58 -9.79
C GLN A 142 -0.15 -0.41 -10.28
N VAL A 143 -0.13 0.66 -9.51
CA VAL A 143 -0.87 1.86 -9.87
C VAL A 143 0.10 2.93 -10.36
N SER A 144 -0.43 3.96 -10.99
CA SER A 144 0.39 5.05 -11.48
C SER A 144 -0.24 6.41 -11.18
N ASP A 145 -1.56 6.43 -11.08
CA ASP A 145 -2.29 7.66 -10.79
C ASP A 145 -2.89 7.62 -9.39
N GLU A 146 -3.12 8.80 -8.82
CA GLU A 146 -3.68 8.93 -7.47
C GLU A 146 -5.05 8.27 -7.37
N SER A 147 -5.83 8.36 -8.45
CA SER A 147 -7.19 7.85 -8.45
C SER A 147 -7.19 6.32 -8.40
N GLU A 148 -6.10 5.73 -8.87
CA GLU A 148 -5.97 4.27 -8.89
C GLU A 148 -5.66 3.75 -7.49
N MET A 149 -5.06 4.60 -6.66
CA MET A 149 -4.68 4.20 -5.30
C MET A 149 -5.66 4.78 -4.28
N SER A 150 -6.84 5.16 -4.75
CA SER A 150 -7.86 5.73 -3.88
C SER A 150 -8.60 4.62 -3.13
N HIS A 151 -9.30 4.98 -2.06
CA HIS A 151 -9.93 4.01 -1.16
C HIS A 151 -10.96 3.13 -1.88
N LYS A 152 -11.73 3.72 -2.80
CA LYS A 152 -12.73 2.97 -3.55
C LYS A 152 -12.07 1.87 -4.38
N GLU A 153 -11.05 2.25 -5.14
CA GLU A 153 -10.32 1.30 -5.95
C GLU A 153 -9.64 0.24 -5.09
N LEU A 154 -9.05 0.64 -3.96
CA LEU A 154 -8.41 -0.34 -3.07
C LEU A 154 -9.40 -1.42 -2.66
N LEU A 155 -10.58 -1.00 -2.23
CA LEU A 155 -11.64 -1.93 -1.85
C LEU A 155 -12.02 -2.78 -3.06
N ASN A 156 -12.16 -2.12 -4.20
CA ASN A 156 -12.54 -2.78 -5.44
C ASN A 156 -11.54 -3.86 -5.84
N LYS A 157 -10.24 -3.55 -5.76
CA LYS A 157 -9.21 -4.51 -6.13
C LYS A 157 -9.23 -5.72 -5.20
N LEU A 158 -9.27 -5.46 -3.91
CA LEU A 158 -9.20 -6.54 -2.93
C LEU A 158 -10.52 -7.29 -2.88
N GLY A 159 -11.55 -6.74 -3.49
CA GLY A 159 -12.82 -7.42 -3.60
C GLY A 159 -12.91 -8.24 -4.87
N GLU A 160 -12.53 -7.65 -6.00
CA GLU A 160 -12.66 -8.31 -7.29
C GLU A 160 -11.75 -9.54 -7.37
N LYS A 161 -10.62 -9.49 -6.65
CA LYS A 161 -9.62 -10.55 -6.72
C LYS A 161 -10.22 -11.95 -6.57
N TYR A 162 -11.06 -12.15 -5.56
CA TYR A 162 -11.72 -13.44 -5.37
C TYR A 162 -13.23 -13.29 -5.37
N GLY A 163 -13.69 -12.06 -5.52
CA GLY A 163 -15.12 -11.81 -5.55
C GLY A 163 -15.60 -11.46 -6.94
N ASP A 164 -16.51 -10.52 -7.03
CA ASP A 164 -17.05 -10.09 -8.31
C ASP A 164 -16.05 -9.21 -9.05
N HIS A 165 -15.72 -9.60 -10.27
CA HIS A 165 -14.80 -8.85 -11.10
C HIS A 165 -15.31 -8.80 -12.53
N MET A 1 18.92 2.08 -12.26
CA MET A 1 18.48 0.79 -12.85
C MET A 1 18.54 -0.28 -11.76
N SER A 2 18.34 -1.54 -12.13
CA SER A 2 18.43 -2.63 -11.17
C SER A 2 19.88 -2.89 -10.80
N SER A 3 20.26 -2.47 -9.61
CA SER A 3 21.61 -2.69 -9.10
C SER A 3 21.62 -3.89 -8.17
N GLY A 4 20.46 -4.51 -8.00
CA GLY A 4 20.33 -5.54 -6.99
C GLY A 4 19.83 -4.95 -5.69
N VAL A 5 18.56 -4.55 -5.71
CA VAL A 5 17.97 -3.84 -4.59
C VAL A 5 17.97 -4.69 -3.33
N MET A 6 18.46 -4.11 -2.25
CA MET A 6 18.49 -4.80 -0.97
C MET A 6 17.32 -4.35 -0.11
N VAL A 7 16.95 -5.17 0.85
CA VAL A 7 15.83 -4.84 1.72
C VAL A 7 16.33 -4.55 3.13
N ASP A 8 16.18 -3.29 3.55
CA ASP A 8 16.53 -2.93 4.92
C ASP A 8 15.54 -3.54 5.89
N PRO A 9 16.02 -4.19 6.95
CA PRO A 9 15.19 -4.94 7.89
C PRO A 9 14.08 -4.11 8.53
N ASP A 10 14.28 -2.80 8.63
CA ASP A 10 13.32 -1.93 9.32
C ASP A 10 11.97 -1.90 8.61
N VAL A 11 11.96 -2.18 7.30
CA VAL A 11 10.69 -2.30 6.59
C VAL A 11 9.94 -3.54 7.06
N GLN A 12 10.68 -4.64 7.23
CA GLN A 12 10.11 -5.90 7.68
C GLN A 12 9.67 -5.80 9.13
N THR A 13 10.43 -5.07 9.92
CA THR A 13 10.08 -4.80 11.32
C THR A 13 8.74 -4.09 11.40
N SER A 14 8.53 -3.14 10.51
CA SER A 14 7.29 -2.40 10.44
C SER A 14 6.15 -3.30 9.96
N PHE A 15 6.45 -4.23 9.06
CA PHE A 15 5.46 -5.20 8.59
C PHE A 15 4.98 -6.10 9.71
N GLN A 16 5.81 -6.28 10.73
CA GLN A 16 5.47 -7.14 11.84
C GLN A 16 4.64 -6.40 12.88
N LYS A 17 5.02 -5.17 13.17
CA LYS A 17 4.44 -4.43 14.29
C LYS A 17 2.92 -4.25 14.16
N LEU A 18 2.40 -4.15 12.94
CA LEU A 18 0.96 -4.01 12.75
C LEU A 18 0.30 -5.38 12.63
N SER A 19 0.99 -6.31 11.98
CA SER A 19 0.44 -7.64 11.72
C SER A 19 0.27 -8.42 13.03
N GLU A 20 1.23 -8.30 13.94
CA GLU A 20 1.17 -9.04 15.20
C GLU A 20 0.50 -8.20 16.28
N GLY A 21 0.15 -6.97 15.95
CA GLY A 21 -0.56 -6.11 16.88
C GLY A 21 -2.05 -6.38 16.83
N ARG A 22 -2.81 -5.39 16.40
CA ARG A 22 -4.23 -5.59 16.17
C ARG A 22 -4.43 -5.99 14.71
N LYS A 23 -4.17 -5.03 13.82
CA LYS A 23 -4.17 -5.27 12.38
C LYS A 23 -3.87 -3.97 11.63
N GLU A 24 -4.83 -3.06 11.66
CA GLU A 24 -4.73 -1.80 10.90
C GLU A 24 -3.98 -0.73 11.68
N TYR A 25 -3.30 -1.11 12.75
CA TYR A 25 -2.66 -0.13 13.61
C TYR A 25 -1.24 0.17 13.14
N ARG A 26 -1.03 1.44 12.80
CA ARG A 26 0.23 1.95 12.23
C ARG A 26 0.64 1.20 10.97
N TYR A 27 0.68 1.93 9.86
CA TYR A 27 1.00 1.32 8.58
C TYR A 27 2.46 1.59 8.21
N ILE A 28 2.92 0.98 7.13
CA ILE A 28 4.31 1.09 6.72
C ILE A 28 4.44 1.78 5.36
N ILE A 29 5.16 2.89 5.35
CA ILE A 29 5.45 3.62 4.13
C ILE A 29 6.96 3.55 3.86
N PHE A 30 7.34 2.97 2.73
CA PHE A 30 8.75 2.78 2.43
C PHE A 30 9.09 3.19 1.00
N LYS A 31 10.32 3.61 0.80
CA LYS A 31 10.77 4.13 -0.49
C LYS A 31 12.17 3.63 -0.80
N ILE A 32 12.76 4.16 -1.88
CA ILE A 32 14.10 3.77 -2.27
C ILE A 32 15.08 4.91 -2.05
N ASP A 33 16.14 4.61 -1.32
CA ASP A 33 17.24 5.53 -1.15
C ASP A 33 18.54 4.76 -1.34
N GLU A 34 19.58 5.45 -1.81
CA GLU A 34 20.81 4.81 -2.24
C GLU A 34 20.53 3.79 -3.34
N ASN A 35 20.39 2.53 -2.96
CA ASN A 35 20.06 1.45 -3.89
C ASN A 35 19.27 0.35 -3.20
N LYS A 36 18.64 0.67 -2.07
CA LYS A 36 17.89 -0.33 -1.33
C LYS A 36 16.62 0.26 -0.73
N VAL A 37 15.72 -0.62 -0.29
CA VAL A 37 14.44 -0.19 0.28
C VAL A 37 14.63 0.35 1.69
N ILE A 38 14.14 1.57 1.94
CA ILE A 38 14.24 2.18 3.26
C ILE A 38 12.85 2.50 3.80
N VAL A 39 12.75 2.54 5.11
CA VAL A 39 11.50 2.92 5.75
C VAL A 39 11.38 4.44 5.85
N GLU A 40 10.27 4.96 5.36
CA GLU A 40 10.02 6.38 5.38
C GLU A 40 9.16 6.76 6.57
N ALA A 41 8.05 6.05 6.74
CA ALA A 41 7.10 6.35 7.80
C ALA A 41 6.44 5.09 8.32
N ALA A 42 6.10 5.11 9.59
CA ALA A 42 5.38 4.03 10.23
C ALA A 42 4.30 4.63 11.13
N VAL A 43 3.17 4.94 10.53
CA VAL A 43 2.14 5.71 11.20
C VAL A 43 0.75 5.24 10.79
N THR A 44 -0.20 5.31 11.70
CA THR A 44 -1.58 4.96 11.39
C THR A 44 -2.38 6.21 11.11
N GLN A 45 -3.46 6.05 10.37
CA GLN A 45 -4.32 7.17 10.06
C GLN A 45 -5.26 7.46 11.22
N ASP A 46 -5.48 6.46 12.07
CA ASP A 46 -6.41 6.60 13.19
C ASP A 46 -5.81 7.48 14.28
N GLN A 47 -4.49 7.69 14.24
CA GLN A 47 -3.84 8.53 15.24
C GLN A 47 -3.77 9.98 14.78
N LEU A 48 -3.91 10.22 13.48
CA LEU A 48 -3.79 11.58 12.94
C LEU A 48 -5.15 12.26 12.84
N GLY A 49 -6.22 11.50 12.99
CA GLY A 49 -7.54 12.09 13.03
C GLY A 49 -8.55 11.40 12.14
N ILE A 50 -8.31 10.14 11.81
CA ILE A 50 -9.25 9.38 11.01
C ILE A 50 -10.02 8.40 11.91
N THR A 51 -11.21 8.01 11.48
CA THR A 51 -12.12 7.20 12.28
C THR A 51 -11.46 5.93 12.83
N GLY A 52 -10.99 5.06 11.93
CA GLY A 52 -10.33 3.83 12.38
C GLY A 52 -10.35 2.74 11.32
N ASP A 53 -11.40 1.93 11.33
CA ASP A 53 -11.51 0.79 10.42
C ASP A 53 -11.66 1.26 8.97
N ASP A 54 -11.07 0.52 8.04
CA ASP A 54 -11.07 0.90 6.62
C ASP A 54 -12.49 1.09 6.07
N TYR A 55 -13.27 0.03 6.04
CA TYR A 55 -14.61 0.12 5.48
C TYR A 55 -15.66 0.24 6.56
N ASP A 56 -15.46 -0.46 7.67
CA ASP A 56 -16.46 -0.51 8.73
C ASP A 56 -16.52 0.84 9.46
N ASP A 57 -15.49 1.65 9.25
CA ASP A 57 -15.47 3.03 9.72
C ASP A 57 -15.33 4.00 8.56
N SER A 58 -15.20 3.46 7.34
CA SER A 58 -15.08 4.26 6.13
C SER A 58 -13.84 5.17 6.14
N SER A 59 -12.78 4.70 6.79
CA SER A 59 -11.57 5.50 6.99
C SER A 59 -10.75 5.63 5.70
N LYS A 60 -11.03 4.79 4.70
CA LYS A 60 -10.36 4.91 3.41
C LYS A 60 -10.57 6.31 2.83
N ALA A 61 -11.63 6.98 3.29
CA ALA A 61 -11.91 8.37 2.91
C ALA A 61 -10.67 9.25 3.09
N ALA A 62 -9.80 8.86 4.02
CA ALA A 62 -8.55 9.58 4.25
C ALA A 62 -7.66 9.54 3.01
N PHE A 63 -7.82 8.49 2.21
CA PHE A 63 -7.03 8.33 1.00
C PHE A 63 -7.45 9.31 -0.08
N ASP A 64 -8.65 9.85 0.05
CA ASP A 64 -9.14 10.85 -0.88
C ASP A 64 -8.21 12.06 -0.92
N LYS A 65 -7.57 12.37 0.20
CA LYS A 65 -6.59 13.45 0.23
C LYS A 65 -5.21 12.92 -0.17
N PHE A 66 -5.01 11.61 -0.03
CA PHE A 66 -3.72 11.02 -0.32
C PHE A 66 -3.44 10.99 -1.81
N VAL A 67 -4.48 10.88 -2.63
CA VAL A 67 -4.30 10.94 -4.07
C VAL A 67 -3.76 12.31 -4.49
N GLU A 68 -4.13 13.33 -3.72
CA GLU A 68 -3.63 14.67 -3.96
C GLU A 68 -2.25 14.79 -3.35
N ASP A 69 -2.10 14.23 -2.15
CA ASP A 69 -0.82 14.13 -1.47
C ASP A 69 0.23 13.56 -2.42
N VAL A 70 -0.20 12.62 -3.26
CA VAL A 70 0.65 12.04 -4.27
C VAL A 70 1.08 13.08 -5.31
N LYS A 71 0.13 13.73 -5.98
CA LYS A 71 0.49 14.57 -7.12
C LYS A 71 0.91 15.98 -6.70
N SER A 72 0.51 16.41 -5.52
CA SER A 72 0.81 17.75 -5.05
C SER A 72 2.30 17.91 -4.74
N ARG A 73 2.81 17.13 -3.78
CA ARG A 73 4.16 17.33 -3.29
C ARG A 73 5.20 16.70 -4.23
N THR A 74 4.75 16.03 -5.28
CA THR A 74 5.66 15.50 -6.29
C THR A 74 5.65 16.41 -7.52
N ASP A 75 4.74 17.39 -7.49
CA ASP A 75 4.51 18.31 -8.61
C ASP A 75 3.89 17.61 -9.81
N ASN A 76 4.59 16.62 -10.36
CA ASN A 76 4.10 15.88 -11.52
C ASN A 76 4.51 14.42 -11.44
N LEU A 77 4.20 13.78 -10.30
CA LEU A 77 4.38 12.33 -10.14
C LEU A 77 5.83 11.90 -10.34
N THR A 78 6.77 12.75 -9.95
CA THR A 78 8.18 12.43 -10.10
C THR A 78 8.62 11.41 -9.05
N ASP A 79 8.14 11.58 -7.83
CA ASP A 79 8.50 10.69 -6.73
C ASP A 79 7.45 9.59 -6.58
N CYS A 80 7.91 8.39 -6.28
CA CYS A 80 7.01 7.26 -6.07
C CYS A 80 7.42 6.51 -4.81
N ARG A 81 6.52 5.71 -4.27
CA ARG A 81 6.78 5.01 -3.03
C ARG A 81 6.07 3.67 -2.99
N TYR A 82 6.46 2.84 -2.03
CA TYR A 82 5.83 1.56 -1.80
C TYR A 82 5.07 1.63 -0.47
N ALA A 83 3.80 1.27 -0.51
CA ALA A 83 2.96 1.43 0.67
C ALA A 83 2.21 0.15 0.98
N VAL A 84 2.09 -0.16 2.27
CA VAL A 84 1.40 -1.36 2.69
C VAL A 84 0.38 -1.06 3.77
N PHE A 85 -0.84 -1.53 3.54
CA PHE A 85 -1.94 -1.32 4.47
C PHE A 85 -2.77 -2.60 4.58
N ASP A 86 -3.05 -3.04 5.80
CA ASP A 86 -4.01 -4.11 6.01
C ASP A 86 -5.40 -3.51 6.09
N PHE A 87 -6.14 -3.60 5.00
CA PHE A 87 -7.48 -3.02 4.93
C PHE A 87 -8.55 -4.04 5.29
N LYS A 88 -9.50 -3.61 6.13
CA LYS A 88 -10.64 -4.44 6.45
C LYS A 88 -11.89 -3.88 5.78
N PHE A 89 -12.58 -4.74 5.07
CA PHE A 89 -13.75 -4.33 4.32
C PHE A 89 -14.78 -5.45 4.36
N THR A 90 -15.93 -5.23 3.75
CA THR A 90 -16.94 -6.28 3.68
C THR A 90 -17.24 -6.62 2.23
N CYS A 91 -17.04 -7.88 1.88
CA CYS A 91 -17.35 -8.36 0.55
C CYS A 91 -18.66 -9.12 0.57
N SER A 92 -19.55 -8.79 -0.36
CA SER A 92 -20.82 -9.47 -0.45
C SER A 92 -20.61 -10.94 -0.79
N ARG A 93 -21.01 -11.81 0.13
CA ARG A 93 -20.90 -13.24 -0.08
C ARG A 93 -22.02 -13.69 -1.00
N VAL A 94 -21.65 -14.33 -2.11
CA VAL A 94 -22.63 -14.76 -3.09
C VAL A 94 -23.62 -15.74 -2.46
N GLY A 95 -24.87 -15.30 -2.35
CA GLY A 95 -25.89 -16.14 -1.77
C GLY A 95 -26.06 -15.91 -0.27
N ALA A 96 -25.33 -14.94 0.27
CA ALA A 96 -25.38 -14.65 1.70
C ALA A 96 -25.18 -13.16 1.95
N GLY A 97 -24.82 -12.81 3.18
CA GLY A 97 -24.61 -11.43 3.54
C GLY A 97 -23.19 -10.97 3.31
N THR A 98 -22.80 -9.89 3.96
CA THR A 98 -21.46 -9.34 3.81
C THR A 98 -20.44 -10.09 4.68
N SER A 99 -19.29 -10.37 4.09
CA SER A 99 -18.19 -10.98 4.82
C SER A 99 -17.10 -9.95 5.09
N LYS A 100 -16.87 -9.66 6.36
CA LYS A 100 -15.87 -8.67 6.75
C LYS A 100 -14.49 -9.32 6.77
N MET A 101 -13.60 -8.85 5.91
CA MET A 101 -12.27 -9.43 5.76
C MET A 101 -11.20 -8.34 5.79
N ASP A 102 -10.13 -8.60 6.53
CA ASP A 102 -8.96 -7.74 6.53
C ASP A 102 -7.82 -8.42 5.79
N LYS A 103 -7.05 -7.64 5.03
CA LYS A 103 -5.90 -8.19 4.34
C LYS A 103 -4.96 -7.09 3.84
N ILE A 104 -3.68 -7.43 3.80
CA ILE A 104 -2.62 -6.51 3.42
C ILE A 104 -2.60 -6.29 1.91
N ILE A 105 -2.53 -5.03 1.51
CA ILE A 105 -2.40 -4.66 0.10
C ILE A 105 -1.04 -4.02 -0.16
N PHE A 106 -0.42 -4.41 -1.27
CA PHE A 106 0.80 -3.78 -1.72
C PHE A 106 0.49 -2.67 -2.69
N LEU A 107 0.61 -1.44 -2.21
CA LEU A 107 0.36 -0.28 -3.04
C LEU A 107 1.66 0.17 -3.69
N GLN A 108 1.82 -0.17 -4.96
CA GLN A 108 3.00 0.26 -5.71
C GLN A 108 2.65 1.41 -6.64
N ILE A 109 3.21 2.57 -6.37
CA ILE A 109 3.04 3.73 -7.24
C ILE A 109 4.07 3.66 -8.36
N CYS A 110 3.60 3.54 -9.59
CA CYS A 110 4.48 3.43 -10.74
C CYS A 110 4.04 4.39 -11.84
N PRO A 111 4.43 5.67 -11.74
CA PRO A 111 4.13 6.67 -12.75
C PRO A 111 4.79 6.32 -14.08
N ASP A 112 4.01 6.35 -15.15
CA ASP A 112 4.49 5.91 -16.45
C ASP A 112 5.61 6.83 -16.97
N GLY A 113 5.42 8.13 -16.79
CA GLY A 113 6.39 9.10 -17.25
C GLY A 113 7.37 9.53 -16.17
N ALA A 114 7.52 8.68 -15.15
CA ALA A 114 8.44 8.98 -14.06
C ALA A 114 9.87 8.63 -14.45
N SER A 115 10.81 8.94 -13.56
CA SER A 115 12.22 8.67 -13.78
C SER A 115 12.47 7.17 -13.92
N ILE A 116 12.48 6.69 -15.17
CA ILE A 116 12.59 5.26 -15.47
C ILE A 116 13.74 4.59 -14.72
N LYS A 117 14.90 5.23 -14.68
CA LYS A 117 16.08 4.64 -14.08
C LYS A 117 15.89 4.33 -12.60
N LYS A 118 15.44 5.31 -11.83
CA LYS A 118 15.29 5.10 -10.39
C LYS A 118 13.93 4.48 -10.06
N LYS A 119 12.97 4.62 -10.98
CA LYS A 119 11.68 4.00 -10.80
C LYS A 119 11.77 2.50 -11.06
N MET A 120 12.69 2.13 -11.96
CA MET A 120 12.93 0.72 -12.26
C MET A 120 13.49 0.03 -11.02
N VAL A 121 14.19 0.81 -10.20
CA VAL A 121 14.67 0.32 -8.92
C VAL A 121 13.49 -0.17 -8.07
N TYR A 122 12.40 0.58 -8.09
CA TYR A 122 11.20 0.21 -7.36
C TYR A 122 10.60 -1.08 -7.93
N ALA A 123 10.73 -1.27 -9.23
CA ALA A 123 10.27 -2.50 -9.86
C ALA A 123 11.12 -3.68 -9.38
N SER A 124 12.39 -3.40 -9.14
CA SER A 124 13.30 -4.38 -8.58
C SER A 124 12.96 -4.63 -7.11
N SER A 125 12.50 -3.58 -6.43
CA SER A 125 12.11 -3.67 -5.03
C SER A 125 10.85 -4.51 -4.86
N ALA A 126 9.94 -4.43 -5.81
CA ALA A 126 8.72 -5.21 -5.78
C ALA A 126 9.01 -6.70 -5.64
N ALA A 127 10.03 -7.16 -6.37
CA ALA A 127 10.43 -8.56 -6.31
C ALA A 127 11.12 -8.88 -4.98
N ALA A 128 11.82 -7.90 -4.44
CA ALA A 128 12.57 -8.10 -3.21
C ALA A 128 11.67 -8.08 -1.98
N ILE A 129 10.75 -7.10 -1.94
CA ILE A 129 9.89 -6.89 -0.78
C ILE A 129 9.03 -8.13 -0.50
N LYS A 130 8.59 -8.81 -1.55
CA LYS A 130 7.79 -10.01 -1.41
C LYS A 130 8.65 -11.21 -1.04
N THR A 131 9.92 -11.17 -1.43
CA THR A 131 10.83 -12.26 -1.16
C THR A 131 11.28 -12.23 0.30
N SER A 132 11.57 -11.04 0.80
CA SER A 132 12.02 -10.86 2.17
C SER A 132 10.93 -11.28 3.16
N LEU A 133 9.69 -10.91 2.87
CA LEU A 133 8.58 -11.23 3.76
C LEU A 133 8.05 -12.64 3.50
N GLY A 134 8.22 -13.11 2.28
CA GLY A 134 7.68 -14.39 1.90
C GLY A 134 6.18 -14.31 1.66
N THR A 135 5.42 -14.39 2.76
CA THR A 135 3.96 -14.33 2.73
C THR A 135 3.33 -15.52 1.98
N GLY A 136 3.56 -15.59 0.67
CA GLY A 136 3.03 -16.67 -0.14
C GLY A 136 1.88 -16.23 -1.03
N LYS A 137 1.11 -15.24 -0.56
CA LYS A 137 0.00 -14.71 -1.33
C LYS A 137 -0.40 -13.33 -0.83
N ILE A 138 -0.40 -12.37 -1.74
CA ILE A 138 -0.75 -10.99 -1.41
C ILE A 138 -1.51 -10.34 -2.55
N LEU A 139 -1.93 -9.10 -2.34
CA LEU A 139 -2.59 -8.31 -3.38
C LEU A 139 -1.74 -7.10 -3.72
N GLN A 140 -1.05 -7.18 -4.84
CA GLN A 140 -0.21 -6.08 -5.31
C GLN A 140 -0.87 -5.37 -6.47
N PHE A 141 -1.07 -4.07 -6.33
CA PHE A 141 -1.62 -3.28 -7.42
C PHE A 141 -0.68 -2.12 -7.72
N GLN A 142 -0.57 -1.79 -8.99
CA GLN A 142 0.29 -0.71 -9.42
C GLN A 142 -0.53 0.43 -10.03
N VAL A 143 -0.39 1.60 -9.46
CA VAL A 143 -1.10 2.77 -9.96
C VAL A 143 -0.14 3.70 -10.70
N SER A 144 -0.53 4.11 -11.90
CA SER A 144 0.29 4.98 -12.72
C SER A 144 -0.05 6.43 -12.46
N ASP A 145 -1.22 6.65 -11.87
CA ASP A 145 -1.73 7.98 -11.64
C ASP A 145 -2.61 7.99 -10.40
N GLU A 146 -2.94 9.18 -9.94
CA GLU A 146 -3.69 9.36 -8.71
C GLU A 146 -5.19 9.18 -8.92
N SER A 147 -5.64 9.33 -10.15
CA SER A 147 -7.05 9.17 -10.46
C SER A 147 -7.48 7.72 -10.29
N GLU A 148 -6.63 6.79 -10.71
CA GLU A 148 -6.94 5.37 -10.58
C GLU A 148 -6.88 4.92 -9.13
N MET A 149 -5.96 5.47 -8.35
CA MET A 149 -5.79 5.06 -6.96
C MET A 149 -6.80 5.75 -6.04
N SER A 150 -7.97 6.08 -6.59
CA SER A 150 -9.07 6.63 -5.80
C SER A 150 -9.41 5.70 -4.63
N HIS A 151 -9.92 6.29 -3.55
CA HIS A 151 -10.15 5.55 -2.31
C HIS A 151 -11.09 4.35 -2.52
N LYS A 152 -11.93 4.40 -3.54
CA LYS A 152 -12.87 3.33 -3.83
C LYS A 152 -12.17 2.10 -4.43
N GLU A 153 -11.12 2.32 -5.21
CA GLU A 153 -10.47 1.25 -5.96
C GLU A 153 -9.84 0.24 -5.00
N LEU A 154 -9.35 0.71 -3.86
CA LEU A 154 -8.69 -0.15 -2.89
C LEU A 154 -9.66 -1.22 -2.39
N LEU A 155 -10.92 -0.83 -2.22
CA LEU A 155 -11.95 -1.75 -1.79
C LEU A 155 -12.19 -2.80 -2.88
N ASN A 156 -12.42 -2.32 -4.10
CA ASN A 156 -12.73 -3.18 -5.23
C ASN A 156 -11.55 -4.09 -5.54
N LYS A 157 -10.35 -3.56 -5.42
CA LYS A 157 -9.13 -4.30 -5.74
C LYS A 157 -8.89 -5.40 -4.72
N LEU A 158 -9.12 -5.09 -3.45
CA LEU A 158 -8.92 -6.06 -2.39
C LEU A 158 -10.09 -7.05 -2.36
N GLY A 159 -11.14 -6.74 -3.11
CA GLY A 159 -12.30 -7.60 -3.14
C GLY A 159 -12.32 -8.54 -4.34
N GLU A 160 -11.95 -8.01 -5.51
CA GLU A 160 -12.12 -8.74 -6.79
C GLU A 160 -11.36 -10.07 -6.83
N LYS A 161 -10.34 -10.23 -5.98
CA LYS A 161 -9.48 -11.41 -6.06
C LYS A 161 -10.27 -12.69 -5.73
N TYR A 162 -11.16 -12.62 -4.74
CA TYR A 162 -12.00 -13.75 -4.38
C TYR A 162 -13.48 -13.39 -4.42
N GLY A 163 -13.78 -12.23 -4.98
CA GLY A 163 -15.15 -11.78 -5.07
C GLY A 163 -15.63 -11.70 -6.50
N ASP A 164 -16.64 -10.87 -6.75
CA ASP A 164 -17.16 -10.72 -8.10
C ASP A 164 -16.38 -9.67 -8.85
N HIS A 165 -15.99 -10.00 -10.06
CA HIS A 165 -15.22 -9.09 -10.89
C HIS A 165 -15.82 -9.04 -12.29
N MET A 1 16.54 -0.99 -11.05
CA MET A 1 17.55 -1.29 -12.09
C MET A 1 18.39 -2.48 -11.64
N SER A 2 19.14 -3.05 -12.57
CA SER A 2 19.99 -4.20 -12.27
C SER A 2 21.24 -3.75 -11.50
N SER A 3 21.02 -3.29 -10.28
CA SER A 3 22.11 -2.85 -9.42
C SER A 3 22.03 -3.57 -8.08
N GLY A 4 20.86 -4.13 -7.78
CA GLY A 4 20.67 -4.80 -6.52
C GLY A 4 20.14 -3.86 -5.46
N VAL A 5 18.85 -3.96 -5.19
CA VAL A 5 18.22 -3.13 -4.17
C VAL A 5 18.29 -3.85 -2.83
N MET A 6 18.76 -3.15 -1.82
CA MET A 6 18.89 -3.73 -0.50
C MET A 6 17.72 -3.31 0.38
N VAL A 7 17.59 -3.93 1.53
CA VAL A 7 16.47 -3.63 2.42
C VAL A 7 16.92 -3.53 3.86
N ASP A 8 16.71 -2.36 4.45
CA ASP A 8 16.94 -2.17 5.89
C ASP A 8 16.11 -3.16 6.70
N PRO A 9 16.71 -3.79 7.71
CA PRO A 9 16.00 -4.73 8.58
C PRO A 9 14.81 -4.08 9.26
N ASP A 10 14.90 -2.76 9.43
CA ASP A 10 13.84 -1.95 10.02
C ASP A 10 12.54 -2.11 9.26
N VAL A 11 12.64 -2.29 7.94
CA VAL A 11 11.48 -2.48 7.09
C VAL A 11 10.71 -3.72 7.52
N GLN A 12 11.44 -4.82 7.73
CA GLN A 12 10.84 -6.07 8.17
C GLN A 12 10.24 -5.92 9.58
N THR A 13 10.94 -5.22 10.45
CA THR A 13 10.47 -4.97 11.80
C THR A 13 9.14 -4.20 11.75
N SER A 14 9.05 -3.26 10.82
CA SER A 14 7.87 -2.44 10.67
C SER A 14 6.74 -3.22 9.99
N PHE A 15 7.09 -4.31 9.32
CA PHE A 15 6.09 -5.16 8.68
C PHE A 15 5.47 -6.12 9.68
N GLN A 16 6.28 -6.70 10.53
CA GLN A 16 5.80 -7.72 11.45
C GLN A 16 4.93 -7.13 12.55
N LYS A 17 4.96 -5.81 12.71
CA LYS A 17 4.15 -5.16 13.72
C LYS A 17 2.67 -5.18 13.35
N LEU A 18 2.37 -5.41 12.08
CA LEU A 18 0.98 -5.50 11.65
C LEU A 18 0.71 -6.83 10.95
N SER A 19 1.70 -7.34 10.22
CA SER A 19 1.55 -8.62 9.53
C SER A 19 1.23 -9.73 10.52
N GLU A 20 2.07 -9.86 11.54
CA GLU A 20 1.84 -10.81 12.61
C GLU A 20 1.50 -10.06 13.89
N GLY A 21 0.94 -8.86 13.73
CA GLY A 21 0.68 -8.00 14.86
C GLY A 21 -0.76 -7.54 14.93
N ARG A 22 -0.96 -6.22 14.97
CA ARG A 22 -2.30 -5.66 15.14
C ARG A 22 -2.91 -5.21 13.80
N LYS A 23 -2.30 -5.67 12.71
CA LYS A 23 -2.83 -5.47 11.35
C LYS A 23 -3.14 -4.01 11.02
N GLU A 24 -4.40 -3.61 11.18
CA GLU A 24 -4.86 -2.30 10.72
C GLU A 24 -4.30 -1.16 11.56
N TYR A 25 -3.62 -1.49 12.64
CA TYR A 25 -3.07 -0.46 13.50
C TYR A 25 -1.65 -0.12 13.10
N ARG A 26 -1.46 1.16 12.79
CA ARG A 26 -0.22 1.70 12.23
C ARG A 26 0.21 0.97 10.96
N TYR A 27 0.24 1.70 9.85
CA TYR A 27 0.64 1.12 8.57
C TYR A 27 2.10 1.47 8.30
N ILE A 28 2.64 1.00 7.20
CA ILE A 28 4.06 1.16 6.93
C ILE A 28 4.32 1.95 5.64
N ILE A 29 5.08 3.02 5.78
CA ILE A 29 5.49 3.85 4.65
C ILE A 29 7.00 3.78 4.48
N PHE A 30 7.46 3.26 3.35
CA PHE A 30 8.88 3.10 3.12
C PHE A 30 9.28 3.59 1.73
N LYS A 31 10.53 4.00 1.58
CA LYS A 31 10.98 4.64 0.36
C LYS A 31 12.39 4.21 0.01
N ILE A 32 12.72 4.27 -1.28
CA ILE A 32 14.08 4.00 -1.73
C ILE A 32 14.95 5.22 -1.48
N ASP A 33 16.08 5.00 -0.82
CA ASP A 33 17.02 6.07 -0.59
C ASP A 33 18.41 5.61 -0.95
N GLU A 34 19.00 6.27 -1.95
CA GLU A 34 20.33 5.92 -2.47
C GLU A 34 20.28 4.62 -3.27
N ASN A 35 19.95 3.53 -2.59
CA ASN A 35 19.92 2.21 -3.21
C ASN A 35 18.92 1.31 -2.49
N LYS A 36 18.99 1.30 -1.17
CA LYS A 36 18.15 0.41 -0.39
C LYS A 36 16.87 1.12 0.04
N VAL A 37 15.90 0.35 0.48
CA VAL A 37 14.64 0.89 0.95
C VAL A 37 14.70 1.16 2.45
N ILE A 38 14.22 2.33 2.86
CA ILE A 38 14.26 2.73 4.26
C ILE A 38 12.85 2.96 4.78
N VAL A 39 12.68 2.80 6.08
CA VAL A 39 11.40 3.07 6.71
C VAL A 39 11.27 4.57 7.01
N GLU A 40 10.22 5.19 6.48
CA GLU A 40 9.99 6.60 6.73
C GLU A 40 9.02 6.78 7.88
N ALA A 41 7.88 6.09 7.81
CA ALA A 41 6.85 6.25 8.80
C ALA A 41 6.11 4.94 9.06
N ALA A 42 5.76 4.70 10.31
CA ALA A 42 4.90 3.61 10.68
C ALA A 42 3.65 4.15 11.35
N VAL A 43 2.77 4.72 10.54
CA VAL A 43 1.61 5.45 11.04
C VAL A 43 0.32 4.92 10.42
N THR A 44 -0.76 5.01 11.17
CA THR A 44 -2.07 4.61 10.67
C THR A 44 -2.96 5.83 10.48
N GLN A 45 -4.03 5.66 9.73
CA GLN A 45 -4.99 6.73 9.51
C GLN A 45 -5.69 7.09 10.82
N ASP A 46 -5.70 6.12 11.73
CA ASP A 46 -6.23 6.33 13.08
C ASP A 46 -5.50 7.47 13.78
N GLN A 47 -4.19 7.32 13.95
CA GLN A 47 -3.37 8.35 14.60
C GLN A 47 -3.25 9.57 13.69
N LEU A 48 -3.46 9.36 12.40
CA LEU A 48 -3.41 10.40 11.40
C LEU A 48 -4.45 11.49 11.70
N GLY A 49 -5.55 11.09 12.31
CA GLY A 49 -6.57 12.06 12.68
C GLY A 49 -7.96 11.53 12.46
N ILE A 50 -8.08 10.41 11.77
CA ILE A 50 -9.38 9.83 11.49
C ILE A 50 -9.80 8.94 12.67
N THR A 51 -10.97 8.33 12.61
CA THR A 51 -11.53 7.68 13.78
C THR A 51 -11.06 6.22 13.94
N GLY A 52 -10.82 5.50 12.85
CA GLY A 52 -10.35 4.14 12.99
C GLY A 52 -10.27 3.35 11.70
N ASP A 53 -11.23 2.44 11.51
CA ASP A 53 -11.18 1.46 10.43
C ASP A 53 -11.48 2.09 9.07
N ASP A 54 -10.74 1.64 8.06
CA ASP A 54 -10.88 2.15 6.68
C ASP A 54 -12.33 2.11 6.20
N TYR A 55 -12.89 0.92 6.05
CA TYR A 55 -14.24 0.82 5.53
C TYR A 55 -15.26 0.66 6.65
N ASP A 56 -14.91 -0.19 7.62
CA ASP A 56 -15.79 -0.46 8.77
C ASP A 56 -16.21 0.84 9.46
N ASP A 57 -15.26 1.76 9.63
CA ASP A 57 -15.56 3.01 10.31
C ASP A 57 -15.41 4.18 9.33
N SER A 58 -15.36 3.85 8.04
CA SER A 58 -15.36 4.86 6.98
C SER A 58 -14.15 5.81 7.06
N SER A 59 -13.07 5.37 7.68
CA SER A 59 -11.89 6.20 7.81
C SER A 59 -11.05 6.18 6.53
N LYS A 60 -11.52 5.45 5.52
CA LYS A 60 -10.88 5.38 4.21
C LYS A 60 -10.79 6.76 3.58
N ALA A 61 -11.66 7.66 4.03
CA ALA A 61 -11.63 9.07 3.61
C ALA A 61 -10.23 9.67 3.73
N ALA A 62 -9.40 9.08 4.60
CA ALA A 62 -8.00 9.48 4.71
C ALA A 62 -7.28 9.36 3.39
N PHE A 63 -7.63 8.34 2.60
CA PHE A 63 -7.03 8.14 1.29
C PHE A 63 -7.60 9.11 0.28
N ASP A 64 -8.80 9.61 0.55
CA ASP A 64 -9.49 10.53 -0.35
C ASP A 64 -8.76 11.87 -0.40
N LYS A 65 -8.17 12.25 0.73
CA LYS A 65 -7.39 13.48 0.79
C LYS A 65 -5.93 13.22 0.38
N PHE A 66 -5.50 11.97 0.52
CA PHE A 66 -4.13 11.59 0.16
C PHE A 66 -3.85 11.80 -1.32
N VAL A 67 -4.80 11.38 -2.16
CA VAL A 67 -4.62 11.44 -3.60
C VAL A 67 -4.33 12.87 -4.08
N GLU A 68 -4.86 13.84 -3.36
CA GLU A 68 -4.65 15.24 -3.71
C GLU A 68 -3.34 15.75 -3.13
N ASP A 69 -3.02 15.32 -1.91
CA ASP A 69 -1.80 15.75 -1.26
C ASP A 69 -0.60 15.22 -2.04
N VAL A 70 -0.78 14.02 -2.60
CA VAL A 70 0.24 13.43 -3.48
C VAL A 70 0.51 14.36 -4.65
N LYS A 71 -0.54 14.95 -5.21
CA LYS A 71 -0.38 15.89 -6.32
C LYS A 71 0.43 17.09 -5.87
N SER A 72 0.00 17.66 -4.76
CA SER A 72 0.65 18.82 -4.16
C SER A 72 2.15 18.56 -3.92
N ARG A 73 2.50 17.34 -3.52
CA ARG A 73 3.88 17.01 -3.18
C ARG A 73 4.70 16.62 -4.41
N THR A 74 4.14 15.77 -5.26
CA THR A 74 4.90 15.22 -6.38
C THR A 74 4.90 16.16 -7.59
N ASP A 75 4.02 17.16 -7.54
CA ASP A 75 3.87 18.14 -8.63
C ASP A 75 3.27 17.48 -9.87
N ASN A 76 4.08 16.67 -10.55
CA ASN A 76 3.62 15.97 -11.74
C ASN A 76 4.06 14.52 -11.70
N LEU A 77 3.65 13.84 -10.62
CA LEU A 77 3.92 12.40 -10.40
C LEU A 77 5.34 11.99 -10.79
N THR A 78 6.31 12.83 -10.43
CA THR A 78 7.71 12.54 -10.71
C THR A 78 8.35 11.83 -9.50
N ASP A 79 7.52 11.40 -8.57
CA ASP A 79 8.01 10.72 -7.38
C ASP A 79 7.30 9.38 -7.23
N CYS A 80 8.05 8.39 -6.78
CA CYS A 80 7.53 7.04 -6.61
C CYS A 80 7.97 6.48 -5.27
N ARG A 81 7.15 5.61 -4.69
CA ARG A 81 7.43 5.06 -3.37
C ARG A 81 6.62 3.79 -3.12
N TYR A 82 6.97 3.07 -2.06
CA TYR A 82 6.34 1.80 -1.75
C TYR A 82 5.60 1.90 -0.42
N ALA A 83 4.34 1.48 -0.41
CA ALA A 83 3.54 1.55 0.81
C ALA A 83 2.73 0.28 0.98
N VAL A 84 2.51 -0.12 2.22
CA VAL A 84 1.75 -1.33 2.50
C VAL A 84 0.72 -1.08 3.59
N PHE A 85 -0.51 -1.49 3.31
CA PHE A 85 -1.61 -1.32 4.25
C PHE A 85 -2.39 -2.61 4.35
N ASP A 86 -2.90 -2.94 5.53
CA ASP A 86 -3.84 -4.05 5.64
C ASP A 86 -5.23 -3.48 5.45
N PHE A 87 -5.75 -3.60 4.23
CA PHE A 87 -6.98 -2.98 3.89
C PHE A 87 -8.14 -3.91 4.16
N LYS A 88 -8.91 -3.60 5.18
CA LYS A 88 -10.07 -4.39 5.52
C LYS A 88 -11.35 -3.61 5.24
N PHE A 89 -12.29 -4.28 4.61
CA PHE A 89 -13.56 -3.68 4.24
C PHE A 89 -14.66 -4.72 4.34
N THR A 90 -15.85 -4.39 3.88
CA THR A 90 -16.97 -5.31 3.96
C THR A 90 -17.63 -5.49 2.59
N CYS A 91 -17.94 -6.73 2.27
CA CYS A 91 -18.61 -7.05 1.01
C CYS A 91 -19.99 -7.63 1.28
N SER A 92 -20.99 -7.13 0.57
CA SER A 92 -22.33 -7.68 0.64
C SER A 92 -22.38 -9.03 -0.07
N ARG A 93 -22.40 -10.09 0.71
CA ARG A 93 -22.36 -11.43 0.16
C ARG A 93 -23.75 -11.89 -0.25
N VAL A 94 -23.86 -12.49 -1.43
CA VAL A 94 -25.14 -12.99 -1.91
C VAL A 94 -25.64 -14.12 -1.00
N GLY A 95 -26.81 -13.90 -0.41
CA GLY A 95 -27.36 -14.86 0.52
C GLY A 95 -26.96 -14.52 1.96
N ALA A 96 -26.24 -13.42 2.10
CA ALA A 96 -25.74 -13.00 3.40
C ALA A 96 -25.68 -11.47 3.47
N GLY A 97 -24.88 -10.96 4.40
CA GLY A 97 -24.75 -9.53 4.55
C GLY A 97 -23.33 -9.07 4.26
N THR A 98 -22.94 -7.93 4.82
CA THR A 98 -21.59 -7.46 4.65
C THR A 98 -20.62 -8.24 5.54
N SER A 99 -19.69 -8.93 4.91
CA SER A 99 -18.69 -9.71 5.64
C SER A 99 -17.37 -8.95 5.69
N LYS A 100 -16.69 -9.03 6.82
CA LYS A 100 -15.41 -8.34 6.99
C LYS A 100 -14.31 -9.07 6.23
N MET A 101 -13.55 -8.33 5.45
CA MET A 101 -12.46 -8.89 4.67
C MET A 101 -11.23 -8.02 4.79
N ASP A 102 -10.21 -8.55 5.46
CA ASP A 102 -8.95 -7.85 5.64
C ASP A 102 -7.90 -8.46 4.72
N LYS A 103 -6.97 -7.64 4.26
CA LYS A 103 -5.91 -8.13 3.40
C LYS A 103 -4.78 -7.13 3.28
N ILE A 104 -3.61 -7.52 3.77
CA ILE A 104 -2.40 -6.73 3.60
C ILE A 104 -2.01 -6.68 2.12
N ILE A 105 -1.93 -5.48 1.57
CA ILE A 105 -1.66 -5.31 0.15
C ILE A 105 -0.41 -4.48 -0.09
N PHE A 106 0.29 -4.80 -1.16
CA PHE A 106 1.48 -4.06 -1.56
C PHE A 106 1.12 -2.98 -2.56
N LEU A 107 1.06 -1.74 -2.07
CA LEU A 107 0.73 -0.61 -2.92
C LEU A 107 2.02 -0.01 -3.48
N GLN A 108 2.31 -0.31 -4.73
CA GLN A 108 3.47 0.24 -5.39
C GLN A 108 3.08 1.46 -6.22
N ILE A 109 3.54 2.64 -5.80
CA ILE A 109 3.33 3.83 -6.60
C ILE A 109 4.35 3.87 -7.72
N CYS A 110 3.91 3.58 -8.92
CA CYS A 110 4.79 3.50 -10.06
C CYS A 110 4.08 3.98 -11.32
N PRO A 111 4.18 5.28 -11.61
CA PRO A 111 3.59 5.86 -12.82
C PRO A 111 4.27 5.36 -14.08
N ASP A 112 3.58 5.44 -15.20
CA ASP A 112 4.12 5.00 -16.48
C ASP A 112 5.02 6.09 -17.06
N GLY A 113 4.45 7.28 -17.22
CA GLY A 113 5.22 8.42 -17.66
C GLY A 113 5.97 9.07 -16.52
N ALA A 114 6.73 8.26 -15.80
CA ALA A 114 7.45 8.70 -14.62
C ALA A 114 8.95 8.65 -14.86
N SER A 115 9.71 9.10 -13.86
CA SER A 115 11.16 9.08 -13.92
C SER A 115 11.66 7.63 -13.93
N ILE A 116 11.80 7.07 -15.13
CA ILE A 116 12.09 5.65 -15.32
C ILE A 116 13.31 5.20 -14.52
N LYS A 117 14.27 6.09 -14.33
CA LYS A 117 15.50 5.76 -13.61
C LYS A 117 15.18 5.20 -12.21
N LYS A 118 14.60 6.04 -11.36
CA LYS A 118 14.27 5.61 -10.00
C LYS A 118 12.99 4.79 -9.98
N LYS A 119 12.17 4.95 -11.02
CA LYS A 119 10.94 4.19 -11.17
C LYS A 119 11.27 2.70 -11.36
N MET A 120 12.32 2.43 -12.13
CA MET A 120 12.74 1.06 -12.39
C MET A 120 13.46 0.49 -11.16
N VAL A 121 13.98 1.37 -10.32
CA VAL A 121 14.60 0.95 -9.07
C VAL A 121 13.56 0.28 -8.18
N TYR A 122 12.38 0.90 -8.13
CA TYR A 122 11.28 0.36 -7.33
C TYR A 122 10.76 -0.96 -7.91
N ALA A 123 10.93 -1.16 -9.21
CA ALA A 123 10.59 -2.44 -9.82
C ALA A 123 11.49 -3.54 -9.29
N SER A 124 12.73 -3.16 -9.00
CA SER A 124 13.69 -4.07 -8.39
C SER A 124 13.40 -4.20 -6.89
N SER A 125 12.87 -3.13 -6.30
CA SER A 125 12.51 -3.12 -4.89
C SER A 125 11.34 -4.06 -4.61
N ALA A 126 10.43 -4.16 -5.57
CA ALA A 126 9.28 -5.04 -5.44
C ALA A 126 9.72 -6.48 -5.28
N ALA A 127 10.75 -6.86 -6.02
CA ALA A 127 11.32 -8.20 -5.92
C ALA A 127 12.02 -8.38 -4.59
N ALA A 128 12.70 -7.33 -4.14
CA ALA A 128 13.40 -7.35 -2.87
C ALA A 128 12.43 -7.44 -1.70
N ILE A 129 11.44 -6.55 -1.68
CA ILE A 129 10.45 -6.51 -0.60
C ILE A 129 9.68 -7.84 -0.54
N LYS A 130 9.48 -8.46 -1.71
CA LYS A 130 8.85 -9.76 -1.79
C LYS A 130 9.71 -10.82 -1.13
N THR A 131 11.01 -10.79 -1.44
CA THR A 131 11.95 -11.77 -0.93
C THR A 131 12.13 -11.64 0.57
N SER A 132 12.15 -10.41 1.07
CA SER A 132 12.36 -10.17 2.48
C SER A 132 11.17 -10.64 3.33
N LEU A 133 9.96 -10.57 2.77
CA LEU A 133 8.77 -10.94 3.53
C LEU A 133 8.31 -12.36 3.22
N GLY A 134 8.60 -12.82 2.01
CA GLY A 134 8.19 -14.15 1.58
C GLY A 134 6.74 -14.47 1.92
N THR A 135 5.84 -13.56 1.55
CA THR A 135 4.42 -13.69 1.89
C THR A 135 3.79 -14.90 1.19
N GLY A 136 4.06 -15.04 -0.10
CA GLY A 136 3.53 -16.16 -0.86
C GLY A 136 2.25 -15.81 -1.60
N LYS A 137 1.47 -14.90 -1.03
CA LYS A 137 0.26 -14.42 -1.67
C LYS A 137 -0.08 -13.02 -1.19
N ILE A 138 -0.01 -12.06 -2.10
CA ILE A 138 -0.36 -10.68 -1.82
C ILE A 138 -0.88 -10.00 -3.07
N LEU A 139 -1.61 -8.91 -2.89
CA LEU A 139 -2.10 -8.16 -4.02
C LEU A 139 -1.15 -6.99 -4.25
N GLN A 140 -0.26 -7.16 -5.21
CA GLN A 140 0.72 -6.15 -5.54
C GLN A 140 0.31 -5.45 -6.83
N PHE A 141 0.08 -4.16 -6.74
CA PHE A 141 -0.39 -3.39 -7.87
C PHE A 141 0.43 -2.12 -8.05
N GLN A 142 0.66 -1.74 -9.30
CA GLN A 142 1.37 -0.51 -9.60
C GLN A 142 0.37 0.60 -9.90
N VAL A 143 0.29 1.57 -9.01
CA VAL A 143 -0.66 2.66 -9.16
C VAL A 143 0.06 3.93 -9.60
N SER A 144 -0.64 4.77 -10.33
CA SER A 144 -0.08 6.01 -10.82
C SER A 144 -1.10 7.14 -10.74
N ASP A 145 -2.31 6.86 -11.19
CA ASP A 145 -3.38 7.85 -11.16
C ASP A 145 -4.00 7.91 -9.78
N GLU A 146 -4.58 9.05 -9.45
CA GLU A 146 -5.24 9.25 -8.16
C GLU A 146 -6.28 8.17 -7.90
N SER A 147 -7.01 7.78 -8.94
CA SER A 147 -8.09 6.81 -8.80
C SER A 147 -7.54 5.45 -8.35
N GLU A 148 -6.39 5.08 -8.89
CA GLU A 148 -5.78 3.79 -8.60
C GLU A 148 -5.37 3.70 -7.14
N MET A 149 -4.95 4.83 -6.57
CA MET A 149 -4.52 4.87 -5.18
C MET A 149 -5.66 5.34 -4.28
N SER A 150 -6.87 5.36 -4.84
CA SER A 150 -8.05 5.76 -4.10
C SER A 150 -8.73 4.55 -3.48
N HIS A 151 -9.63 4.82 -2.53
CA HIS A 151 -10.39 3.78 -1.85
C HIS A 151 -11.25 2.97 -2.81
N LYS A 152 -11.62 3.58 -3.94
CA LYS A 152 -12.47 2.91 -4.92
C LYS A 152 -11.74 1.72 -5.57
N GLU A 153 -10.61 1.99 -6.20
CA GLU A 153 -9.88 0.96 -6.93
C GLU A 153 -9.37 -0.13 -6.00
N LEU A 154 -8.92 0.25 -4.82
CA LEU A 154 -8.43 -0.73 -3.85
C LEU A 154 -9.54 -1.70 -3.49
N LEU A 155 -10.75 -1.19 -3.31
CA LEU A 155 -11.90 -2.02 -2.98
C LEU A 155 -12.29 -2.86 -4.19
N ASN A 156 -12.19 -2.27 -5.38
CA ASN A 156 -12.53 -2.95 -6.62
C ASN A 156 -11.62 -4.16 -6.83
N LYS A 157 -10.32 -3.94 -6.69
CA LYS A 157 -9.32 -5.00 -6.87
C LYS A 157 -9.45 -6.05 -5.80
N LEU A 158 -9.53 -5.60 -4.57
CA LEU A 158 -9.68 -6.50 -3.44
C LEU A 158 -11.03 -7.20 -3.44
N GLY A 159 -11.97 -6.69 -4.23
CA GLY A 159 -13.24 -7.36 -4.38
C GLY A 159 -13.24 -8.33 -5.55
N GLU A 160 -12.60 -7.96 -6.65
CA GLU A 160 -12.58 -8.79 -7.84
C GLU A 160 -11.74 -10.05 -7.62
N LYS A 161 -10.69 -9.93 -6.80
CA LYS A 161 -9.75 -11.04 -6.58
C LYS A 161 -10.46 -12.36 -6.28
N TYR A 162 -11.19 -12.42 -5.17
CA TYR A 162 -11.88 -13.63 -4.79
C TYR A 162 -13.37 -13.37 -4.61
N GLY A 163 -13.85 -12.34 -5.28
CA GLY A 163 -15.27 -12.03 -5.26
C GLY A 163 -15.93 -12.34 -6.58
N ASP A 164 -15.74 -11.45 -7.55
CA ASP A 164 -16.31 -11.63 -8.88
C ASP A 164 -15.54 -10.80 -9.89
N HIS A 165 -15.08 -11.42 -10.96
CA HIS A 165 -14.29 -10.74 -11.97
C HIS A 165 -15.19 -10.19 -13.07
N MET A 1 20.07 -0.22 -12.56
CA MET A 1 18.79 -0.84 -12.16
C MET A 1 18.99 -2.26 -11.66
N SER A 2 19.79 -3.05 -12.38
CA SER A 2 20.07 -4.43 -12.01
C SER A 2 21.14 -4.47 -10.94
N SER A 3 21.10 -3.50 -10.04
CA SER A 3 22.13 -3.30 -9.05
C SER A 3 21.82 -4.08 -7.77
N GLY A 4 20.57 -4.50 -7.63
CA GLY A 4 20.18 -5.21 -6.43
C GLY A 4 19.81 -4.27 -5.30
N VAL A 5 18.54 -3.94 -5.21
CA VAL A 5 18.06 -3.05 -4.17
C VAL A 5 17.95 -3.80 -2.85
N MET A 6 18.54 -3.23 -1.81
CA MET A 6 18.50 -3.85 -0.49
C MET A 6 17.56 -3.07 0.42
N VAL A 7 17.01 -3.74 1.41
CA VAL A 7 16.07 -3.11 2.34
C VAL A 7 16.64 -3.12 3.76
N ASP A 8 16.39 -2.06 4.52
CA ASP A 8 16.85 -2.00 5.90
C ASP A 8 16.03 -2.96 6.77
N PRO A 9 16.62 -3.48 7.86
CA PRO A 9 15.98 -4.52 8.68
C PRO A 9 14.60 -4.15 9.21
N ASP A 10 14.39 -2.86 9.51
CA ASP A 10 13.19 -2.46 10.22
C ASP A 10 11.97 -2.42 9.29
N VAL A 11 12.18 -2.55 8.00
CA VAL A 11 11.05 -2.67 7.08
C VAL A 11 10.20 -3.88 7.46
N GLN A 12 10.86 -5.03 7.64
CA GLN A 12 10.18 -6.25 8.05
C GLN A 12 9.74 -6.16 9.50
N THR A 13 10.56 -5.51 10.31
CA THR A 13 10.24 -5.29 11.70
C THR A 13 8.94 -4.49 11.83
N SER A 14 8.69 -3.60 10.86
CA SER A 14 7.48 -2.81 10.83
C SER A 14 6.29 -3.62 10.30
N PHE A 15 6.54 -4.55 9.38
CA PHE A 15 5.49 -5.44 8.89
C PHE A 15 4.96 -6.29 10.03
N GLN A 16 5.86 -6.75 10.88
CA GLN A 16 5.51 -7.52 12.06
C GLN A 16 5.05 -6.60 13.19
N LYS A 17 5.37 -5.32 13.05
CA LYS A 17 5.11 -4.33 14.10
C LYS A 17 3.62 -3.99 14.15
N LEU A 18 2.94 -4.11 13.03
CA LEU A 18 1.50 -3.90 13.00
C LEU A 18 0.75 -5.22 13.20
N SER A 19 1.35 -6.30 12.74
CA SER A 19 0.70 -7.60 12.77
C SER A 19 0.73 -8.22 14.17
N GLU A 20 1.50 -7.63 15.08
CA GLU A 20 1.66 -8.20 16.41
C GLU A 20 0.48 -7.89 17.33
N GLY A 21 -0.48 -7.12 16.83
CA GLY A 21 -1.62 -6.77 17.66
C GLY A 21 -2.90 -6.58 16.87
N ARG A 22 -3.08 -5.37 16.34
CA ARG A 22 -4.34 -5.01 15.71
C ARG A 22 -4.32 -5.25 14.20
N LYS A 23 -3.12 -5.37 13.63
CA LYS A 23 -2.93 -5.46 12.17
C LYS A 23 -3.15 -4.09 11.52
N GLU A 24 -4.21 -3.42 11.95
CA GLU A 24 -4.51 -2.06 11.51
C GLU A 24 -3.71 -1.04 12.33
N TYR A 25 -2.65 -1.51 12.97
CA TYR A 25 -1.79 -0.64 13.76
C TYR A 25 -0.88 0.18 12.85
N ARG A 26 0.14 0.80 13.44
CA ARG A 26 1.12 1.60 12.70
C ARG A 26 1.48 0.94 11.37
N TYR A 27 1.33 1.68 10.28
CA TYR A 27 1.59 1.13 8.96
C TYR A 27 2.99 1.51 8.52
N ILE A 28 3.48 0.82 7.51
CA ILE A 28 4.86 0.94 7.11
C ILE A 28 5.00 1.72 5.79
N ILE A 29 5.61 2.88 5.87
CA ILE A 29 5.88 3.72 4.72
C ILE A 29 7.37 3.71 4.43
N PHE A 30 7.78 3.31 3.24
CA PHE A 30 9.19 3.18 2.91
C PHE A 30 9.52 3.70 1.52
N LYS A 31 10.68 4.35 1.41
CA LYS A 31 11.13 4.95 0.15
C LYS A 31 12.52 4.48 -0.23
N ILE A 32 13.01 4.94 -1.36
CA ILE A 32 14.37 4.64 -1.79
C ILE A 32 15.31 5.75 -1.33
N ASP A 33 16.33 5.36 -0.59
CA ASP A 33 17.38 6.28 -0.19
C ASP A 33 18.65 5.93 -0.95
N GLU A 34 18.86 6.64 -2.05
CA GLU A 34 19.99 6.40 -2.95
C GLU A 34 19.85 5.07 -3.69
N ASN A 35 20.00 3.97 -2.95
CA ASN A 35 19.96 2.64 -3.56
C ASN A 35 19.24 1.62 -2.68
N LYS A 36 19.02 1.95 -1.41
CA LYS A 36 18.37 1.00 -0.51
C LYS A 36 17.03 1.51 -0.01
N VAL A 37 16.15 0.59 0.35
CA VAL A 37 14.84 0.91 0.87
C VAL A 37 14.90 1.05 2.38
N ILE A 38 14.52 2.21 2.89
CA ILE A 38 14.52 2.44 4.32
C ILE A 38 13.12 2.78 4.82
N VAL A 39 12.82 2.36 6.04
CA VAL A 39 11.57 2.73 6.69
C VAL A 39 11.54 4.24 6.96
N GLU A 40 10.54 4.91 6.41
CA GLU A 40 10.37 6.33 6.63
C GLU A 40 9.47 6.58 7.83
N ALA A 41 8.28 6.01 7.78
CA ALA A 41 7.29 6.24 8.82
C ALA A 41 6.59 4.95 9.21
N ALA A 42 6.33 4.81 10.49
CA ALA A 42 5.53 3.71 11.00
C ALA A 42 4.36 4.26 11.79
N VAL A 43 3.33 4.67 11.08
CA VAL A 43 2.18 5.34 11.70
C VAL A 43 0.88 4.76 11.18
N THR A 44 -0.10 4.63 12.05
CA THR A 44 -1.42 4.14 11.66
C THR A 44 -2.37 5.31 11.51
N GLN A 45 -3.42 5.11 10.73
CA GLN A 45 -4.44 6.11 10.57
C GLN A 45 -5.23 6.28 11.86
N ASP A 46 -5.15 5.27 12.73
CA ASP A 46 -5.76 5.33 14.05
C ASP A 46 -5.19 6.51 14.84
N GLN A 47 -3.87 6.58 14.93
CA GLN A 47 -3.21 7.69 15.63
C GLN A 47 -3.14 8.92 14.74
N LEU A 48 -3.32 8.71 13.45
CA LEU A 48 -3.36 9.80 12.48
C LEU A 48 -4.58 10.68 12.73
N GLY A 49 -5.53 10.17 13.50
CA GLY A 49 -6.71 10.94 13.83
C GLY A 49 -7.92 10.51 13.03
N ILE A 50 -7.78 9.39 12.34
CA ILE A 50 -8.86 8.87 11.52
C ILE A 50 -9.68 7.89 12.36
N THR A 51 -10.81 7.44 11.82
CA THR A 51 -11.72 6.56 12.53
C THR A 51 -11.04 5.27 12.98
N GLY A 52 -10.52 4.51 12.02
CA GLY A 52 -9.82 3.28 12.34
C GLY A 52 -9.86 2.29 11.21
N ASP A 53 -10.86 1.42 11.22
CA ASP A 53 -11.04 0.41 10.18
C ASP A 53 -11.36 1.10 8.85
N ASP A 54 -10.69 0.67 7.78
CA ASP A 54 -10.79 1.35 6.48
C ASP A 54 -12.21 1.42 5.95
N TYR A 55 -12.82 0.29 5.65
CA TYR A 55 -14.15 0.30 5.06
C TYR A 55 -15.19 -0.19 6.06
N ASP A 56 -14.72 -0.86 7.09
CA ASP A 56 -15.61 -1.38 8.13
C ASP A 56 -16.09 -0.26 9.05
N ASP A 57 -15.14 0.46 9.64
CA ASP A 57 -15.47 1.58 10.52
C ASP A 57 -15.45 2.88 9.74
N SER A 58 -15.31 2.75 8.42
CA SER A 58 -15.34 3.88 7.50
C SER A 58 -14.22 4.89 7.78
N SER A 59 -13.05 4.62 7.23
CA SER A 59 -11.92 5.52 7.33
C SER A 59 -11.37 5.83 5.94
N LYS A 60 -12.03 5.29 4.92
CA LYS A 60 -11.64 5.49 3.52
C LYS A 60 -11.55 6.99 3.18
N ALA A 61 -12.29 7.81 3.93
CA ALA A 61 -12.27 9.25 3.76
C ALA A 61 -10.87 9.81 3.94
N ALA A 62 -10.04 9.12 4.72
CA ALA A 62 -8.64 9.50 4.90
C ALA A 62 -7.90 9.36 3.59
N PHE A 63 -8.26 8.33 2.82
CA PHE A 63 -7.63 8.07 1.54
C PHE A 63 -8.18 8.99 0.47
N ASP A 64 -9.37 9.50 0.71
CA ASP A 64 -9.98 10.46 -0.20
C ASP A 64 -9.16 11.74 -0.25
N LYS A 65 -8.65 12.17 0.89
CA LYS A 65 -7.77 13.33 0.94
C LYS A 65 -6.32 12.92 0.68
N PHE A 66 -6.02 11.64 0.94
CA PHE A 66 -4.72 11.09 0.74
C PHE A 66 -4.26 11.23 -0.71
N VAL A 67 -5.12 10.85 -1.64
CA VAL A 67 -4.80 10.94 -3.06
C VAL A 67 -4.51 12.38 -3.47
N GLU A 68 -5.06 13.33 -2.71
CA GLU A 68 -4.85 14.74 -2.98
C GLU A 68 -3.47 15.19 -2.49
N ASP A 69 -3.15 14.86 -1.24
CA ASP A 69 -1.82 15.15 -0.72
C ASP A 69 -0.78 14.52 -1.61
N VAL A 70 -1.04 13.28 -2.00
CA VAL A 70 -0.17 12.57 -2.92
C VAL A 70 -0.01 13.34 -4.23
N LYS A 71 -1.12 13.74 -4.85
CA LYS A 71 -1.03 14.36 -6.15
C LYS A 71 -0.46 15.77 -6.06
N SER A 72 -0.54 16.36 -4.87
CA SER A 72 0.04 17.67 -4.63
C SER A 72 1.57 17.58 -4.51
N ARG A 73 2.06 16.66 -3.68
CA ARG A 73 3.51 16.50 -3.49
C ARG A 73 4.17 15.85 -4.69
N THR A 74 3.43 14.98 -5.37
CA THR A 74 3.93 14.33 -6.56
C THR A 74 3.89 15.30 -7.74
N ASP A 75 2.95 16.24 -7.67
CA ASP A 75 2.75 17.26 -8.71
C ASP A 75 2.30 16.62 -10.03
N ASN A 76 3.23 16.03 -10.74
CA ASN A 76 2.90 15.31 -11.96
C ASN A 76 2.98 13.80 -11.71
N LEU A 77 4.19 13.29 -11.66
CA LEU A 77 4.41 11.86 -11.41
C LEU A 77 5.87 11.62 -11.04
N THR A 78 6.46 12.60 -10.39
CA THR A 78 7.87 12.55 -10.01
C THR A 78 8.08 11.74 -8.74
N ASP A 79 7.30 12.05 -7.72
CA ASP A 79 7.43 11.37 -6.43
C ASP A 79 6.79 9.99 -6.48
N CYS A 80 7.45 9.03 -5.83
CA CYS A 80 7.01 7.64 -5.86
C CYS A 80 7.54 6.91 -4.62
N ARG A 81 6.76 5.98 -4.10
CA ARG A 81 7.14 5.27 -2.88
C ARG A 81 6.34 3.99 -2.69
N TYR A 82 6.78 3.18 -1.74
CA TYR A 82 6.14 1.92 -1.42
C TYR A 82 5.54 1.97 -0.02
N ALA A 83 4.38 1.36 0.15
CA ALA A 83 3.71 1.32 1.44
C ALA A 83 2.89 0.06 1.57
N VAL A 84 2.61 -0.34 2.80
CA VAL A 84 1.83 -1.54 3.06
C VAL A 84 0.82 -1.28 4.17
N PHE A 85 -0.43 -1.67 3.92
CA PHE A 85 -1.50 -1.45 4.89
C PHE A 85 -2.35 -2.70 5.03
N ASP A 86 -2.87 -2.93 6.21
CA ASP A 86 -3.84 -4.00 6.43
C ASP A 86 -5.24 -3.42 6.35
N PHE A 87 -5.88 -3.60 5.20
CA PHE A 87 -7.20 -3.02 4.96
C PHE A 87 -8.33 -3.96 5.36
N LYS A 88 -9.41 -3.36 5.84
CA LYS A 88 -10.59 -4.11 6.24
C LYS A 88 -11.83 -3.53 5.57
N PHE A 89 -12.48 -4.32 4.74
CA PHE A 89 -13.58 -3.85 3.93
C PHE A 89 -14.82 -4.73 4.12
N THR A 90 -15.91 -4.36 3.49
CA THR A 90 -17.12 -5.14 3.51
C THR A 90 -17.61 -5.39 2.08
N CYS A 91 -17.75 -6.66 1.72
CA CYS A 91 -18.18 -7.03 0.38
C CYS A 91 -19.59 -7.59 0.41
N SER A 92 -20.38 -7.25 -0.59
CA SER A 92 -21.72 -7.80 -0.74
C SER A 92 -21.62 -9.26 -1.18
N ARG A 93 -22.11 -10.16 -0.35
CA ARG A 93 -22.06 -11.58 -0.64
C ARG A 93 -23.37 -12.01 -1.31
N VAL A 94 -23.26 -12.53 -2.52
CA VAL A 94 -24.44 -12.96 -3.26
C VAL A 94 -25.13 -14.11 -2.55
N GLY A 95 -26.34 -13.86 -2.06
CA GLY A 95 -27.07 -14.87 -1.32
C GLY A 95 -26.87 -14.75 0.17
N ALA A 96 -26.23 -13.66 0.58
CA ALA A 96 -25.97 -13.40 1.99
C ALA A 96 -26.00 -11.90 2.26
N GLY A 97 -25.40 -11.50 3.37
CA GLY A 97 -25.34 -10.08 3.70
C GLY A 97 -23.98 -9.48 3.39
N THR A 98 -23.64 -8.43 4.11
CA THR A 98 -22.35 -7.78 3.93
C THR A 98 -21.25 -8.52 4.69
N SER A 99 -20.24 -8.96 3.95
CA SER A 99 -19.15 -9.71 4.52
C SER A 99 -17.97 -8.80 4.85
N LYS A 100 -17.71 -8.63 6.15
CA LYS A 100 -16.59 -7.82 6.60
C LYS A 100 -15.33 -8.68 6.65
N MET A 101 -14.35 -8.33 5.84
CA MET A 101 -13.10 -9.08 5.75
C MET A 101 -11.92 -8.13 5.74
N ASP A 102 -10.75 -8.62 6.13
CA ASP A 102 -9.54 -7.81 6.17
C ASP A 102 -8.42 -8.51 5.41
N LYS A 103 -7.48 -7.73 4.89
CA LYS A 103 -6.33 -8.28 4.22
C LYS A 103 -5.24 -7.24 4.02
N ILE A 104 -4.06 -7.53 4.55
CA ILE A 104 -2.89 -6.69 4.34
C ILE A 104 -2.42 -6.80 2.89
N ILE A 105 -2.16 -5.66 2.25
CA ILE A 105 -1.78 -5.64 0.85
C ILE A 105 -0.63 -4.67 0.57
N PHE A 106 0.06 -4.91 -0.54
CA PHE A 106 1.13 -4.07 -0.99
C PHE A 106 0.62 -2.91 -1.84
N LEU A 107 1.09 -1.72 -1.52
CA LEU A 107 0.75 -0.52 -2.27
C LEU A 107 1.99 -0.01 -3.00
N GLN A 108 2.05 -0.23 -4.32
CA GLN A 108 3.14 0.29 -5.14
C GLN A 108 2.70 1.52 -5.92
N ILE A 109 3.14 2.69 -5.48
CA ILE A 109 2.93 3.91 -6.25
C ILE A 109 4.14 4.13 -7.15
N CYS A 110 4.05 3.64 -8.38
CA CYS A 110 5.15 3.74 -9.31
C CYS A 110 4.65 4.21 -10.67
N PRO A 111 4.78 5.52 -10.94
CA PRO A 111 4.48 6.11 -12.25
C PRO A 111 5.38 5.53 -13.33
N ASP A 112 4.79 4.90 -14.34
CA ASP A 112 5.59 4.29 -15.40
C ASP A 112 6.19 5.36 -16.31
N GLY A 113 5.54 6.51 -16.37
CA GLY A 113 6.05 7.61 -17.16
C GLY A 113 7.03 8.47 -16.38
N ALA A 114 7.44 7.98 -15.22
CA ALA A 114 8.37 8.69 -14.35
C ALA A 114 9.80 8.53 -14.85
N SER A 115 10.72 9.20 -14.18
CA SER A 115 12.14 9.18 -14.54
C SER A 115 12.68 7.76 -14.55
N ILE A 116 12.92 7.24 -15.75
CA ILE A 116 13.19 5.82 -15.97
C ILE A 116 14.36 5.30 -15.15
N LYS A 117 15.46 6.05 -15.08
CA LYS A 117 16.67 5.58 -14.43
C LYS A 117 16.40 5.23 -12.97
N LYS A 118 15.81 6.16 -12.24
CA LYS A 118 15.52 5.95 -10.84
C LYS A 118 14.20 5.22 -10.65
N LYS A 119 13.34 5.27 -11.66
CA LYS A 119 12.10 4.49 -11.66
C LYS A 119 12.43 3.00 -11.67
N MET A 120 13.46 2.65 -12.45
CA MET A 120 13.92 1.28 -12.53
C MET A 120 14.38 0.79 -11.15
N VAL A 121 14.93 1.71 -10.36
CA VAL A 121 15.35 1.39 -9.01
C VAL A 121 14.14 0.99 -8.16
N TYR A 122 13.09 1.81 -8.22
CA TYR A 122 11.86 1.52 -7.50
C TYR A 122 11.21 0.24 -8.02
N ALA A 123 11.26 0.03 -9.32
CA ALA A 123 10.75 -1.20 -9.92
C ALA A 123 11.49 -2.42 -9.39
N SER A 124 12.80 -2.28 -9.22
CA SER A 124 13.62 -3.34 -8.66
C SER A 124 13.32 -3.53 -7.17
N SER A 125 12.77 -2.49 -6.55
CA SER A 125 12.44 -2.53 -5.13
C SER A 125 11.23 -3.42 -4.88
N ALA A 126 10.32 -3.48 -5.85
CA ALA A 126 9.16 -4.36 -5.77
C ALA A 126 9.61 -5.82 -5.60
N ALA A 127 10.61 -6.20 -6.38
CA ALA A 127 11.15 -7.55 -6.30
C ALA A 127 11.89 -7.76 -4.98
N ALA A 128 12.63 -6.73 -4.56
CA ALA A 128 13.41 -6.78 -3.33
C ALA A 128 12.52 -6.91 -2.11
N ILE A 129 11.57 -5.99 -1.96
CA ILE A 129 10.67 -5.98 -0.81
C ILE A 129 9.87 -7.28 -0.73
N LYS A 130 9.56 -7.86 -1.90
CA LYS A 130 8.85 -9.12 -1.94
C LYS A 130 9.77 -10.26 -1.48
N THR A 131 11.00 -10.23 -1.97
CA THR A 131 11.99 -11.26 -1.64
C THR A 131 12.22 -11.34 -0.13
N SER A 132 12.25 -10.19 0.53
CA SER A 132 12.47 -10.15 1.96
C SER A 132 11.28 -10.73 2.73
N LEU A 133 10.07 -10.44 2.27
CA LEU A 133 8.87 -10.87 3.00
C LEU A 133 8.42 -12.27 2.59
N GLY A 134 8.74 -12.66 1.37
CA GLY A 134 8.26 -13.92 0.86
C GLY A 134 6.78 -13.87 0.54
N THR A 135 5.96 -14.22 1.53
CA THR A 135 4.50 -14.19 1.42
C THR A 135 3.99 -14.81 0.12
N GLY A 136 3.61 -13.96 -0.84
CA GLY A 136 3.12 -14.45 -2.12
C GLY A 136 1.60 -14.47 -2.20
N LYS A 137 0.95 -14.55 -1.04
CA LYS A 137 -0.51 -14.57 -0.99
C LYS A 137 -1.05 -13.19 -0.60
N ILE A 138 -0.33 -12.16 -1.01
CA ILE A 138 -0.76 -10.79 -0.79
C ILE A 138 -1.16 -10.16 -2.11
N LEU A 139 -1.90 -9.07 -2.05
CA LEU A 139 -2.33 -8.37 -3.27
C LEU A 139 -1.44 -7.16 -3.48
N GLN A 140 -1.06 -6.92 -4.73
CA GLN A 140 -0.14 -5.85 -5.04
C GLN A 140 -0.67 -5.03 -6.21
N PHE A 141 -1.04 -3.79 -5.95
CA PHE A 141 -1.57 -2.93 -6.98
C PHE A 141 -0.60 -1.80 -7.31
N GLN A 142 -0.36 -1.60 -8.60
CA GLN A 142 0.57 -0.59 -9.06
C GLN A 142 -0.19 0.61 -9.58
N VAL A 143 -0.04 1.74 -8.90
CA VAL A 143 -0.79 2.94 -9.25
C VAL A 143 0.12 4.09 -9.63
N SER A 144 -0.36 4.95 -10.50
CA SER A 144 0.36 6.14 -10.92
C SER A 144 -0.57 7.34 -11.01
N ASP A 145 -1.84 7.13 -10.65
CA ASP A 145 -2.86 8.17 -10.78
C ASP A 145 -3.71 8.24 -9.52
N GLU A 146 -4.23 9.42 -9.22
CA GLU A 146 -5.00 9.66 -8.00
C GLU A 146 -6.28 8.83 -7.95
N SER A 147 -6.97 8.71 -9.08
CA SER A 147 -8.23 7.98 -9.13
C SER A 147 -7.98 6.49 -8.97
N GLU A 148 -6.91 6.01 -9.58
CA GLU A 148 -6.63 4.58 -9.61
C GLU A 148 -6.01 4.10 -8.31
N MET A 149 -5.87 4.99 -7.34
CA MET A 149 -5.39 4.62 -6.01
C MET A 149 -6.37 5.08 -4.94
N SER A 150 -7.57 5.44 -5.39
CA SER A 150 -8.63 5.89 -4.48
C SER A 150 -9.24 4.68 -3.75
N HIS A 151 -10.06 4.95 -2.74
CA HIS A 151 -10.69 3.89 -1.95
C HIS A 151 -11.51 2.93 -2.83
N LYS A 152 -12.00 3.41 -3.96
CA LYS A 152 -12.65 2.55 -4.95
C LYS A 152 -11.73 1.39 -5.37
N GLU A 153 -10.48 1.73 -5.69
CA GLU A 153 -9.48 0.77 -6.16
C GLU A 153 -9.24 -0.32 -5.11
N LEU A 154 -9.07 0.09 -3.87
CA LEU A 154 -8.79 -0.85 -2.78
C LEU A 154 -9.91 -1.87 -2.67
N LEU A 155 -11.14 -1.40 -2.72
CA LEU A 155 -12.30 -2.29 -2.68
C LEU A 155 -12.28 -3.21 -3.90
N ASN A 156 -11.93 -2.65 -5.05
CA ASN A 156 -11.92 -3.41 -6.31
C ASN A 156 -11.06 -4.65 -6.21
N LYS A 157 -9.78 -4.48 -5.92
CA LYS A 157 -8.83 -5.59 -5.92
C LYS A 157 -9.01 -6.44 -4.69
N LEU A 158 -9.59 -5.86 -3.67
CA LEU A 158 -9.92 -6.59 -2.47
C LEU A 158 -11.06 -7.57 -2.72
N GLY A 159 -11.94 -7.21 -3.64
CA GLY A 159 -13.05 -8.07 -3.98
C GLY A 159 -12.75 -8.97 -5.17
N GLU A 160 -12.29 -8.38 -6.27
CA GLU A 160 -12.20 -9.08 -7.56
C GLU A 160 -11.43 -10.40 -7.49
N LYS A 161 -10.32 -10.43 -6.77
CA LYS A 161 -9.45 -11.61 -6.79
C LYS A 161 -10.11 -12.85 -6.18
N TYR A 162 -11.16 -12.64 -5.38
CA TYR A 162 -11.92 -13.77 -4.84
C TYR A 162 -13.39 -13.73 -5.22
N GLY A 163 -14.02 -12.58 -5.03
CA GLY A 163 -15.47 -12.51 -5.16
C GLY A 163 -15.94 -12.04 -6.52
N ASP A 164 -16.68 -10.94 -6.53
CA ASP A 164 -17.31 -10.44 -7.75
C ASP A 164 -16.52 -9.28 -8.32
N HIS A 165 -16.41 -9.25 -9.64
CA HIS A 165 -15.72 -8.17 -10.33
C HIS A 165 -16.46 -7.80 -11.62
N MET A 1 16.65 -2.76 -12.72
CA MET A 1 17.96 -2.43 -12.14
C MET A 1 18.56 -3.70 -11.57
N SER A 2 19.33 -4.39 -12.40
CA SER A 2 19.83 -5.73 -12.10
C SER A 2 21.14 -5.68 -11.32
N SER A 3 21.32 -4.66 -10.52
CA SER A 3 22.51 -4.55 -9.69
C SER A 3 22.20 -5.01 -8.26
N GLY A 4 20.94 -5.31 -7.99
CA GLY A 4 20.58 -5.87 -6.71
C GLY A 4 20.20 -4.82 -5.69
N VAL A 5 18.92 -4.48 -5.66
CA VAL A 5 18.40 -3.59 -4.65
C VAL A 5 18.12 -4.40 -3.38
N MET A 6 18.70 -3.99 -2.27
CA MET A 6 18.55 -4.73 -1.03
C MET A 6 17.55 -4.05 -0.11
N VAL A 7 17.19 -4.73 0.97
CA VAL A 7 16.19 -4.21 1.88
C VAL A 7 16.79 -3.93 3.25
N ASP A 8 16.55 -2.73 3.76
CA ASP A 8 16.96 -2.36 5.11
C ASP A 8 16.20 -3.21 6.15
N PRO A 9 16.91 -3.69 7.18
CA PRO A 9 16.31 -4.54 8.23
C PRO A 9 15.08 -3.93 8.88
N ASP A 10 15.07 -2.62 9.06
CA ASP A 10 13.99 -1.94 9.78
C ASP A 10 12.68 -1.99 9.01
N VAL A 11 12.76 -2.26 7.71
CA VAL A 11 11.57 -2.44 6.90
C VAL A 11 10.73 -3.58 7.46
N GLN A 12 11.37 -4.71 7.69
CA GLN A 12 10.70 -5.89 8.26
C GLN A 12 10.28 -5.61 9.70
N THR A 13 11.09 -4.85 10.42
CA THR A 13 10.77 -4.46 11.79
C THR A 13 9.53 -3.57 11.83
N SER A 14 9.29 -2.88 10.72
CA SER A 14 8.11 -2.03 10.60
C SER A 14 6.89 -2.84 10.16
N PHE A 15 7.14 -3.93 9.44
CA PHE A 15 6.07 -4.83 9.05
C PHE A 15 5.57 -5.61 10.26
N GLN A 16 6.46 -5.80 11.24
CA GLN A 16 6.12 -6.57 12.43
C GLN A 16 4.94 -5.97 13.18
N LYS A 17 5.00 -4.68 13.53
CA LYS A 17 3.93 -4.07 14.34
C LYS A 17 2.59 -4.04 13.59
N LEU A 18 2.63 -4.43 12.32
CA LEU A 18 1.41 -4.57 11.54
C LEU A 18 0.99 -6.05 11.53
N SER A 19 1.90 -6.91 11.08
CA SER A 19 1.60 -8.32 10.89
C SER A 19 1.43 -9.05 12.22
N GLU A 20 2.31 -8.80 13.17
CA GLU A 20 2.21 -9.44 14.48
C GLU A 20 1.39 -8.57 15.42
N GLY A 21 0.90 -7.46 14.87
CA GLY A 21 0.03 -6.58 15.62
C GLY A 21 -1.42 -6.97 15.44
N ARG A 22 -2.22 -6.09 14.87
CA ARG A 22 -3.60 -6.40 14.60
C ARG A 22 -3.86 -6.51 13.10
N LYS A 23 -3.80 -5.38 12.42
CA LYS A 23 -4.04 -5.31 10.97
C LYS A 23 -4.00 -3.85 10.50
N GLU A 24 -5.05 -3.11 10.83
CA GLU A 24 -5.20 -1.71 10.42
C GLU A 24 -4.40 -0.78 11.34
N TYR A 25 -3.40 -1.34 11.99
CA TYR A 25 -2.53 -0.58 12.88
C TYR A 25 -1.63 0.35 12.06
N ARG A 26 -0.65 0.94 12.70
CA ARG A 26 0.27 1.84 12.02
C ARG A 26 0.97 1.11 10.87
N TYR A 27 0.77 1.59 9.64
CA TYR A 27 1.33 0.89 8.49
C TYR A 27 2.62 1.55 8.04
N ILE A 28 3.23 0.97 7.02
CA ILE A 28 4.60 1.26 6.68
C ILE A 28 4.72 2.02 5.35
N ILE A 29 5.51 3.09 5.37
CA ILE A 29 5.77 3.88 4.19
C ILE A 29 7.28 3.89 3.94
N PHE A 30 7.69 3.40 2.78
CA PHE A 30 9.12 3.26 2.51
C PHE A 30 9.49 3.68 1.09
N LYS A 31 10.70 4.22 0.96
CA LYS A 31 11.24 4.67 -0.32
C LYS A 31 12.67 4.16 -0.49
N ILE A 32 13.27 4.44 -1.63
CA ILE A 32 14.63 4.00 -1.91
C ILE A 32 15.65 5.03 -1.44
N ASP A 33 16.64 4.55 -0.70
CA ASP A 33 17.76 5.37 -0.27
C ASP A 33 19.06 4.71 -0.72
N GLU A 34 19.78 5.40 -1.60
CA GLU A 34 21.03 4.87 -2.18
C GLU A 34 20.75 3.66 -3.07
N ASN A 35 20.65 2.49 -2.48
CA ASN A 35 20.40 1.27 -3.25
C ASN A 35 19.63 0.26 -2.40
N LYS A 36 19.00 0.75 -1.33
CA LYS A 36 18.15 -0.10 -0.51
C LYS A 36 16.95 0.70 -0.03
N VAL A 37 15.88 0.01 0.27
CA VAL A 37 14.65 0.66 0.71
C VAL A 37 14.69 0.92 2.22
N ILE A 38 14.31 2.12 2.62
CA ILE A 38 14.35 2.50 4.04
C ILE A 38 12.97 2.90 4.54
N VAL A 39 12.78 2.86 5.85
CA VAL A 39 11.52 3.21 6.47
C VAL A 39 11.40 4.72 6.66
N GLU A 40 10.38 5.30 6.05
CA GLU A 40 10.11 6.72 6.22
C GLU A 40 9.14 6.95 7.37
N ALA A 41 8.03 6.22 7.36
CA ALA A 41 7.00 6.39 8.37
C ALA A 41 6.31 5.08 8.70
N ALA A 42 5.92 4.94 9.96
CA ALA A 42 5.06 3.85 10.39
C ALA A 42 3.90 4.43 11.19
N VAL A 43 2.80 4.70 10.49
CA VAL A 43 1.68 5.41 11.08
C VAL A 43 0.36 4.92 10.48
N THR A 44 -0.66 4.81 11.31
CA THR A 44 -1.99 4.45 10.85
C THR A 44 -2.85 5.69 10.71
N GLN A 45 -3.91 5.62 9.93
CA GLN A 45 -4.74 6.79 9.72
C GLN A 45 -5.47 7.16 11.01
N ASP A 46 -5.62 6.17 11.88
CA ASP A 46 -6.21 6.37 13.20
C ASP A 46 -5.52 7.48 13.98
N GLN A 47 -4.19 7.45 13.97
CA GLN A 47 -3.41 8.38 14.77
C GLN A 47 -3.06 9.65 14.00
N LEU A 48 -3.27 9.68 12.69
CA LEU A 48 -2.94 10.88 11.91
C LEU A 48 -4.11 11.88 11.95
N GLY A 49 -5.28 11.40 12.39
CA GLY A 49 -6.42 12.30 12.49
C GLY A 49 -7.72 11.65 12.07
N ILE A 50 -7.63 10.54 11.35
CA ILE A 50 -8.82 9.83 10.89
C ILE A 50 -9.27 8.85 11.97
N THR A 51 -10.47 8.31 11.84
CA THR A 51 -11.02 7.41 12.84
C THR A 51 -10.20 6.13 12.97
N GLY A 52 -9.80 5.55 11.85
CA GLY A 52 -8.87 4.43 11.90
C GLY A 52 -9.28 3.24 11.06
N ASP A 53 -10.39 2.62 11.44
CA ASP A 53 -10.86 1.40 10.77
C ASP A 53 -11.28 1.70 9.32
N ASP A 54 -10.78 0.89 8.39
CA ASP A 54 -10.86 1.21 6.96
C ASP A 54 -12.30 1.32 6.44
N TYR A 55 -13.03 0.22 6.44
CA TYR A 55 -14.34 0.21 5.81
C TYR A 55 -15.45 -0.18 6.77
N ASP A 56 -15.09 -0.78 7.89
CA ASP A 56 -16.09 -1.19 8.88
C ASP A 56 -16.51 0.02 9.70
N ASP A 57 -15.55 0.91 9.91
CA ASP A 57 -15.81 2.22 10.48
C ASP A 57 -16.01 3.25 9.38
N SER A 58 -15.41 2.95 8.22
CA SER A 58 -15.51 3.76 7.02
C SER A 58 -14.60 4.99 7.10
N SER A 59 -13.32 4.74 7.38
CA SER A 59 -12.29 5.76 7.25
C SER A 59 -11.94 5.92 5.77
N LYS A 60 -12.67 5.17 4.95
CA LYS A 60 -12.64 5.24 3.50
C LYS A 60 -12.69 6.69 3.00
N ALA A 61 -13.31 7.57 3.79
CA ALA A 61 -13.43 8.98 3.44
C ALA A 61 -12.07 9.69 3.43
N ALA A 62 -11.11 9.15 4.15
CA ALA A 62 -9.78 9.75 4.25
C ALA A 62 -9.05 9.72 2.91
N PHE A 63 -9.23 8.64 2.18
CA PHE A 63 -8.54 8.44 0.91
C PHE A 63 -8.89 9.51 -0.10
N ASP A 64 -10.05 10.14 0.08
CA ASP A 64 -10.52 11.18 -0.81
C ASP A 64 -9.57 12.39 -0.81
N LYS A 65 -8.99 12.69 0.36
CA LYS A 65 -8.03 13.78 0.44
C LYS A 65 -6.61 13.30 0.13
N PHE A 66 -6.32 12.04 0.48
CA PHE A 66 -4.99 11.47 0.28
C PHE A 66 -4.54 11.54 -1.18
N VAL A 67 -5.44 11.18 -2.08
CA VAL A 67 -5.13 11.17 -3.51
C VAL A 67 -4.69 12.56 -3.99
N GLU A 68 -5.22 13.59 -3.35
CA GLU A 68 -4.87 14.97 -3.69
C GLU A 68 -3.56 15.35 -3.03
N ASP A 69 -3.45 15.01 -1.75
CA ASP A 69 -2.24 15.30 -0.99
C ASP A 69 -1.04 14.68 -1.70
N VAL A 70 -1.21 13.43 -2.12
CA VAL A 70 -0.18 12.71 -2.85
C VAL A 70 0.24 13.45 -4.11
N LYS A 71 -0.71 13.95 -4.91
CA LYS A 71 -0.33 14.57 -6.17
C LYS A 71 0.19 15.99 -5.94
N SER A 72 -0.32 16.64 -4.91
CA SER A 72 0.01 18.03 -4.63
C SER A 72 1.46 18.19 -4.17
N ARG A 73 1.94 17.25 -3.37
CA ARG A 73 3.30 17.35 -2.84
C ARG A 73 4.32 16.79 -3.83
N THR A 74 3.85 16.08 -4.84
CA THR A 74 4.75 15.45 -5.79
C THR A 74 5.17 16.43 -6.89
N ASP A 75 4.23 17.29 -7.30
CA ASP A 75 4.50 18.39 -8.23
C ASP A 75 4.84 17.90 -9.64
N ASN A 76 6.02 17.34 -9.82
CA ASN A 76 6.49 16.90 -11.15
C ASN A 76 5.99 15.51 -11.49
N LEU A 77 5.32 14.87 -10.54
CA LEU A 77 4.73 13.53 -10.74
C LEU A 77 5.79 12.49 -11.04
N THR A 78 7.04 12.78 -10.67
CA THR A 78 8.16 11.88 -10.92
C THR A 78 8.45 11.01 -9.70
N ASP A 79 7.41 10.71 -8.92
CA ASP A 79 7.59 9.96 -7.69
C ASP A 79 7.15 8.51 -7.87
N CYS A 80 7.89 7.62 -7.24
CA CYS A 80 7.55 6.21 -7.23
C CYS A 80 7.93 5.65 -5.87
N ARG A 81 7.11 4.78 -5.30
CA ARG A 81 7.40 4.26 -3.98
C ARG A 81 6.60 3.00 -3.69
N TYR A 82 6.86 2.41 -2.53
CA TYR A 82 6.13 1.25 -2.08
C TYR A 82 5.53 1.51 -0.71
N ALA A 83 4.24 1.25 -0.57
CA ALA A 83 3.56 1.42 0.69
C ALA A 83 2.69 0.20 0.95
N VAL A 84 2.70 -0.28 2.18
CA VAL A 84 1.97 -1.50 2.50
C VAL A 84 0.97 -1.26 3.62
N PHE A 85 -0.26 -1.70 3.39
CA PHE A 85 -1.32 -1.53 4.37
C PHE A 85 -2.12 -2.82 4.47
N ASP A 86 -2.57 -3.15 5.67
CA ASP A 86 -3.51 -4.25 5.83
C ASP A 86 -4.91 -3.67 5.96
N PHE A 87 -5.66 -3.69 4.87
CA PHE A 87 -6.96 -3.03 4.83
C PHE A 87 -8.09 -4.02 5.02
N LYS A 88 -9.11 -3.58 5.77
CA LYS A 88 -10.28 -4.39 6.02
C LYS A 88 -11.53 -3.71 5.48
N PHE A 89 -12.18 -4.36 4.54
CA PHE A 89 -13.33 -3.79 3.85
C PHE A 89 -14.54 -4.69 4.03
N THR A 90 -15.68 -4.22 3.57
CA THR A 90 -16.91 -5.00 3.60
C THR A 90 -17.61 -4.93 2.24
N CYS A 91 -18.01 -6.09 1.74
CA CYS A 91 -18.72 -6.16 0.47
C CYS A 91 -19.99 -6.99 0.64
N SER A 92 -21.06 -6.58 -0.05
CA SER A 92 -22.33 -7.28 0.04
C SER A 92 -22.20 -8.73 -0.45
N ARG A 93 -22.46 -9.67 0.47
CA ARG A 93 -22.41 -11.08 0.14
C ARG A 93 -23.78 -11.53 -0.34
N VAL A 94 -23.79 -12.33 -1.41
CA VAL A 94 -25.03 -12.81 -1.99
C VAL A 94 -25.81 -13.66 -1.00
N GLY A 95 -26.97 -13.17 -0.59
CA GLY A 95 -27.82 -13.91 0.32
C GLY A 95 -27.36 -13.76 1.77
N ALA A 96 -26.49 -12.81 2.02
CA ALA A 96 -25.98 -12.56 3.35
C ALA A 96 -25.70 -11.07 3.55
N GLY A 97 -24.99 -10.73 4.61
CA GLY A 97 -24.70 -9.34 4.90
C GLY A 97 -23.40 -8.88 4.28
N THR A 98 -22.68 -8.03 4.99
CA THR A 98 -21.42 -7.50 4.49
C THR A 98 -20.25 -8.42 4.84
N SER A 99 -19.59 -8.93 3.80
CA SER A 99 -18.40 -9.74 3.97
C SER A 99 -17.25 -8.87 4.46
N LYS A 100 -16.81 -9.11 5.68
CA LYS A 100 -15.74 -8.32 6.26
C LYS A 100 -14.42 -9.09 6.18
N MET A 101 -13.49 -8.57 5.38
CA MET A 101 -12.20 -9.20 5.19
C MET A 101 -11.08 -8.18 5.34
N ASP A 102 -10.00 -8.58 6.00
CA ASP A 102 -8.84 -7.72 6.18
C ASP A 102 -7.60 -8.42 5.68
N LYS A 103 -6.81 -7.73 4.86
CA LYS A 103 -5.57 -8.31 4.39
C LYS A 103 -4.62 -7.28 3.83
N ILE A 104 -3.34 -7.63 3.90
CA ILE A 104 -2.25 -6.76 3.54
C ILE A 104 -2.09 -6.65 2.03
N ILE A 105 -2.02 -5.41 1.55
CA ILE A 105 -1.85 -5.12 0.15
C ILE A 105 -0.61 -4.27 -0.10
N PHE A 106 0.14 -4.64 -1.11
CA PHE A 106 1.30 -3.87 -1.55
C PHE A 106 0.89 -2.83 -2.57
N LEU A 107 1.03 -1.57 -2.18
CA LEU A 107 0.72 -0.47 -3.07
C LEU A 107 2.00 -0.03 -3.77
N GLN A 108 2.13 -0.44 -5.04
CA GLN A 108 3.27 -0.05 -5.84
C GLN A 108 2.94 1.15 -6.72
N ILE A 109 3.57 2.29 -6.44
CA ILE A 109 3.40 3.47 -7.27
C ILE A 109 4.38 3.42 -8.43
N CYS A 110 3.85 3.21 -9.62
CA CYS A 110 4.67 3.10 -10.81
C CYS A 110 4.00 3.78 -11.99
N PRO A 111 4.23 5.10 -12.15
CA PRO A 111 3.76 5.86 -13.31
C PRO A 111 4.44 5.38 -14.60
N ASP A 112 3.67 5.25 -15.67
CA ASP A 112 4.22 4.78 -16.94
C ASP A 112 5.24 5.79 -17.47
N GLY A 113 4.79 7.04 -17.61
CA GLY A 113 5.65 8.09 -18.11
C GLY A 113 6.50 8.71 -17.01
N ALA A 114 7.06 7.86 -16.18
CA ALA A 114 7.90 8.30 -15.08
C ALA A 114 9.37 8.10 -15.41
N SER A 115 10.23 8.53 -14.51
CA SER A 115 11.67 8.44 -14.70
C SER A 115 12.09 6.98 -14.72
N ILE A 116 12.37 6.47 -15.91
CA ILE A 116 12.65 5.05 -16.12
C ILE A 116 13.75 4.53 -15.21
N LYS A 117 14.83 5.29 -15.05
CA LYS A 117 15.97 4.80 -14.29
C LYS A 117 15.65 4.68 -12.80
N LYS A 118 15.13 5.73 -12.19
CA LYS A 118 14.80 5.69 -10.77
C LYS A 118 13.62 4.75 -10.53
N LYS A 119 12.70 4.71 -11.48
CA LYS A 119 11.55 3.84 -11.36
C LYS A 119 11.96 2.38 -11.53
N MET A 120 13.00 2.18 -12.34
CA MET A 120 13.53 0.84 -12.57
C MET A 120 14.13 0.29 -11.29
N VAL A 121 14.69 1.18 -10.47
CA VAL A 121 15.22 0.81 -9.16
C VAL A 121 14.09 0.32 -8.27
N TYR A 122 13.01 1.08 -8.22
CA TYR A 122 11.83 0.70 -7.44
C TYR A 122 11.24 -0.60 -7.96
N ALA A 123 11.20 -0.77 -9.29
CA ALA A 123 10.73 -2.00 -9.90
C ALA A 123 11.58 -3.20 -9.42
N SER A 124 12.85 -2.94 -9.18
CA SER A 124 13.76 -3.96 -8.67
C SER A 124 13.53 -4.20 -7.18
N SER A 125 12.86 -3.24 -6.54
CA SER A 125 12.59 -3.33 -5.11
C SER A 125 11.39 -4.23 -4.85
N ALA A 126 10.44 -4.28 -5.80
CA ALA A 126 9.29 -5.17 -5.69
C ALA A 126 9.72 -6.61 -5.42
N ALA A 127 10.73 -7.05 -6.16
CA ALA A 127 11.27 -8.40 -5.99
C ALA A 127 11.90 -8.55 -4.61
N ALA A 128 12.67 -7.55 -4.20
CA ALA A 128 13.37 -7.59 -2.93
C ALA A 128 12.41 -7.60 -1.75
N ILE A 129 11.48 -6.64 -1.73
CA ILE A 129 10.56 -6.48 -0.61
C ILE A 129 9.68 -7.72 -0.46
N LYS A 130 9.36 -8.35 -1.58
CA LYS A 130 8.55 -9.55 -1.58
C LYS A 130 9.35 -10.73 -1.04
N THR A 131 10.62 -10.80 -1.44
CA THR A 131 11.49 -11.88 -1.02
C THR A 131 11.79 -11.79 0.48
N SER A 132 12.01 -10.56 0.96
CA SER A 132 12.32 -10.35 2.37
C SER A 132 11.13 -10.70 3.25
N LEU A 133 9.92 -10.60 2.71
CA LEU A 133 8.73 -10.94 3.46
C LEU A 133 8.29 -12.37 3.18
N GLY A 134 8.82 -12.94 2.10
CA GLY A 134 8.49 -14.31 1.74
C GLY A 134 7.06 -14.44 1.24
N THR A 135 6.53 -13.34 0.71
CA THR A 135 5.15 -13.26 0.27
C THR A 135 4.19 -13.33 1.47
N GLY A 136 3.99 -14.53 2.01
CA GLY A 136 3.09 -14.70 3.15
C GLY A 136 1.64 -14.43 2.80
N LYS A 137 1.28 -14.72 1.54
CA LYS A 137 -0.06 -14.45 1.01
C LYS A 137 -0.37 -12.95 1.07
N ILE A 138 -0.08 -12.26 -0.02
CA ILE A 138 -0.30 -10.83 -0.10
C ILE A 138 -0.94 -10.46 -1.43
N LEU A 139 -1.40 -9.22 -1.54
CA LEU A 139 -1.95 -8.71 -2.78
C LEU A 139 -1.10 -7.54 -3.24
N GLN A 140 -0.97 -7.37 -4.55
CA GLN A 140 -0.13 -6.31 -5.09
C GLN A 140 -0.83 -5.65 -6.28
N PHE A 141 -0.85 -4.34 -6.27
CA PHE A 141 -1.45 -3.58 -7.36
C PHE A 141 -0.57 -2.39 -7.72
N GLN A 142 -0.51 -2.08 -9.01
CA GLN A 142 0.31 -0.99 -9.50
C GLN A 142 -0.56 0.22 -9.82
N VAL A 143 -0.24 1.35 -9.23
CA VAL A 143 -0.99 2.57 -9.49
C VAL A 143 -0.09 3.61 -10.16
N SER A 144 -0.66 4.32 -11.12
CA SER A 144 0.07 5.36 -11.82
C SER A 144 -0.68 6.69 -11.68
N ASP A 145 -2.00 6.60 -11.64
CA ASP A 145 -2.85 7.78 -11.52
C ASP A 145 -3.47 7.85 -10.13
N GLU A 146 -3.83 9.06 -9.69
CA GLU A 146 -4.34 9.25 -8.34
C GLU A 146 -5.75 8.68 -8.17
N SER A 147 -6.47 8.52 -9.26
CA SER A 147 -7.81 7.93 -9.21
C SER A 147 -7.71 6.42 -8.97
N GLU A 148 -6.54 5.85 -9.21
CA GLU A 148 -6.33 4.42 -9.03
C GLU A 148 -5.98 4.10 -7.59
N MET A 149 -5.46 5.09 -6.87
CA MET A 149 -5.08 4.89 -5.47
C MET A 149 -6.21 5.36 -4.56
N SER A 150 -7.38 5.55 -5.13
CA SER A 150 -8.56 5.97 -4.39
C SER A 150 -9.21 4.78 -3.69
N HIS A 151 -10.12 5.07 -2.77
CA HIS A 151 -10.70 4.04 -1.90
C HIS A 151 -11.50 3.00 -2.66
N LYS A 152 -12.10 3.38 -3.79
CA LYS A 152 -12.88 2.43 -4.58
C LYS A 152 -12.00 1.34 -5.16
N GLU A 153 -10.86 1.73 -5.71
CA GLU A 153 -9.98 0.77 -6.37
C GLU A 153 -9.28 -0.14 -5.38
N LEU A 154 -9.01 0.35 -4.17
CA LEU A 154 -8.40 -0.49 -3.14
C LEU A 154 -9.35 -1.63 -2.78
N LEU A 155 -10.61 -1.28 -2.59
CA LEU A 155 -11.65 -2.28 -2.34
C LEU A 155 -11.79 -3.19 -3.55
N ASN A 156 -11.72 -2.59 -4.74
CA ASN A 156 -11.86 -3.33 -5.99
C ASN A 156 -10.85 -4.48 -6.07
N LYS A 157 -9.56 -4.16 -5.92
CA LYS A 157 -8.51 -5.17 -6.07
C LYS A 157 -8.57 -6.18 -4.92
N LEU A 158 -8.85 -5.69 -3.73
CA LEU A 158 -8.92 -6.54 -2.55
C LEU A 158 -10.18 -7.40 -2.60
N GLY A 159 -11.11 -7.04 -3.46
CA GLY A 159 -12.33 -7.79 -3.62
C GLY A 159 -12.23 -8.82 -4.73
N GLU A 160 -11.68 -8.43 -5.87
CA GLU A 160 -11.60 -9.30 -7.02
C GLU A 160 -10.59 -10.43 -6.80
N LYS A 161 -9.78 -10.30 -5.76
CA LYS A 161 -8.79 -11.32 -5.45
C LYS A 161 -9.43 -12.56 -4.83
N TYR A 162 -10.66 -12.43 -4.32
CA TYR A 162 -11.35 -13.56 -3.72
C TYR A 162 -12.69 -13.84 -4.41
N GLY A 163 -13.26 -12.82 -5.03
CA GLY A 163 -14.59 -12.97 -5.58
C GLY A 163 -14.71 -12.48 -7.01
N ASP A 164 -15.93 -12.12 -7.38
CA ASP A 164 -16.22 -11.69 -8.74
C ASP A 164 -15.92 -10.20 -8.92
N HIS A 165 -15.48 -9.84 -10.10
CA HIS A 165 -15.19 -8.45 -10.41
C HIS A 165 -16.01 -8.00 -11.61
N MET A 1 20.22 0.10 -11.46
CA MET A 1 18.75 0.09 -11.32
C MET A 1 18.30 -1.19 -10.62
N SER A 2 18.21 -2.28 -11.35
CA SER A 2 17.92 -3.56 -10.74
C SER A 2 19.23 -4.21 -10.32
N SER A 3 19.89 -3.55 -9.38
CA SER A 3 21.22 -3.95 -8.95
C SER A 3 21.13 -4.88 -7.75
N GLY A 4 19.94 -5.40 -7.50
CA GLY A 4 19.73 -6.21 -6.34
C GLY A 4 19.37 -5.36 -5.15
N VAL A 5 18.19 -4.75 -5.23
CA VAL A 5 17.72 -3.85 -4.19
C VAL A 5 17.70 -4.58 -2.85
N MET A 6 18.34 -3.97 -1.87
CA MET A 6 18.42 -4.56 -0.55
C MET A 6 17.37 -3.93 0.34
N VAL A 7 17.03 -4.62 1.41
CA VAL A 7 16.04 -4.11 2.34
C VAL A 7 16.71 -3.71 3.65
N ASP A 8 16.41 -2.52 4.14
CA ASP A 8 16.90 -2.10 5.46
C ASP A 8 16.37 -3.04 6.52
N PRO A 9 17.22 -3.45 7.48
CA PRO A 9 16.86 -4.42 8.52
C PRO A 9 15.51 -4.15 9.19
N ASP A 10 15.11 -2.89 9.26
CA ASP A 10 13.89 -2.53 9.99
C ASP A 10 12.63 -2.75 9.15
N VAL A 11 12.77 -2.93 7.83
CA VAL A 11 11.59 -3.04 6.96
C VAL A 11 10.70 -4.20 7.38
N GLN A 12 11.29 -5.39 7.56
CA GLN A 12 10.53 -6.57 7.93
C GLN A 12 10.11 -6.48 9.40
N THR A 13 10.89 -5.75 10.17
CA THR A 13 10.55 -5.50 11.56
C THR A 13 9.27 -4.67 11.64
N SER A 14 9.17 -3.67 10.76
CA SER A 14 7.98 -2.83 10.68
C SER A 14 6.80 -3.60 10.10
N PHE A 15 7.08 -4.59 9.25
CA PHE A 15 6.03 -5.49 8.78
C PHE A 15 5.37 -6.20 9.96
N GLN A 16 6.20 -6.91 10.74
CA GLN A 16 5.73 -7.62 11.92
C GLN A 16 5.15 -6.63 12.93
N LYS A 17 5.79 -5.47 13.03
CA LYS A 17 5.42 -4.41 13.97
C LYS A 17 3.91 -4.15 13.97
N LEU A 18 3.32 -3.97 12.80
CA LEU A 18 1.90 -3.67 12.70
C LEU A 18 1.08 -4.96 12.66
N SER A 19 1.62 -6.00 12.01
CA SER A 19 0.88 -7.23 11.78
C SER A 19 0.64 -8.01 13.07
N GLU A 20 1.59 -7.99 13.99
CA GLU A 20 1.47 -8.77 15.21
C GLU A 20 0.65 -8.01 16.26
N GLY A 21 0.40 -6.74 16.00
CA GLY A 21 -0.54 -5.99 16.82
C GLY A 21 -1.96 -6.33 16.43
N ARG A 22 -2.50 -5.58 15.47
CA ARG A 22 -3.70 -6.00 14.77
C ARG A 22 -3.31 -6.41 13.36
N LYS A 23 -3.00 -5.37 12.57
CA LYS A 23 -2.45 -5.44 11.20
C LYS A 23 -3.11 -4.38 10.31
N GLU A 24 -4.39 -4.10 10.58
CA GLU A 24 -5.08 -3.01 9.91
C GLU A 24 -4.79 -1.70 10.64
N TYR A 25 -3.98 -1.83 11.68
CA TYR A 25 -3.64 -0.71 12.54
C TYR A 25 -2.22 -0.27 12.27
N ARG A 26 -2.05 1.02 11.99
CA ARG A 26 -0.74 1.62 11.72
C ARG A 26 -0.18 1.10 10.41
N TYR A 27 0.00 2.01 9.45
CA TYR A 27 0.45 1.60 8.13
C TYR A 27 1.91 1.94 7.94
N ILE A 28 2.51 1.42 6.88
CA ILE A 28 3.94 1.54 6.69
C ILE A 28 4.29 1.97 5.26
N ILE A 29 5.25 2.89 5.16
CA ILE A 29 5.68 3.41 3.86
C ILE A 29 7.16 3.07 3.64
N PHE A 30 7.49 2.62 2.44
CA PHE A 30 8.86 2.27 2.10
C PHE A 30 9.39 3.18 1.00
N LYS A 31 10.62 3.64 1.15
CA LYS A 31 11.23 4.57 0.22
C LYS A 31 12.57 4.02 -0.25
N ILE A 32 13.06 4.54 -1.37
CA ILE A 32 14.37 4.17 -1.87
C ILE A 32 15.40 5.22 -1.50
N ASP A 33 16.43 4.78 -0.79
CA ASP A 33 17.57 5.62 -0.47
C ASP A 33 18.82 4.92 -0.98
N GLU A 34 19.76 5.68 -1.53
CA GLU A 34 20.94 5.09 -2.17
C GLU A 34 20.52 4.19 -3.33
N ASN A 35 20.45 2.88 -3.05
CA ASN A 35 20.02 1.90 -4.04
C ASN A 35 19.29 0.75 -3.34
N LYS A 36 18.77 1.01 -2.15
CA LYS A 36 18.07 -0.01 -1.40
C LYS A 36 16.80 0.56 -0.78
N VAL A 37 15.87 -0.30 -0.43
CA VAL A 37 14.58 0.13 0.10
C VAL A 37 14.61 0.19 1.62
N ILE A 38 14.13 1.30 2.16
CA ILE A 38 14.10 1.53 3.60
C ILE A 38 12.70 1.90 4.05
N VAL A 39 12.51 1.95 5.37
CA VAL A 39 11.26 2.40 5.93
C VAL A 39 11.25 3.92 6.04
N GLU A 40 10.31 4.57 5.36
CA GLU A 40 10.21 6.02 5.39
C GLU A 40 9.37 6.46 6.58
N ALA A 41 8.19 5.88 6.71
CA ALA A 41 7.23 6.33 7.70
C ALA A 41 6.30 5.21 8.12
N ALA A 42 5.82 5.28 9.35
CA ALA A 42 4.79 4.37 9.82
C ALA A 42 3.55 5.17 10.17
N VAL A 43 2.85 5.62 9.15
CA VAL A 43 1.72 6.51 9.31
C VAL A 43 0.44 5.73 9.58
N THR A 44 -0.19 6.02 10.71
CA THR A 44 -1.47 5.41 11.04
C THR A 44 -2.54 6.48 11.09
N GLN A 45 -3.76 6.09 10.74
CA GLN A 45 -4.87 7.01 10.71
C GLN A 45 -5.46 7.21 12.11
N ASP A 46 -5.16 6.28 13.01
CA ASP A 46 -5.72 6.33 14.37
C ASP A 46 -5.16 7.53 15.13
N GLN A 47 -3.84 7.75 15.03
CA GLN A 47 -3.23 8.93 15.65
C GLN A 47 -3.48 10.15 14.77
N LEU A 48 -3.73 9.89 13.49
CA LEU A 48 -3.99 10.94 12.51
C LEU A 48 -5.28 11.67 12.83
N GLY A 49 -6.15 11.03 13.61
CA GLY A 49 -7.39 11.65 14.02
C GLY A 49 -8.60 11.01 13.37
N ILE A 50 -8.37 9.90 12.68
CA ILE A 50 -9.45 9.19 12.04
C ILE A 50 -10.01 8.14 13.00
N THR A 51 -11.10 7.50 12.65
CA THR A 51 -11.81 6.62 13.56
C THR A 51 -11.06 5.32 13.85
N GLY A 52 -10.94 4.43 12.86
CA GLY A 52 -10.31 3.14 13.13
C GLY A 52 -9.94 2.36 11.90
N ASP A 53 -10.93 1.75 11.26
CA ASP A 53 -10.67 0.88 10.11
C ASP A 53 -11.13 1.53 8.81
N ASP A 54 -10.34 1.36 7.75
CA ASP A 54 -10.60 2.04 6.48
C ASP A 54 -11.98 1.72 5.91
N TYR A 55 -12.24 0.46 5.56
CA TYR A 55 -13.49 0.14 4.89
C TYR A 55 -14.47 -0.53 5.83
N ASP A 56 -13.95 -1.06 6.92
CA ASP A 56 -14.77 -1.76 7.89
C ASP A 56 -15.42 -0.78 8.87
N ASP A 57 -14.77 0.35 9.05
CA ASP A 57 -15.24 1.39 9.97
C ASP A 57 -15.38 2.72 9.23
N SER A 58 -15.28 2.64 7.91
CA SER A 58 -15.34 3.80 7.02
C SER A 58 -14.42 4.94 7.47
N SER A 59 -13.12 4.69 7.35
CA SER A 59 -12.12 5.71 7.62
C SER A 59 -11.47 6.13 6.30
N LYS A 60 -12.08 5.65 5.21
CA LYS A 60 -11.63 5.89 3.84
C LYS A 60 -11.40 7.37 3.55
N ALA A 61 -12.10 8.24 4.27
CA ALA A 61 -11.96 9.69 4.10
C ALA A 61 -10.51 10.13 4.20
N ALA A 62 -9.74 9.41 5.01
CA ALA A 62 -8.32 9.69 5.16
C ALA A 62 -7.59 9.46 3.84
N PHE A 63 -7.82 8.29 3.24
CA PHE A 63 -7.16 7.94 1.98
C PHE A 63 -7.76 8.73 0.83
N ASP A 64 -8.99 9.18 1.03
CA ASP A 64 -9.71 9.95 0.04
C ASP A 64 -9.00 11.29 -0.21
N LYS A 65 -8.68 11.99 0.86
CA LYS A 65 -8.01 13.28 0.75
C LYS A 65 -6.52 13.08 0.48
N PHE A 66 -6.01 11.88 0.71
CA PHE A 66 -4.60 11.59 0.46
C PHE A 66 -4.25 11.75 -1.00
N VAL A 67 -5.20 11.52 -1.90
CA VAL A 67 -4.95 11.70 -3.33
C VAL A 67 -4.59 13.15 -3.63
N GLU A 68 -5.04 14.06 -2.76
CA GLU A 68 -4.70 15.48 -2.87
C GLU A 68 -3.36 15.74 -2.21
N ASP A 69 -3.28 15.40 -0.92
CA ASP A 69 -2.07 15.59 -0.11
C ASP A 69 -0.85 15.09 -0.86
N VAL A 70 -1.01 13.94 -1.50
CA VAL A 70 0.05 13.37 -2.30
C VAL A 70 0.40 14.23 -3.50
N LYS A 71 -0.60 14.58 -4.33
CA LYS A 71 -0.25 15.16 -5.63
C LYS A 71 0.22 16.60 -5.51
N SER A 72 -0.15 17.25 -4.41
CA SER A 72 0.33 18.61 -4.12
C SER A 72 1.86 18.63 -4.09
N ARG A 73 2.44 17.74 -3.31
CA ARG A 73 3.90 17.67 -3.17
C ARG A 73 4.52 16.80 -4.27
N THR A 74 3.68 16.17 -5.08
CA THR A 74 4.16 15.30 -6.14
C THR A 74 4.53 16.10 -7.39
N ASP A 75 3.77 17.17 -7.65
CA ASP A 75 4.12 18.16 -8.68
C ASP A 75 3.99 17.61 -10.11
N ASN A 76 5.00 16.88 -10.56
CA ASN A 76 5.07 16.42 -11.94
C ASN A 76 4.70 14.94 -12.06
N LEU A 77 4.19 14.39 -10.96
CA LEU A 77 3.85 12.96 -10.88
C LEU A 77 5.12 12.12 -10.94
N THR A 78 6.22 12.71 -10.47
CA THR A 78 7.50 12.04 -10.42
C THR A 78 7.60 11.18 -9.16
N ASP A 79 6.47 10.99 -8.49
CA ASP A 79 6.42 10.25 -7.23
C ASP A 79 6.50 8.75 -7.48
N CYS A 80 7.23 8.07 -6.63
CA CYS A 80 7.35 6.63 -6.69
C CYS A 80 7.74 6.11 -5.32
N ARG A 81 7.07 5.06 -4.88
CA ARG A 81 7.27 4.53 -3.54
C ARG A 81 6.68 3.14 -3.41
N TYR A 82 7.05 2.45 -2.34
CA TYR A 82 6.46 1.16 -2.03
C TYR A 82 5.60 1.32 -0.78
N ALA A 83 4.36 0.89 -0.85
CA ALA A 83 3.44 1.07 0.27
C ALA A 83 2.81 -0.25 0.67
N VAL A 84 2.61 -0.45 1.95
CA VAL A 84 2.01 -1.67 2.46
C VAL A 84 0.89 -1.35 3.44
N PHE A 85 -0.30 -1.84 3.13
CA PHE A 85 -1.44 -1.63 3.99
C PHE A 85 -2.22 -2.92 4.13
N ASP A 86 -2.39 -3.40 5.35
CA ASP A 86 -3.32 -4.49 5.55
C ASP A 86 -4.70 -3.88 5.76
N PHE A 87 -5.49 -3.86 4.70
CA PHE A 87 -6.77 -3.20 4.76
C PHE A 87 -7.89 -4.21 4.61
N LYS A 88 -8.98 -3.97 5.30
CA LYS A 88 -10.11 -4.86 5.23
C LYS A 88 -11.36 -4.13 4.81
N PHE A 89 -12.26 -4.88 4.21
CA PHE A 89 -13.52 -4.36 3.73
C PHE A 89 -14.57 -5.43 3.87
N THR A 90 -15.76 -5.15 3.41
CA THR A 90 -16.87 -6.07 3.58
C THR A 90 -17.55 -6.36 2.26
N CYS A 91 -17.75 -7.63 1.98
CA CYS A 91 -18.52 -8.05 0.83
C CYS A 91 -19.95 -8.34 1.27
N SER A 92 -20.90 -7.67 0.65
CA SER A 92 -22.29 -7.87 0.99
C SER A 92 -22.81 -9.12 0.28
N ARG A 93 -23.16 -10.12 1.07
CA ARG A 93 -23.65 -11.39 0.54
C ARG A 93 -24.98 -11.16 -0.16
N VAL A 94 -25.15 -11.77 -1.31
CA VAL A 94 -26.39 -11.63 -2.07
C VAL A 94 -27.56 -12.11 -1.22
N GLY A 95 -28.42 -11.18 -0.84
CA GLY A 95 -29.58 -11.52 -0.03
C GLY A 95 -29.23 -11.87 1.41
N ALA A 96 -28.07 -11.41 1.88
CA ALA A 96 -27.65 -11.71 3.24
C ALA A 96 -26.85 -10.54 3.83
N GLY A 97 -26.12 -10.80 4.90
CA GLY A 97 -25.37 -9.77 5.58
C GLY A 97 -24.02 -9.48 4.96
N THR A 98 -23.10 -8.97 5.75
CA THR A 98 -21.79 -8.59 5.26
C THR A 98 -20.72 -9.56 5.72
N SER A 99 -19.78 -9.86 4.84
CA SER A 99 -18.62 -10.67 5.21
C SER A 99 -17.36 -9.84 5.04
N LYS A 100 -16.65 -9.61 6.13
CA LYS A 100 -15.40 -8.88 6.04
C LYS A 100 -14.31 -9.77 5.48
N MET A 101 -13.38 -9.19 4.76
CA MET A 101 -12.20 -9.90 4.31
C MET A 101 -11.02 -8.96 4.27
N ASP A 102 -9.95 -9.39 4.89
CA ASP A 102 -8.79 -8.55 5.11
C ASP A 102 -7.55 -9.21 4.53
N LYS A 103 -6.65 -8.40 3.99
CA LYS A 103 -5.39 -8.91 3.47
C LYS A 103 -4.41 -7.77 3.23
N ILE A 104 -3.18 -7.99 3.65
CA ILE A 104 -2.08 -7.06 3.42
C ILE A 104 -1.87 -6.83 1.93
N ILE A 105 -1.98 -5.59 1.50
CA ILE A 105 -1.81 -5.25 0.09
C ILE A 105 -0.48 -4.57 -0.13
N PHE A 106 0.18 -4.96 -1.20
CA PHE A 106 1.43 -4.35 -1.58
C PHE A 106 1.21 -3.36 -2.71
N LEU A 107 1.34 -2.09 -2.39
CA LEU A 107 1.08 -1.02 -3.33
C LEU A 107 2.36 -0.62 -4.04
N GLN A 108 2.48 -1.04 -5.29
CA GLN A 108 3.61 -0.69 -6.12
C GLN A 108 3.22 0.44 -7.06
N ILE A 109 3.60 1.65 -6.71
CA ILE A 109 3.26 2.81 -7.51
C ILE A 109 4.34 3.06 -8.56
N CYS A 110 4.03 2.72 -9.80
CA CYS A 110 4.96 2.93 -10.91
C CYS A 110 4.31 3.75 -12.02
N PRO A 111 4.29 5.08 -11.89
CA PRO A 111 3.81 5.99 -12.93
C PRO A 111 4.47 5.70 -14.28
N ASP A 112 3.65 5.48 -15.30
CA ASP A 112 4.18 5.13 -16.62
C ASP A 112 5.04 6.28 -17.13
N GLY A 113 4.47 7.48 -17.12
CA GLY A 113 5.21 8.66 -17.50
C GLY A 113 5.98 9.23 -16.33
N ALA A 114 6.96 8.49 -15.86
CA ALA A 114 7.79 8.91 -14.74
C ALA A 114 9.23 8.59 -15.00
N SER A 115 10.09 8.98 -14.07
CA SER A 115 11.53 8.80 -14.22
C SER A 115 11.89 7.32 -14.17
N ILE A 116 12.01 6.70 -15.34
CA ILE A 116 12.18 5.25 -15.47
C ILE A 116 13.40 4.74 -14.70
N LYS A 117 14.46 5.54 -14.68
CA LYS A 117 15.72 5.14 -14.05
C LYS A 117 15.52 4.78 -12.57
N LYS A 118 14.96 5.72 -11.81
CA LYS A 118 14.74 5.48 -10.39
C LYS A 118 13.45 4.72 -10.16
N LYS A 119 12.53 4.83 -11.12
CA LYS A 119 11.26 4.11 -11.04
C LYS A 119 11.51 2.60 -11.16
N MET A 120 12.50 2.25 -11.97
CA MET A 120 12.88 0.86 -12.16
C MET A 120 13.46 0.30 -10.86
N VAL A 121 14.14 1.17 -10.11
CA VAL A 121 14.67 0.80 -8.80
C VAL A 121 13.53 0.49 -7.84
N TYR A 122 12.49 1.31 -7.88
CA TYR A 122 11.30 1.08 -7.06
C TYR A 122 10.56 -0.18 -7.50
N ALA A 123 10.58 -0.46 -8.80
CA ALA A 123 9.99 -1.69 -9.31
C ALA A 123 10.78 -2.90 -8.82
N SER A 124 12.09 -2.72 -8.67
CA SER A 124 12.94 -3.77 -8.14
C SER A 124 12.74 -3.93 -6.64
N SER A 125 12.13 -2.92 -6.01
CA SER A 125 11.83 -2.99 -4.59
C SER A 125 10.76 -4.03 -4.32
N ALA A 126 9.89 -4.23 -5.31
CA ALA A 126 8.87 -5.27 -5.24
C ALA A 126 9.54 -6.64 -5.14
N ALA A 127 10.58 -6.83 -5.94
CA ALA A 127 11.34 -8.07 -5.92
C ALA A 127 12.05 -8.23 -4.58
N ALA A 128 12.61 -7.13 -4.08
CA ALA A 128 13.30 -7.13 -2.78
C ALA A 128 12.34 -7.53 -1.67
N ILE A 129 11.20 -6.87 -1.60
CA ILE A 129 10.18 -7.16 -0.60
C ILE A 129 9.66 -8.59 -0.75
N LYS A 130 9.57 -9.07 -1.99
CA LYS A 130 9.11 -10.42 -2.24
C LYS A 130 10.16 -11.43 -1.78
N THR A 131 11.42 -11.11 -1.99
CA THR A 131 12.52 -12.01 -1.66
C THR A 131 12.74 -12.09 -0.15
N SER A 132 12.61 -10.95 0.52
CA SER A 132 12.87 -10.88 1.94
C SER A 132 11.81 -11.64 2.75
N LEU A 133 10.53 -11.34 2.51
CA LEU A 133 9.46 -11.98 3.27
C LEU A 133 9.06 -13.32 2.66
N GLY A 134 9.24 -13.45 1.35
CA GLY A 134 8.87 -14.69 0.66
C GLY A 134 7.44 -15.10 0.95
N THR A 135 6.51 -14.15 0.86
CA THR A 135 5.12 -14.37 1.25
C THR A 135 4.46 -15.47 0.41
N GLY A 136 4.27 -15.18 -0.88
CA GLY A 136 3.67 -16.16 -1.78
C GLY A 136 2.17 -15.98 -1.93
N LYS A 137 1.53 -15.46 -0.88
CA LYS A 137 0.10 -15.16 -0.94
C LYS A 137 -0.11 -13.69 -0.60
N ILE A 138 -0.39 -12.90 -1.63
CA ILE A 138 -0.48 -11.45 -1.48
C ILE A 138 -1.44 -10.84 -2.50
N LEU A 139 -1.79 -9.58 -2.27
CA LEU A 139 -2.49 -8.80 -3.27
C LEU A 139 -1.66 -7.57 -3.61
N GLN A 140 -0.95 -7.64 -4.71
CA GLN A 140 -0.09 -6.56 -5.14
C GLN A 140 -0.67 -5.90 -6.38
N PHE A 141 -1.09 -4.66 -6.24
CA PHE A 141 -1.66 -3.93 -7.35
C PHE A 141 -0.75 -2.77 -7.73
N GLN A 142 -0.34 -2.75 -8.98
CA GLN A 142 0.56 -1.71 -9.47
C GLN A 142 -0.21 -0.64 -10.20
N VAL A 143 -0.33 0.51 -9.57
CA VAL A 143 -1.06 1.63 -10.14
C VAL A 143 -0.13 2.78 -10.44
N SER A 144 -0.59 3.71 -11.26
CA SER A 144 0.20 4.87 -11.62
C SER A 144 -0.65 6.14 -11.55
N ASP A 145 -1.87 6.00 -11.06
CA ASP A 145 -2.80 7.12 -11.00
C ASP A 145 -3.47 7.20 -9.63
N GLU A 146 -3.90 8.40 -9.24
CA GLU A 146 -4.49 8.64 -7.94
C GLU A 146 -5.87 7.99 -7.81
N SER A 147 -6.60 7.89 -8.92
CA SER A 147 -7.94 7.32 -8.89
C SER A 147 -7.85 5.80 -8.80
N GLU A 148 -6.75 5.24 -9.27
CA GLU A 148 -6.53 3.80 -9.22
C GLU A 148 -6.10 3.36 -7.82
N MET A 149 -5.56 4.28 -7.04
CA MET A 149 -5.14 3.97 -5.68
C MET A 149 -6.16 4.48 -4.67
N SER A 150 -7.33 4.84 -5.16
CA SER A 150 -8.40 5.33 -4.30
C SER A 150 -9.06 4.19 -3.53
N HIS A 151 -9.67 4.50 -2.40
CA HIS A 151 -10.27 3.49 -1.51
C HIS A 151 -11.29 2.61 -2.23
N LYS A 152 -12.06 3.19 -3.14
CA LYS A 152 -13.02 2.41 -3.92
C LYS A 152 -12.31 1.33 -4.73
N GLU A 153 -11.16 1.69 -5.29
CA GLU A 153 -10.41 0.77 -6.13
C GLU A 153 -9.62 -0.25 -5.30
N LEU A 154 -9.28 0.10 -4.06
CA LEU A 154 -8.60 -0.84 -3.18
C LEU A 154 -9.46 -2.08 -3.00
N LEU A 155 -10.75 -1.84 -2.81
CA LEU A 155 -11.72 -2.91 -2.69
C LEU A 155 -11.79 -3.67 -4.02
N ASN A 156 -11.89 -2.92 -5.11
CA ASN A 156 -12.02 -3.52 -6.43
C ASN A 156 -10.83 -4.44 -6.74
N LYS A 157 -9.63 -3.89 -6.61
CA LYS A 157 -8.40 -4.63 -6.89
C LYS A 157 -8.33 -5.92 -6.11
N LEU A 158 -8.58 -5.81 -4.83
CA LEU A 158 -8.47 -6.96 -3.94
C LEU A 158 -9.60 -7.96 -4.20
N GLY A 159 -10.78 -7.45 -4.51
CA GLY A 159 -11.94 -8.30 -4.70
C GLY A 159 -12.00 -8.96 -6.07
N GLU A 160 -11.62 -8.22 -7.12
CA GLU A 160 -11.80 -8.68 -8.50
C GLU A 160 -11.08 -9.99 -8.78
N LYS A 161 -9.97 -10.24 -8.10
CA LYS A 161 -9.20 -11.47 -8.34
C LYS A 161 -9.93 -12.68 -7.77
N TYR A 162 -10.82 -12.44 -6.81
CA TYR A 162 -11.62 -13.51 -6.24
C TYR A 162 -13.01 -13.58 -6.87
N GLY A 163 -13.61 -12.42 -7.07
CA GLY A 163 -14.98 -12.37 -7.53
C GLY A 163 -15.13 -12.07 -9.01
N ASP A 164 -15.56 -10.86 -9.31
CA ASP A 164 -15.86 -10.48 -10.69
C ASP A 164 -14.72 -9.72 -11.31
N HIS A 165 -14.27 -10.18 -12.47
CA HIS A 165 -13.20 -9.54 -13.21
C HIS A 165 -13.48 -9.60 -14.70
N MET A 1 19.45 0.07 -11.56
CA MET A 1 18.37 -0.81 -12.06
C MET A 1 18.28 -2.07 -11.20
N SER A 2 17.80 -3.17 -11.78
CA SER A 2 17.71 -4.43 -11.06
C SER A 2 19.10 -4.99 -10.77
N SER A 3 19.68 -4.57 -9.66
CA SER A 3 21.03 -5.01 -9.28
C SER A 3 21.01 -5.62 -7.88
N GLY A 4 19.83 -5.98 -7.42
CA GLY A 4 19.70 -6.52 -6.08
C GLY A 4 19.29 -5.45 -5.09
N VAL A 5 18.23 -4.72 -5.43
CA VAL A 5 17.69 -3.70 -4.54
C VAL A 5 17.24 -4.34 -3.25
N MET A 6 17.78 -3.85 -2.13
CA MET A 6 17.53 -4.46 -0.84
C MET A 6 16.48 -3.70 -0.06
N VAL A 7 16.04 -4.31 1.03
CA VAL A 7 15.15 -3.66 1.96
C VAL A 7 15.84 -3.54 3.32
N ASP A 8 16.00 -2.31 3.80
CA ASP A 8 16.59 -2.10 5.12
C ASP A 8 15.76 -2.79 6.19
N PRO A 9 16.43 -3.36 7.23
CA PRO A 9 15.79 -4.18 8.26
C PRO A 9 14.54 -3.53 8.87
N ASP A 10 14.51 -2.20 8.93
CA ASP A 10 13.38 -1.47 9.50
C ASP A 10 12.08 -1.78 8.74
N VAL A 11 12.20 -2.06 7.44
CA VAL A 11 11.05 -2.39 6.61
C VAL A 11 10.33 -3.61 7.16
N GLN A 12 11.04 -4.74 7.20
CA GLN A 12 10.48 -5.99 7.70
C GLN A 12 10.14 -5.90 9.18
N THR A 13 10.90 -5.10 9.92
CA THR A 13 10.63 -4.89 11.35
C THR A 13 9.27 -4.24 11.55
N SER A 14 8.97 -3.24 10.73
CA SER A 14 7.68 -2.56 10.80
C SER A 14 6.56 -3.52 10.41
N PHE A 15 6.83 -4.38 9.43
CA PHE A 15 5.88 -5.38 8.99
C PHE A 15 5.55 -6.37 10.11
N GLN A 16 6.52 -6.63 10.97
CA GLN A 16 6.33 -7.53 12.09
C GLN A 16 5.36 -6.94 13.10
N LYS A 17 5.67 -5.73 13.57
CA LYS A 17 4.86 -5.11 14.62
C LYS A 17 3.47 -4.72 14.10
N LEU A 18 3.35 -4.57 12.79
CA LEU A 18 2.04 -4.43 12.17
C LEU A 18 1.24 -5.71 12.35
N SER A 19 1.74 -6.79 11.76
CA SER A 19 1.00 -8.05 11.69
C SER A 19 0.84 -8.71 13.06
N GLU A 20 1.79 -8.52 13.97
CA GLU A 20 1.79 -9.24 15.24
C GLU A 20 0.62 -8.84 16.15
N GLY A 21 0.21 -7.57 16.10
CA GLY A 21 -0.81 -7.13 17.03
C GLY A 21 -1.73 -6.05 16.50
N ARG A 22 -1.43 -5.50 15.33
CA ARG A 22 -2.26 -4.43 14.78
C ARG A 22 -3.03 -4.91 13.56
N LYS A 23 -2.31 -5.39 12.56
CA LYS A 23 -2.87 -5.87 11.30
C LYS A 23 -3.44 -4.72 10.47
N GLU A 24 -4.57 -4.18 10.89
CA GLU A 24 -5.21 -3.10 10.15
C GLU A 24 -4.87 -1.76 10.79
N TYR A 25 -3.78 -1.71 11.54
CA TYR A 25 -3.43 -0.50 12.27
C TYR A 25 -1.95 -0.18 12.11
N ARG A 26 -1.66 1.12 11.93
CA ARG A 26 -0.32 1.61 11.63
C ARG A 26 0.13 1.15 10.25
N TYR A 27 0.37 2.10 9.37
CA TYR A 27 0.77 1.78 8.01
C TYR A 27 2.24 2.07 7.80
N ILE A 28 2.86 1.31 6.92
CA ILE A 28 4.29 1.43 6.68
C ILE A 28 4.55 2.07 5.31
N ILE A 29 5.29 3.18 5.34
CA ILE A 29 5.64 3.89 4.13
C ILE A 29 7.16 3.82 3.94
N PHE A 30 7.62 3.52 2.73
CA PHE A 30 9.04 3.44 2.46
C PHE A 30 9.38 3.98 1.07
N LYS A 31 10.60 4.50 0.93
CA LYS A 31 11.06 5.09 -0.34
C LYS A 31 12.39 4.49 -0.75
N ILE A 32 12.72 4.67 -2.03
CA ILE A 32 14.02 4.23 -2.55
C ILE A 32 15.07 5.32 -2.32
N ASP A 33 16.18 4.93 -1.72
CA ASP A 33 17.29 5.84 -1.49
C ASP A 33 18.60 5.08 -1.61
N GLU A 34 19.65 5.76 -2.08
CA GLU A 34 20.95 5.14 -2.37
C GLU A 34 20.82 4.11 -3.50
N ASN A 35 20.37 2.91 -3.14
CA ASN A 35 20.18 1.84 -4.10
C ASN A 35 19.22 0.79 -3.52
N LYS A 36 18.60 1.13 -2.40
CA LYS A 36 17.68 0.23 -1.72
C LYS A 36 16.50 1.01 -1.16
N VAL A 37 15.57 0.34 -0.49
CA VAL A 37 14.43 1.01 0.10
C VAL A 37 14.57 1.12 1.62
N ILE A 38 14.30 2.31 2.15
CA ILE A 38 14.40 2.55 3.59
C ILE A 38 13.04 2.98 4.14
N VAL A 39 12.90 2.92 5.46
CA VAL A 39 11.65 3.27 6.11
C VAL A 39 11.41 4.78 6.12
N GLU A 40 10.21 5.18 5.79
CA GLU A 40 9.82 6.58 5.85
C GLU A 40 8.97 6.82 7.09
N ALA A 41 7.86 6.11 7.17
CA ALA A 41 6.91 6.32 8.26
C ALA A 41 6.21 5.03 8.63
N ALA A 42 5.83 4.94 9.90
CA ALA A 42 5.09 3.80 10.41
C ALA A 42 4.11 4.29 11.48
N VAL A 43 3.01 4.87 11.03
CA VAL A 43 2.09 5.53 11.93
C VAL A 43 0.65 5.07 11.65
N THR A 44 -0.19 5.10 12.67
CA THR A 44 -1.58 4.69 12.52
C THR A 44 -2.45 5.89 12.14
N GLN A 45 -3.50 5.62 11.38
CA GLN A 45 -4.39 6.66 10.88
C GLN A 45 -5.35 7.12 11.97
N ASP A 46 -5.51 6.31 13.01
CA ASP A 46 -6.47 6.63 14.08
C ASP A 46 -5.98 7.82 14.90
N GLN A 47 -4.67 7.98 15.03
CA GLN A 47 -4.09 9.16 15.66
C GLN A 47 -3.81 10.22 14.59
N LEU A 48 -3.75 9.78 13.35
CA LEU A 48 -3.51 10.66 12.20
C LEU A 48 -4.67 11.64 12.01
N GLY A 49 -5.84 11.26 12.51
CA GLY A 49 -7.00 12.12 12.40
C GLY A 49 -8.19 11.39 11.82
N ILE A 50 -7.97 10.13 11.45
CA ILE A 50 -9.03 9.31 10.89
C ILE A 50 -9.60 8.41 11.99
N THR A 51 -10.71 7.74 11.72
CA THR A 51 -11.35 6.92 12.73
C THR A 51 -10.59 5.60 12.98
N GLY A 52 -10.35 4.81 11.94
CA GLY A 52 -9.55 3.62 12.11
C GLY A 52 -9.82 2.52 11.11
N ASP A 53 -11.01 1.94 11.18
CA ASP A 53 -11.33 0.74 10.39
C ASP A 53 -11.60 1.07 8.93
N ASP A 54 -11.00 0.28 8.03
CA ASP A 54 -11.07 0.55 6.59
C ASP A 54 -12.50 0.64 6.08
N TYR A 55 -13.28 -0.42 6.22
CA TYR A 55 -14.63 -0.42 5.66
C TYR A 55 -15.66 -0.19 6.75
N ASP A 56 -15.43 -0.73 7.93
CA ASP A 56 -16.40 -0.61 9.03
C ASP A 56 -16.62 0.86 9.37
N ASP A 57 -15.62 1.67 9.11
CA ASP A 57 -15.72 3.10 9.35
C ASP A 57 -15.40 3.89 8.09
N SER A 58 -15.21 3.17 6.99
CA SER A 58 -14.85 3.78 5.71
C SER A 58 -13.63 4.69 5.84
N SER A 59 -12.71 4.32 6.72
CA SER A 59 -11.54 5.17 7.02
C SER A 59 -10.57 5.24 5.84
N LYS A 60 -10.77 4.41 4.82
CA LYS A 60 -9.99 4.51 3.59
C LYS A 60 -10.19 5.90 2.98
N ALA A 61 -11.30 6.53 3.34
CA ALA A 61 -11.59 7.93 2.96
C ALA A 61 -10.40 8.84 3.24
N ALA A 62 -9.52 8.44 4.14
CA ALA A 62 -8.27 9.16 4.39
C ALA A 62 -7.51 9.41 3.09
N PHE A 63 -7.62 8.49 2.13
CA PHE A 63 -6.92 8.63 0.86
C PHE A 63 -7.47 9.79 0.04
N ASP A 64 -8.72 10.17 0.32
CA ASP A 64 -9.35 11.30 -0.36
C ASP A 64 -8.58 12.59 -0.12
N LYS A 65 -8.15 12.78 1.13
CA LYS A 65 -7.39 13.97 1.50
C LYS A 65 -5.91 13.79 1.20
N PHE A 66 -5.49 12.54 1.01
CA PHE A 66 -4.09 12.26 0.67
C PHE A 66 -3.82 12.51 -0.81
N VAL A 67 -4.86 12.49 -1.62
CA VAL A 67 -4.74 12.91 -3.01
C VAL A 67 -4.24 14.35 -3.07
N GLU A 68 -4.72 15.15 -2.12
CA GLU A 68 -4.31 16.55 -2.01
C GLU A 68 -2.84 16.64 -1.61
N ASP A 69 -2.40 15.71 -0.75
CA ASP A 69 -1.00 15.62 -0.36
C ASP A 69 -0.14 15.38 -1.59
N VAL A 70 -0.52 14.37 -2.37
CA VAL A 70 0.21 13.98 -3.57
C VAL A 70 0.34 15.17 -4.53
N LYS A 71 -0.79 15.71 -4.97
CA LYS A 71 -0.80 16.74 -6.00
C LYS A 71 -0.05 18.01 -5.58
N SER A 72 0.04 18.23 -4.27
CA SER A 72 0.73 19.41 -3.75
C SER A 72 2.25 19.22 -3.83
N ARG A 73 2.71 18.02 -3.49
CA ARG A 73 4.14 17.75 -3.46
C ARG A 73 4.64 17.30 -4.83
N THR A 74 3.74 17.07 -5.76
CA THR A 74 4.14 16.63 -7.09
C THR A 74 4.18 17.78 -8.08
N ASP A 75 3.01 18.34 -8.40
CA ASP A 75 2.84 19.32 -9.47
C ASP A 75 3.14 18.66 -10.82
N ASN A 76 4.39 18.34 -11.04
CA ASN A 76 4.80 17.48 -12.14
C ASN A 76 5.34 16.19 -11.53
N LEU A 77 4.50 15.16 -11.49
CA LEU A 77 4.79 13.94 -10.75
C LEU A 77 6.18 13.37 -11.04
N THR A 78 7.11 13.64 -10.13
CA THR A 78 8.44 13.08 -10.20
C THR A 78 8.70 12.27 -8.93
N ASP A 79 7.74 12.33 -8.03
CA ASP A 79 7.83 11.63 -6.75
C ASP A 79 7.08 10.31 -6.83
N CYS A 80 7.63 9.29 -6.19
CA CYS A 80 7.01 7.98 -6.16
C CYS A 80 7.49 7.23 -4.93
N ARG A 81 6.62 6.43 -4.33
CA ARG A 81 6.94 5.76 -3.08
C ARG A 81 6.24 4.41 -3.00
N TYR A 82 6.64 3.59 -2.04
CA TYR A 82 6.05 2.28 -1.86
C TYR A 82 5.37 2.22 -0.49
N ALA A 83 4.12 1.77 -0.48
CA ALA A 83 3.35 1.72 0.75
C ALA A 83 2.62 0.40 0.89
N VAL A 84 2.39 -0.03 2.12
CA VAL A 84 1.71 -1.29 2.38
C VAL A 84 0.61 -1.10 3.43
N PHE A 85 -0.56 -1.65 3.16
CA PHE A 85 -1.69 -1.54 4.08
C PHE A 85 -2.43 -2.87 4.16
N ASP A 86 -2.88 -3.24 5.35
CA ASP A 86 -3.80 -4.37 5.49
C ASP A 86 -5.21 -3.82 5.66
N PHE A 87 -5.96 -3.81 4.59
CA PHE A 87 -7.29 -3.23 4.57
C PHE A 87 -8.36 -4.24 4.96
N LYS A 88 -9.24 -3.84 5.86
CA LYS A 88 -10.36 -4.67 6.27
C LYS A 88 -11.65 -4.15 5.64
N PHE A 89 -12.17 -4.89 4.68
CA PHE A 89 -13.37 -4.49 3.96
C PHE A 89 -14.46 -5.52 4.16
N THR A 90 -15.57 -5.39 3.44
CA THR A 90 -16.62 -6.38 3.50
C THR A 90 -16.66 -7.21 2.23
N CYS A 91 -16.78 -8.51 2.38
CA CYS A 91 -16.85 -9.41 1.25
C CYS A 91 -18.31 -9.70 0.94
N SER A 92 -18.75 -9.22 -0.21
CA SER A 92 -20.13 -9.42 -0.64
C SER A 92 -20.38 -10.87 -1.01
N ARG A 93 -21.13 -11.58 -0.18
CA ARG A 93 -21.46 -12.96 -0.46
C ARG A 93 -22.85 -13.06 -1.06
N VAL A 94 -22.93 -13.62 -2.26
CA VAL A 94 -24.19 -13.77 -2.97
C VAL A 94 -25.14 -14.69 -2.20
N GLY A 95 -26.30 -14.16 -1.84
CA GLY A 95 -27.28 -14.93 -1.11
C GLY A 95 -27.13 -14.76 0.39
N ALA A 96 -26.12 -13.99 0.77
CA ALA A 96 -25.82 -13.77 2.18
C ALA A 96 -25.52 -12.29 2.44
N GLY A 97 -24.84 -12.00 3.54
CA GLY A 97 -24.49 -10.64 3.85
C GLY A 97 -23.01 -10.39 3.69
N THR A 98 -22.61 -9.13 3.70
CA THR A 98 -21.21 -8.76 3.57
C THR A 98 -20.47 -8.99 4.88
N SER A 99 -19.49 -9.88 4.86
CA SER A 99 -18.70 -10.16 6.04
C SER A 99 -17.37 -9.42 5.98
N LYS A 100 -16.98 -8.82 7.10
CA LYS A 100 -15.73 -8.06 7.14
C LYS A 100 -14.52 -8.99 7.09
N MET A 101 -13.61 -8.67 6.20
CA MET A 101 -12.43 -9.48 5.97
C MET A 101 -11.23 -8.57 5.68
N ASP A 102 -10.13 -8.84 6.35
CA ASP A 102 -8.93 -8.02 6.22
C ASP A 102 -7.88 -8.72 5.38
N LYS A 103 -7.09 -7.96 4.61
CA LYS A 103 -5.89 -8.50 4.00
C LYS A 103 -4.97 -7.41 3.44
N ILE A 104 -3.69 -7.76 3.35
CA ILE A 104 -2.63 -6.82 3.02
C ILE A 104 -2.44 -6.67 1.51
N ILE A 105 -2.24 -5.43 1.09
CA ILE A 105 -1.97 -5.11 -0.30
C ILE A 105 -0.68 -4.31 -0.44
N PHE A 106 -0.02 -4.43 -1.58
CA PHE A 106 1.19 -3.68 -1.85
C PHE A 106 0.88 -2.52 -2.79
N LEU A 107 0.96 -1.31 -2.27
CA LEU A 107 0.66 -0.12 -3.04
C LEU A 107 1.92 0.40 -3.71
N GLN A 108 2.04 0.14 -5.00
CA GLN A 108 3.13 0.69 -5.79
C GLN A 108 2.60 1.67 -6.84
N ILE A 109 2.99 2.94 -6.70
CA ILE A 109 2.69 3.93 -7.73
C ILE A 109 3.92 4.14 -8.62
N CYS A 110 3.87 3.55 -9.80
CA CYS A 110 4.95 3.67 -10.75
C CYS A 110 4.44 4.25 -12.07
N PRO A 111 4.59 5.58 -12.25
CA PRO A 111 4.13 6.27 -13.45
C PRO A 111 4.79 5.75 -14.72
N ASP A 112 4.02 5.67 -15.81
CA ASP A 112 4.56 5.26 -17.10
C ASP A 112 5.58 6.28 -17.58
N GLY A 113 5.16 7.52 -17.70
CA GLY A 113 6.05 8.59 -18.10
C GLY A 113 6.78 9.20 -16.91
N ALA A 114 7.57 8.38 -16.25
CA ALA A 114 8.33 8.81 -15.09
C ALA A 114 9.82 8.64 -15.32
N SER A 115 10.61 9.09 -14.35
CA SER A 115 12.06 8.98 -14.42
C SER A 115 12.48 7.53 -14.38
N ILE A 116 12.86 6.99 -15.53
CA ILE A 116 13.20 5.58 -15.67
C ILE A 116 14.23 5.13 -14.63
N LYS A 117 15.13 6.03 -14.26
CA LYS A 117 16.14 5.75 -13.24
C LYS A 117 15.50 5.22 -11.95
N LYS A 118 14.64 6.03 -11.34
CA LYS A 118 14.00 5.65 -10.08
C LYS A 118 12.79 4.77 -10.32
N LYS A 119 12.18 4.93 -11.49
CA LYS A 119 10.99 4.18 -11.86
C LYS A 119 11.31 2.69 -12.02
N MET A 120 12.50 2.41 -12.54
CA MET A 120 12.93 1.03 -12.77
C MET A 120 13.33 0.38 -11.44
N VAL A 121 13.91 1.18 -10.55
CA VAL A 121 14.33 0.69 -9.25
C VAL A 121 13.13 0.23 -8.42
N TYR A 122 12.02 0.96 -8.52
CA TYR A 122 10.79 0.58 -7.83
C TYR A 122 10.23 -0.72 -8.38
N ALA A 123 10.36 -0.91 -9.69
CA ALA A 123 9.93 -2.15 -10.33
C ALA A 123 10.79 -3.32 -9.86
N SER A 124 12.03 -3.01 -9.48
CA SER A 124 12.96 -4.00 -8.97
C SER A 124 12.69 -4.32 -7.51
N SER A 125 12.44 -3.28 -6.72
CA SER A 125 12.21 -3.43 -5.29
C SER A 125 10.85 -4.10 -5.01
N ALA A 126 9.97 -4.06 -6.00
CA ALA A 126 8.69 -4.75 -5.91
C ALA A 126 8.91 -6.23 -5.67
N ALA A 127 9.89 -6.80 -6.36
CA ALA A 127 10.22 -8.20 -6.22
C ALA A 127 10.90 -8.46 -4.87
N ALA A 128 11.65 -7.48 -4.40
CA ALA A 128 12.36 -7.60 -3.14
C ALA A 128 11.39 -7.57 -1.96
N ILE A 129 10.47 -6.61 -1.99
CA ILE A 129 9.53 -6.42 -0.89
C ILE A 129 8.63 -7.65 -0.71
N LYS A 130 8.28 -8.31 -1.82
CA LYS A 130 7.44 -9.50 -1.75
C LYS A 130 8.25 -10.72 -1.35
N THR A 131 9.55 -10.71 -1.62
CA THR A 131 10.40 -11.82 -1.24
C THR A 131 10.77 -11.73 0.24
N SER A 132 10.83 -10.50 0.73
CA SER A 132 11.15 -10.25 2.13
C SER A 132 9.99 -10.65 3.04
N LEU A 133 8.77 -10.54 2.54
CA LEU A 133 7.59 -10.92 3.31
C LEU A 133 7.06 -12.28 2.91
N GLY A 134 7.34 -12.69 1.68
CA GLY A 134 6.82 -13.95 1.18
C GLY A 134 5.32 -13.97 1.20
N THR A 135 4.77 -14.73 2.15
CA THR A 135 3.32 -14.85 2.34
C THR A 135 2.61 -15.47 1.11
N GLY A 136 2.48 -14.70 0.04
CA GLY A 136 1.75 -15.16 -1.12
C GLY A 136 0.33 -14.63 -1.13
N LYS A 137 -0.22 -14.42 0.07
CA LYS A 137 -1.54 -13.86 0.22
C LYS A 137 -1.46 -12.34 0.24
N ILE A 138 -1.16 -11.77 -0.92
CA ILE A 138 -0.99 -10.33 -1.06
C ILE A 138 -1.48 -9.85 -2.41
N LEU A 139 -1.90 -8.58 -2.46
CA LEU A 139 -2.35 -8.00 -3.72
C LEU A 139 -1.51 -6.77 -4.06
N GLN A 140 -0.61 -6.92 -5.02
CA GLN A 140 0.26 -5.84 -5.45
C GLN A 140 -0.33 -5.19 -6.70
N PHE A 141 -0.89 -4.01 -6.54
CA PHE A 141 -1.49 -3.29 -7.67
C PHE A 141 -0.55 -2.19 -8.14
N GLN A 142 -0.27 -2.17 -9.42
CA GLN A 142 0.63 -1.18 -10.00
C GLN A 142 -0.15 -0.05 -10.63
N VAL A 143 -0.19 1.07 -9.93
CA VAL A 143 -0.92 2.24 -10.39
C VAL A 143 0.03 3.39 -10.60
N SER A 144 -0.45 4.48 -11.19
CA SER A 144 0.42 5.61 -11.48
C SER A 144 -0.20 6.95 -11.04
N ASP A 145 -1.49 7.11 -11.27
CA ASP A 145 -2.14 8.39 -10.99
C ASP A 145 -2.78 8.39 -9.60
N GLU A 146 -3.01 9.59 -9.08
CA GLU A 146 -3.68 9.79 -7.79
C GLU A 146 -5.05 9.11 -7.75
N SER A 147 -5.74 9.10 -8.89
CA SER A 147 -7.05 8.48 -8.98
C SER A 147 -6.95 6.96 -8.84
N GLU A 148 -5.77 6.43 -9.13
CA GLU A 148 -5.55 4.99 -9.08
C GLU A 148 -5.15 4.55 -7.67
N MET A 149 -4.73 5.50 -6.85
CA MET A 149 -4.39 5.21 -5.47
C MET A 149 -5.49 5.72 -4.55
N SER A 150 -6.60 6.07 -5.15
CA SER A 150 -7.76 6.56 -4.41
C SER A 150 -8.50 5.41 -3.73
N HIS A 151 -9.30 5.76 -2.74
CA HIS A 151 -9.94 4.76 -1.88
C HIS A 151 -10.91 3.84 -2.62
N LYS A 152 -11.44 4.30 -3.75
CA LYS A 152 -12.44 3.53 -4.48
C LYS A 152 -11.90 2.17 -4.95
N GLU A 153 -10.85 2.18 -5.76
CA GLU A 153 -10.41 0.95 -6.40
C GLU A 153 -9.61 0.05 -5.45
N LEU A 154 -9.12 0.61 -4.35
CA LEU A 154 -8.49 -0.21 -3.30
C LEU A 154 -9.48 -1.27 -2.84
N LEU A 155 -10.74 -0.88 -2.74
CA LEU A 155 -11.80 -1.78 -2.35
C LEU A 155 -12.02 -2.81 -3.45
N ASN A 156 -12.16 -2.32 -4.67
CA ASN A 156 -12.42 -3.17 -5.83
C ASN A 156 -11.33 -4.23 -6.00
N LYS A 157 -10.09 -3.79 -6.16
CA LYS A 157 -8.99 -4.69 -6.48
C LYS A 157 -8.68 -5.64 -5.33
N LEU A 158 -9.08 -5.30 -4.12
CA LEU A 158 -8.88 -6.18 -2.99
C LEU A 158 -10.00 -7.22 -2.95
N GLY A 159 -11.17 -6.85 -3.44
CA GLY A 159 -12.34 -7.69 -3.29
C GLY A 159 -12.66 -8.58 -4.49
N GLU A 160 -12.41 -8.09 -5.71
CA GLU A 160 -12.96 -8.73 -6.92
C GLU A 160 -12.71 -10.25 -7.00
N LYS A 161 -11.46 -10.68 -7.06
CA LYS A 161 -11.16 -12.10 -7.31
C LYS A 161 -11.66 -13.02 -6.20
N TYR A 162 -11.80 -12.50 -4.98
CA TYR A 162 -12.32 -13.32 -3.88
C TYR A 162 -13.83 -13.16 -3.74
N GLY A 163 -14.34 -12.04 -4.19
CA GLY A 163 -15.76 -11.76 -4.08
C GLY A 163 -16.43 -11.71 -5.42
N ASP A 164 -16.89 -10.53 -5.81
CA ASP A 164 -17.64 -10.35 -7.05
C ASP A 164 -16.69 -10.24 -8.24
N HIS A 165 -16.64 -11.29 -9.04
CA HIS A 165 -15.79 -11.30 -10.23
C HIS A 165 -16.44 -12.12 -11.33
N MET A 1 19.89 -1.38 -8.75
CA MET A 1 18.47 -1.57 -9.14
C MET A 1 18.37 -2.58 -10.29
N SER A 2 19.10 -2.33 -11.37
CA SER A 2 19.11 -3.24 -12.50
C SER A 2 19.80 -4.55 -12.11
N SER A 3 20.74 -4.43 -11.18
CA SER A 3 21.44 -5.57 -10.64
C SER A 3 20.77 -6.08 -9.37
N GLY A 4 19.57 -5.56 -9.10
CA GLY A 4 18.87 -5.90 -7.88
C GLY A 4 18.79 -4.72 -6.93
N VAL A 5 17.83 -4.77 -6.03
CA VAL A 5 17.68 -3.74 -5.00
C VAL A 5 17.81 -4.38 -3.61
N MET A 6 18.35 -3.64 -2.66
CA MET A 6 18.48 -4.14 -1.30
C MET A 6 17.36 -3.58 -0.43
N VAL A 7 17.16 -4.17 0.72
CA VAL A 7 16.09 -3.76 1.62
C VAL A 7 16.61 -3.52 3.02
N ASP A 8 16.23 -2.38 3.61
CA ASP A 8 16.55 -2.10 5.01
C ASP A 8 15.88 -3.13 5.91
N PRO A 9 16.66 -3.78 6.79
CA PRO A 9 16.18 -4.89 7.62
C PRO A 9 14.97 -4.54 8.48
N ASP A 10 14.84 -3.28 8.87
CA ASP A 10 13.76 -2.88 9.76
C ASP A 10 12.41 -2.83 9.06
N VAL A 11 12.43 -3.09 7.75
CA VAL A 11 11.19 -3.25 6.99
C VAL A 11 10.38 -4.41 7.57
N GLN A 12 11.06 -5.52 7.82
CA GLN A 12 10.43 -6.70 8.38
C GLN A 12 9.95 -6.43 9.81
N THR A 13 10.75 -5.66 10.55
CA THR A 13 10.40 -5.26 11.91
C THR A 13 9.12 -4.43 11.91
N SER A 14 9.00 -3.53 10.93
CA SER A 14 7.86 -2.64 10.84
C SER A 14 6.63 -3.35 10.31
N PHE A 15 6.84 -4.36 9.47
CA PHE A 15 5.77 -5.13 8.91
C PHE A 15 5.03 -5.89 10.00
N GLN A 16 5.78 -6.52 10.90
CA GLN A 16 5.19 -7.28 11.99
C GLN A 16 4.34 -6.40 12.89
N LYS A 17 4.69 -5.13 12.94
CA LYS A 17 4.06 -4.16 13.84
C LYS A 17 2.54 -4.10 13.62
N LEU A 18 2.11 -4.13 12.36
CA LEU A 18 0.68 -4.18 12.08
C LEU A 18 0.23 -5.61 11.76
N SER A 19 1.16 -6.40 11.22
CA SER A 19 0.84 -7.75 10.74
C SER A 19 0.27 -8.64 11.83
N GLU A 20 0.87 -8.62 13.02
CA GLU A 20 0.37 -9.45 14.11
C GLU A 20 -0.42 -8.60 15.10
N GLY A 21 -0.55 -7.32 14.80
CA GLY A 21 -1.27 -6.43 15.69
C GLY A 21 -2.71 -6.25 15.28
N ARG A 22 -3.17 -5.01 15.29
CA ARG A 22 -4.55 -4.70 14.92
C ARG A 22 -4.76 -4.82 13.41
N LYS A 23 -3.67 -5.04 12.67
CA LYS A 23 -3.69 -5.02 11.20
C LYS A 23 -3.90 -3.61 10.68
N GLU A 24 -4.98 -2.98 11.12
CA GLU A 24 -5.25 -1.58 10.80
C GLU A 24 -4.43 -0.67 11.72
N TYR A 25 -3.44 -1.26 12.38
CA TYR A 25 -2.50 -0.54 13.21
C TYR A 25 -1.58 0.28 12.32
N ARG A 26 -0.63 1.01 12.90
CA ARG A 26 0.23 1.87 12.10
C ARG A 26 0.97 1.06 11.05
N TYR A 27 0.77 1.43 9.79
CA TYR A 27 1.31 0.65 8.69
C TYR A 27 2.59 1.26 8.15
N ILE A 28 3.16 0.60 7.16
CA ILE A 28 4.52 0.88 6.72
C ILE A 28 4.55 1.62 5.38
N ILE A 29 5.32 2.70 5.35
CA ILE A 29 5.55 3.46 4.12
C ILE A 29 7.01 3.31 3.69
N PHE A 30 7.23 2.97 2.42
CA PHE A 30 8.57 2.69 1.92
C PHE A 30 9.08 3.82 1.02
N LYS A 31 10.34 4.17 1.20
CA LYS A 31 11.01 5.14 0.33
C LYS A 31 12.33 4.56 -0.17
N ILE A 32 12.82 5.09 -1.27
CA ILE A 32 14.10 4.64 -1.82
C ILE A 32 15.20 5.64 -1.51
N ASP A 33 16.26 5.15 -0.89
CA ASP A 33 17.44 5.95 -0.61
C ASP A 33 18.66 5.31 -1.25
N GLU A 34 19.39 6.09 -2.03
CA GLU A 34 20.59 5.62 -2.74
C GLU A 34 20.23 4.56 -3.79
N ASN A 35 19.94 3.35 -3.33
CA ASN A 35 19.62 2.26 -4.23
C ASN A 35 18.95 1.11 -3.47
N LYS A 36 18.43 1.40 -2.29
CA LYS A 36 17.74 0.37 -1.51
C LYS A 36 16.49 0.97 -0.84
N VAL A 37 15.53 0.11 -0.52
CA VAL A 37 14.29 0.56 0.08
C VAL A 37 14.40 0.63 1.60
N ILE A 38 13.93 1.73 2.18
CA ILE A 38 14.05 1.95 3.61
C ILE A 38 12.69 2.16 4.27
N VAL A 39 12.63 1.89 5.56
CA VAL A 39 11.47 2.19 6.37
C VAL A 39 11.53 3.65 6.85
N GLU A 40 10.66 4.48 6.31
CA GLU A 40 10.67 5.89 6.64
C GLU A 40 9.50 6.25 7.55
N ALA A 41 8.34 5.64 7.30
CA ALA A 41 7.15 6.01 8.04
C ALA A 41 6.38 4.79 8.50
N ALA A 42 6.08 4.76 9.79
CA ALA A 42 5.19 3.77 10.37
C ALA A 42 4.05 4.48 11.08
N VAL A 43 2.94 4.63 10.38
CA VAL A 43 1.84 5.44 10.88
C VAL A 43 0.49 4.90 10.37
N THR A 44 -0.48 4.82 11.28
CA THR A 44 -1.83 4.42 10.90
C THR A 44 -2.68 5.67 10.75
N GLN A 45 -3.79 5.55 10.03
CA GLN A 45 -4.66 6.67 9.83
C GLN A 45 -5.31 7.08 11.15
N ASP A 46 -5.44 6.10 12.04
CA ASP A 46 -6.02 6.31 13.37
C ASP A 46 -5.29 7.44 14.12
N GLN A 47 -3.98 7.33 14.19
CA GLN A 47 -3.18 8.24 15.01
C GLN A 47 -3.04 9.61 14.36
N LEU A 48 -3.30 9.71 13.06
CA LEU A 48 -3.14 10.98 12.36
C LEU A 48 -4.45 11.78 12.36
N GLY A 49 -5.55 11.13 12.71
CA GLY A 49 -6.80 11.85 12.84
C GLY A 49 -7.96 11.22 12.07
N ILE A 50 -8.01 9.90 12.04
CA ILE A 50 -9.09 9.18 11.38
C ILE A 50 -9.79 8.27 12.40
N THR A 51 -11.02 7.87 12.11
CA THR A 51 -11.84 7.12 13.07
C THR A 51 -11.25 5.73 13.36
N GLY A 52 -11.36 4.79 12.41
CA GLY A 52 -10.84 3.46 12.67
C GLY A 52 -10.85 2.54 11.45
N ASP A 53 -11.74 1.55 11.48
CA ASP A 53 -11.76 0.46 10.51
C ASP A 53 -11.95 0.96 9.07
N ASP A 54 -11.19 0.35 8.15
CA ASP A 54 -11.14 0.77 6.75
C ASP A 54 -12.53 0.95 6.13
N TYR A 55 -13.29 -0.13 6.06
CA TYR A 55 -14.64 -0.05 5.50
C TYR A 55 -15.67 -0.49 6.53
N ASP A 56 -15.23 -1.29 7.49
CA ASP A 56 -16.10 -1.75 8.58
C ASP A 56 -16.59 -0.56 9.40
N ASP A 57 -15.77 0.48 9.44
CA ASP A 57 -16.12 1.73 10.10
C ASP A 57 -16.13 2.88 9.09
N SER A 58 -15.42 2.66 7.97
CA SER A 58 -15.25 3.65 6.90
C SER A 58 -14.25 4.73 7.30
N SER A 59 -13.01 4.52 6.90
CA SER A 59 -11.92 5.45 7.24
C SER A 59 -11.03 5.75 6.03
N LYS A 60 -11.08 4.88 5.01
CA LYS A 60 -10.26 5.03 3.80
C LYS A 60 -10.41 6.43 3.19
N ALA A 61 -11.52 7.10 3.53
CA ALA A 61 -11.76 8.48 3.13
C ALA A 61 -10.51 9.37 3.27
N ALA A 62 -9.62 8.98 4.20
CA ALA A 62 -8.35 9.67 4.39
C ALA A 62 -7.54 9.73 3.10
N PHE A 63 -7.66 8.70 2.26
CA PHE A 63 -6.89 8.65 1.02
C PHE A 63 -7.28 9.77 0.07
N ASP A 64 -8.50 10.26 0.20
CA ASP A 64 -9.00 11.34 -0.66
C ASP A 64 -8.14 12.59 -0.53
N LYS A 65 -7.67 12.86 0.68
CA LYS A 65 -6.80 14.01 0.91
C LYS A 65 -5.33 13.64 0.68
N PHE A 66 -4.99 12.37 0.94
CA PHE A 66 -3.61 11.92 0.81
C PHE A 66 -3.18 11.81 -0.65
N VAL A 67 -4.09 11.39 -1.53
CA VAL A 67 -3.76 11.29 -2.95
C VAL A 67 -3.35 12.65 -3.50
N GLU A 68 -4.01 13.70 -3.03
CA GLU A 68 -3.72 15.05 -3.48
C GLU A 68 -2.48 15.59 -2.79
N ASP A 69 -2.31 15.20 -1.53
CA ASP A 69 -1.10 15.53 -0.79
C ASP A 69 0.12 15.08 -1.57
N VAL A 70 0.12 13.82 -1.96
CA VAL A 70 1.24 13.22 -2.67
C VAL A 70 1.44 13.84 -4.05
N LYS A 71 0.35 14.03 -4.80
CA LYS A 71 0.48 14.47 -6.19
C LYS A 71 0.86 15.95 -6.29
N SER A 72 0.62 16.71 -5.23
CA SER A 72 1.03 18.10 -5.20
C SER A 72 2.55 18.24 -5.02
N ARG A 73 3.11 17.46 -4.11
CA ARG A 73 4.54 17.55 -3.81
C ARG A 73 5.40 16.73 -4.77
N THR A 74 4.76 15.97 -5.64
CA THR A 74 5.48 15.25 -6.68
C THR A 74 5.62 16.12 -7.93
N ASP A 75 4.86 17.22 -7.94
CA ASP A 75 4.92 18.26 -8.97
C ASP A 75 4.49 17.73 -10.34
N ASN A 76 5.40 17.07 -11.04
CA ASN A 76 5.13 16.52 -12.36
C ASN A 76 6.02 15.32 -12.64
N LEU A 77 7.25 15.38 -12.11
CA LEU A 77 8.20 14.27 -12.27
C LEU A 77 7.65 13.01 -11.64
N THR A 78 6.82 13.19 -10.61
CA THR A 78 6.08 12.10 -9.98
C THR A 78 7.00 11.05 -9.37
N ASP A 79 7.28 11.19 -8.07
CA ASP A 79 8.06 10.21 -7.36
C ASP A 79 7.17 9.04 -6.98
N CYS A 80 7.72 7.84 -6.96
CA CYS A 80 6.92 6.65 -6.73
C CYS A 80 6.87 6.31 -5.24
N ARG A 81 5.79 5.67 -4.81
CA ARG A 81 5.62 5.31 -3.42
C ARG A 81 5.34 3.82 -3.29
N TYR A 82 5.83 3.22 -2.23
CA TYR A 82 5.49 1.84 -1.91
C TYR A 82 5.02 1.79 -0.46
N ALA A 83 4.06 0.92 -0.18
CA ALA A 83 3.53 0.79 1.17
C ALA A 83 2.74 -0.49 1.32
N VAL A 84 2.50 -0.91 2.55
CA VAL A 84 1.71 -2.10 2.83
C VAL A 84 0.63 -1.77 3.86
N PHE A 85 -0.62 -2.02 3.51
CA PHE A 85 -1.75 -1.70 4.39
C PHE A 85 -2.66 -2.91 4.53
N ASP A 86 -3.27 -3.09 5.69
CA ASP A 86 -4.31 -4.09 5.85
C ASP A 86 -5.67 -3.42 5.81
N PHE A 87 -6.37 -3.55 4.69
CA PHE A 87 -7.69 -2.96 4.56
C PHE A 87 -8.78 -3.95 4.95
N LYS A 88 -9.47 -3.63 6.04
CA LYS A 88 -10.61 -4.43 6.47
C LYS A 88 -11.88 -3.86 5.85
N PHE A 89 -12.44 -4.59 4.89
CA PHE A 89 -13.63 -4.13 4.20
C PHE A 89 -14.69 -5.21 4.22
N THR A 90 -15.85 -4.90 3.67
CA THR A 90 -16.93 -5.87 3.58
C THR A 90 -17.23 -6.19 2.11
N CYS A 91 -17.15 -7.45 1.77
CA CYS A 91 -17.39 -7.88 0.40
C CYS A 91 -18.83 -8.35 0.24
N SER A 92 -19.45 -8.00 -0.88
CA SER A 92 -20.81 -8.41 -1.15
C SER A 92 -20.88 -9.89 -1.50
N ARG A 93 -21.28 -10.71 -0.54
CA ARG A 93 -21.46 -12.13 -0.78
C ARG A 93 -22.81 -12.37 -1.46
N VAL A 94 -22.76 -12.93 -2.67
CA VAL A 94 -23.98 -13.13 -3.45
C VAL A 94 -24.97 -14.02 -2.73
N GLY A 95 -26.10 -13.44 -2.36
CA GLY A 95 -27.14 -14.19 -1.66
C GLY A 95 -27.07 -13.99 -0.16
N ALA A 96 -26.03 -13.31 0.29
CA ALA A 96 -25.82 -13.09 1.71
C ALA A 96 -25.50 -11.63 1.97
N GLY A 97 -24.92 -11.36 3.14
CA GLY A 97 -24.60 -10.01 3.51
C GLY A 97 -23.15 -9.65 3.25
N THR A 98 -22.70 -8.57 3.86
CA THR A 98 -21.34 -8.10 3.70
C THR A 98 -20.37 -8.97 4.49
N SER A 99 -19.45 -9.62 3.79
CA SER A 99 -18.46 -10.47 4.44
C SER A 99 -17.26 -9.63 4.87
N LYS A 100 -16.94 -9.68 6.15
CA LYS A 100 -15.81 -8.93 6.68
C LYS A 100 -14.50 -9.56 6.24
N MET A 101 -13.82 -8.87 5.36
CA MET A 101 -12.56 -9.37 4.81
C MET A 101 -11.41 -8.46 5.18
N ASP A 102 -10.58 -8.94 6.08
CA ASP A 102 -9.34 -8.27 6.44
C ASP A 102 -8.21 -8.87 5.63
N LYS A 103 -7.43 -8.03 4.95
CA LYS A 103 -6.37 -8.54 4.11
C LYS A 103 -5.30 -7.48 3.87
N ILE A 104 -4.13 -7.72 4.45
CA ILE A 104 -2.98 -6.87 4.26
C ILE A 104 -2.43 -7.03 2.84
N ILE A 105 -2.31 -5.92 2.13
CA ILE A 105 -1.90 -5.96 0.74
C ILE A 105 -0.78 -4.96 0.45
N PHE A 106 -0.05 -5.23 -0.61
CA PHE A 106 1.08 -4.42 -1.01
C PHE A 106 0.69 -3.40 -2.07
N LEU A 107 1.04 -2.15 -1.81
CA LEU A 107 0.72 -1.05 -2.71
C LEU A 107 1.97 -0.63 -3.49
N GLN A 108 1.92 -0.82 -4.80
CA GLN A 108 2.98 -0.36 -5.69
C GLN A 108 2.48 0.78 -6.56
N ILE A 109 2.96 1.99 -6.28
CA ILE A 109 2.66 3.13 -7.13
C ILE A 109 3.67 3.22 -8.26
N CYS A 110 3.24 2.84 -9.45
CA CYS A 110 4.12 2.85 -10.61
C CYS A 110 3.49 3.67 -11.73
N PRO A 111 3.79 4.98 -11.75
CA PRO A 111 3.30 5.89 -12.79
C PRO A 111 3.85 5.56 -14.17
N ASP A 112 3.38 6.27 -15.18
CA ASP A 112 3.89 6.09 -16.55
C ASP A 112 4.64 7.33 -16.98
N GLY A 113 3.97 8.47 -16.91
CA GLY A 113 4.59 9.73 -17.25
C GLY A 113 5.38 10.28 -16.08
N ALA A 114 6.37 9.53 -15.65
CA ALA A 114 7.15 9.87 -14.48
C ALA A 114 8.62 9.64 -14.74
N SER A 115 9.44 9.93 -13.74
CA SER A 115 10.89 9.76 -13.86
C SER A 115 11.23 8.27 -13.92
N ILE A 116 11.25 7.73 -15.14
CA ILE A 116 11.45 6.31 -15.38
C ILE A 116 12.77 5.81 -14.80
N LYS A 117 13.79 6.65 -14.78
CA LYS A 117 15.10 6.25 -14.28
C LYS A 117 15.02 5.78 -12.83
N LYS A 118 14.40 6.57 -11.96
CA LYS A 118 14.24 6.15 -10.57
C LYS A 118 12.98 5.30 -10.41
N LYS A 119 12.07 5.44 -11.36
CA LYS A 119 10.85 4.64 -11.38
C LYS A 119 11.20 3.17 -11.57
N MET A 120 12.23 2.93 -12.38
CA MET A 120 12.76 1.60 -12.61
C MET A 120 13.32 1.04 -11.31
N VAL A 121 13.95 1.91 -10.52
CA VAL A 121 14.46 1.52 -9.22
C VAL A 121 13.34 0.99 -8.34
N TYR A 122 12.22 1.73 -8.29
CA TYR A 122 11.06 1.33 -7.52
C TYR A 122 10.47 0.02 -8.05
N ALA A 123 10.41 -0.11 -9.38
CA ALA A 123 9.88 -1.32 -10.02
C ALA A 123 10.71 -2.54 -9.63
N SER A 124 12.02 -2.34 -9.52
CA SER A 124 12.92 -3.40 -9.10
C SER A 124 12.78 -3.63 -7.59
N SER A 125 12.51 -2.56 -6.85
CA SER A 125 12.37 -2.63 -5.40
C SER A 125 11.11 -3.40 -5.03
N ALA A 126 10.12 -3.38 -5.91
CA ALA A 126 8.87 -4.12 -5.70
C ALA A 126 9.16 -5.61 -5.53
N ALA A 127 10.17 -6.10 -6.24
CA ALA A 127 10.58 -7.49 -6.14
C ALA A 127 11.37 -7.72 -4.84
N ALA A 128 12.27 -6.81 -4.54
CA ALA A 128 13.10 -6.91 -3.35
C ALA A 128 12.26 -6.89 -2.08
N ILE A 129 11.34 -5.94 -2.01
CA ILE A 129 10.50 -5.76 -0.83
C ILE A 129 9.59 -6.98 -0.60
N LYS A 130 9.04 -7.53 -1.68
CA LYS A 130 8.14 -8.68 -1.55
C LYS A 130 8.91 -9.94 -1.20
N THR A 131 10.19 -9.99 -1.60
CA THR A 131 11.04 -11.13 -1.27
C THR A 131 11.42 -11.08 0.20
N SER A 132 11.54 -9.88 0.74
CA SER A 132 11.92 -9.68 2.13
C SER A 132 10.82 -10.17 3.07
N LEU A 133 9.58 -9.78 2.81
CA LEU A 133 8.49 -10.12 3.70
C LEU A 133 7.82 -11.42 3.28
N GLY A 134 7.89 -11.71 1.98
CA GLY A 134 7.30 -12.94 1.46
C GLY A 134 5.79 -12.95 1.54
N THR A 135 5.29 -13.27 2.73
CA THR A 135 3.85 -13.45 3.00
C THR A 135 3.23 -14.55 2.11
N GLY A 136 2.96 -14.21 0.85
CA GLY A 136 2.35 -15.17 -0.06
C GLY A 136 0.85 -14.98 -0.15
N LYS A 137 0.24 -14.53 0.94
CA LYS A 137 -1.19 -14.24 0.97
C LYS A 137 -1.40 -12.74 0.87
N ILE A 138 -1.13 -12.19 -0.30
CA ILE A 138 -1.19 -10.76 -0.53
C ILE A 138 -1.72 -10.43 -1.90
N LEU A 139 -2.23 -9.22 -2.04
CA LEU A 139 -2.64 -8.71 -3.33
C LEU A 139 -1.81 -7.48 -3.64
N GLN A 140 -0.77 -7.67 -4.43
CA GLN A 140 0.14 -6.58 -4.76
C GLN A 140 -0.36 -5.90 -6.03
N PHE A 141 -0.92 -4.72 -5.87
CA PHE A 141 -1.51 -4.01 -6.99
C PHE A 141 -0.61 -2.86 -7.45
N GLN A 142 -0.64 -2.58 -8.74
CA GLN A 142 0.14 -1.50 -9.32
C GLN A 142 -0.78 -0.36 -9.76
N VAL A 143 -0.60 0.79 -9.16
CA VAL A 143 -1.42 1.96 -9.51
C VAL A 143 -0.55 3.01 -10.20
N SER A 144 -1.05 3.56 -11.29
CA SER A 144 -0.31 4.56 -12.04
C SER A 144 -0.92 5.94 -11.88
N ASP A 145 -2.03 6.02 -11.16
CA ASP A 145 -2.73 7.28 -10.95
C ASP A 145 -3.45 7.28 -9.62
N GLU A 146 -3.73 8.47 -9.10
CA GLU A 146 -4.39 8.62 -7.81
C GLU A 146 -5.81 8.05 -7.85
N SER A 147 -6.41 8.03 -9.03
CA SER A 147 -7.75 7.50 -9.19
C SER A 147 -7.77 5.99 -8.95
N GLU A 148 -6.62 5.35 -9.13
CA GLU A 148 -6.51 3.90 -8.94
C GLU A 148 -6.30 3.54 -7.48
N MET A 149 -6.08 4.55 -6.65
CA MET A 149 -5.94 4.33 -5.21
C MET A 149 -7.06 5.06 -4.46
N SER A 150 -8.13 5.34 -5.20
CA SER A 150 -9.29 5.99 -4.64
C SER A 150 -10.19 4.99 -3.91
N HIS A 151 -11.20 5.52 -3.20
CA HIS A 151 -12.10 4.73 -2.35
C HIS A 151 -12.51 3.41 -3.02
N LYS A 152 -13.09 3.52 -4.21
CA LYS A 152 -13.60 2.37 -4.96
C LYS A 152 -12.51 1.38 -5.32
N GLU A 153 -11.46 1.86 -5.98
CA GLU A 153 -10.46 0.98 -6.59
C GLU A 153 -9.82 0.02 -5.60
N LEU A 154 -9.46 0.52 -4.41
CA LEU A 154 -8.81 -0.32 -3.42
C LEU A 154 -9.72 -1.47 -3.01
N LEU A 155 -11.00 -1.15 -2.82
CA LEU A 155 -11.99 -2.15 -2.44
C LEU A 155 -12.28 -3.07 -3.62
N ASN A 156 -12.26 -2.51 -4.82
CA ASN A 156 -12.54 -3.27 -6.03
C ASN A 156 -11.48 -4.34 -6.24
N LYS A 157 -10.21 -3.91 -6.21
CA LYS A 157 -9.08 -4.83 -6.36
C LYS A 157 -9.07 -5.86 -5.27
N LEU A 158 -9.14 -5.36 -4.05
CA LEU A 158 -9.06 -6.20 -2.86
C LEU A 158 -10.32 -7.03 -2.68
N GLY A 159 -11.36 -6.74 -3.46
CA GLY A 159 -12.59 -7.46 -3.36
C GLY A 159 -12.68 -8.63 -4.32
N GLU A 160 -12.36 -8.37 -5.58
CA GLU A 160 -12.57 -9.35 -6.65
C GLU A 160 -11.75 -10.64 -6.48
N LYS A 161 -10.73 -10.61 -5.62
CA LYS A 161 -9.86 -11.78 -5.46
C LYS A 161 -10.65 -12.97 -4.87
N TYR A 162 -11.65 -12.66 -4.06
CA TYR A 162 -12.53 -13.68 -3.52
C TYR A 162 -13.99 -13.35 -3.85
N GLY A 163 -14.17 -12.39 -4.74
CA GLY A 163 -15.51 -11.98 -5.13
C GLY A 163 -15.98 -12.68 -6.37
N ASP A 164 -17.23 -12.46 -6.74
CA ASP A 164 -17.80 -13.09 -7.93
C ASP A 164 -17.63 -12.19 -9.14
N HIS A 165 -16.80 -12.62 -10.08
CA HIS A 165 -16.52 -11.85 -11.27
C HIS A 165 -16.23 -12.77 -12.46
N MET A 1 20.01 -2.25 -9.03
CA MET A 1 18.89 -2.30 -10.00
C MET A 1 18.74 -3.70 -10.57
N SER A 2 19.47 -3.97 -11.65
CA SER A 2 19.43 -5.28 -12.31
C SER A 2 20.16 -6.34 -11.48
N SER A 3 21.02 -5.86 -10.59
CA SER A 3 21.70 -6.73 -9.64
C SER A 3 20.80 -6.97 -8.43
N GLY A 4 19.56 -6.54 -8.55
CA GLY A 4 18.64 -6.59 -7.44
C GLY A 4 18.60 -5.29 -6.67
N VAL A 5 17.71 -5.21 -5.71
CA VAL A 5 17.64 -4.08 -4.81
C VAL A 5 17.87 -4.56 -3.39
N MET A 6 18.43 -3.71 -2.54
CA MET A 6 18.72 -4.09 -1.17
C MET A 6 17.62 -3.57 -0.27
N VAL A 7 17.44 -4.20 0.88
CA VAL A 7 16.43 -3.76 1.81
C VAL A 7 16.94 -3.81 3.25
N ASP A 8 16.87 -2.67 3.93
CA ASP A 8 17.20 -2.63 5.34
C ASP A 8 16.17 -3.42 6.14
N PRO A 9 16.65 -4.35 6.99
CA PRO A 9 15.78 -5.30 7.70
C PRO A 9 14.72 -4.63 8.59
N ASP A 10 14.91 -3.35 8.86
CA ASP A 10 13.98 -2.61 9.71
C ASP A 10 12.61 -2.49 9.04
N VAL A 11 12.59 -2.63 7.72
CA VAL A 11 11.34 -2.66 6.97
C VAL A 11 10.47 -3.82 7.45
N GLN A 12 11.09 -4.99 7.61
CA GLN A 12 10.39 -6.15 8.13
C GLN A 12 10.00 -5.93 9.57
N THR A 13 10.86 -5.28 10.33
CA THR A 13 10.58 -4.91 11.70
C THR A 13 9.34 -4.02 11.77
N SER A 14 9.18 -3.16 10.75
CA SER A 14 8.03 -2.29 10.64
C SER A 14 6.77 -3.11 10.31
N PHE A 15 6.95 -4.21 9.62
CA PHE A 15 5.86 -5.13 9.34
C PHE A 15 5.50 -5.92 10.60
N GLN A 16 6.51 -6.25 11.38
CA GLN A 16 6.33 -7.00 12.62
C GLN A 16 5.59 -6.16 13.66
N LYS A 17 5.94 -4.87 13.77
CA LYS A 17 5.33 -3.99 14.76
C LYS A 17 3.84 -3.73 14.45
N LEU A 18 3.48 -3.90 13.17
CA LEU A 18 2.08 -3.82 12.76
C LEU A 18 1.39 -5.14 13.11
N SER A 19 2.11 -6.23 12.90
CA SER A 19 1.59 -7.56 13.19
C SER A 19 1.36 -7.76 14.68
N GLU A 20 2.17 -7.08 15.50
CA GLU A 20 1.99 -7.09 16.96
C GLU A 20 0.60 -6.58 17.31
N GLY A 21 0.19 -5.53 16.61
CA GLY A 21 -1.07 -4.91 16.90
C GLY A 21 -2.25 -5.62 16.26
N ARG A 22 -2.92 -4.94 15.36
CA ARG A 22 -4.16 -5.45 14.80
C ARG A 22 -4.03 -5.79 13.32
N LYS A 23 -2.86 -5.48 12.75
CA LYS A 23 -2.67 -5.42 11.29
C LYS A 23 -3.30 -4.16 10.72
N GLU A 24 -4.59 -3.98 11.02
CA GLU A 24 -5.31 -2.77 10.62
C GLU A 24 -4.83 -1.57 11.45
N TYR A 25 -3.87 -1.82 12.32
CA TYR A 25 -3.29 -0.78 13.14
C TYR A 25 -1.98 -0.30 12.52
N ARG A 26 -1.89 1.02 12.28
CA ARG A 26 -0.72 1.63 11.65
C ARG A 26 -0.63 1.28 10.17
N TYR A 27 0.14 2.08 9.46
CA TYR A 27 0.48 1.78 8.08
C TYR A 27 1.93 2.12 7.85
N ILE A 28 2.59 1.33 7.02
CA ILE A 28 4.02 1.44 6.84
C ILE A 28 4.36 2.00 5.47
N ILE A 29 5.11 3.09 5.46
CA ILE A 29 5.56 3.75 4.25
C ILE A 29 7.08 3.66 4.17
N PHE A 30 7.61 3.28 3.02
CA PHE A 30 9.05 3.19 2.87
C PHE A 30 9.51 3.70 1.50
N LYS A 31 10.73 4.19 1.47
CA LYS A 31 11.27 4.87 0.30
C LYS A 31 12.54 4.18 -0.20
N ILE A 32 12.96 4.51 -1.41
CA ILE A 32 14.21 4.00 -1.93
C ILE A 32 15.33 5.02 -1.71
N ASP A 33 16.36 4.59 -1.00
CA ASP A 33 17.54 5.42 -0.77
C ASP A 33 18.73 4.82 -1.50
N GLU A 34 19.26 5.57 -2.47
CA GLU A 34 20.38 5.11 -3.30
C GLU A 34 19.97 3.91 -4.14
N ASN A 35 20.01 2.72 -3.55
CA ASN A 35 19.64 1.50 -4.23
C ASN A 35 19.09 0.48 -3.24
N LYS A 36 18.65 0.94 -2.08
CA LYS A 36 18.06 0.05 -1.10
C LYS A 36 16.83 0.67 -0.46
N VAL A 37 15.98 -0.17 0.11
CA VAL A 37 14.72 0.27 0.70
C VAL A 37 14.92 0.69 2.15
N ILE A 38 14.43 1.88 2.50
CA ILE A 38 14.47 2.36 3.87
C ILE A 38 13.07 2.80 4.29
N VAL A 39 12.78 2.67 5.57
CA VAL A 39 11.48 3.09 6.10
C VAL A 39 11.35 4.62 6.01
N GLU A 40 10.22 5.09 5.49
CA GLU A 40 9.97 6.52 5.39
C GLU A 40 9.08 6.98 6.53
N ALA A 41 8.00 6.25 6.76
CA ALA A 41 7.05 6.58 7.82
C ALA A 41 6.36 5.34 8.34
N ALA A 42 6.13 5.30 9.64
CA ALA A 42 5.39 4.20 10.25
C ALA A 42 4.42 4.73 11.28
N VAL A 43 3.28 5.21 10.80
CA VAL A 43 2.29 5.86 11.66
C VAL A 43 0.92 5.25 11.43
N THR A 44 0.02 5.46 12.38
CA THR A 44 -1.34 4.95 12.26
C THR A 44 -2.30 6.07 11.93
N GLN A 45 -3.45 5.71 11.37
CA GLN A 45 -4.48 6.69 11.03
C GLN A 45 -5.27 7.07 12.28
N ASP A 46 -5.29 6.17 13.27
CA ASP A 46 -6.09 6.40 14.47
C ASP A 46 -5.46 7.48 15.35
N GLN A 47 -4.18 7.77 15.13
CA GLN A 47 -3.48 8.77 15.94
C GLN A 47 -3.68 10.18 15.38
N LEU A 48 -3.78 10.28 14.06
CA LEU A 48 -3.85 11.59 13.43
C LEU A 48 -5.27 12.16 13.50
N GLY A 49 -6.26 11.28 13.51
CA GLY A 49 -7.63 11.72 13.65
C GLY A 49 -8.58 11.00 12.73
N ILE A 50 -8.46 9.67 12.68
CA ILE A 50 -9.37 8.85 11.89
C ILE A 50 -10.14 7.93 12.83
N THR A 51 -11.33 7.51 12.42
CA THR A 51 -12.25 6.76 13.25
C THR A 51 -11.61 5.51 13.87
N GLY A 52 -11.25 4.54 13.04
CA GLY A 52 -10.70 3.30 13.54
C GLY A 52 -10.57 2.25 12.45
N ASP A 53 -11.63 1.50 12.23
CA ASP A 53 -11.65 0.52 11.15
C ASP A 53 -11.75 1.24 9.82
N ASP A 54 -10.77 1.03 8.96
CA ASP A 54 -10.57 1.84 7.75
C ASP A 54 -11.84 2.06 6.94
N TYR A 55 -12.40 1.00 6.37
CA TYR A 55 -13.53 1.17 5.49
C TYR A 55 -14.85 0.94 6.23
N ASP A 56 -14.81 0.12 7.27
CA ASP A 56 -16.02 -0.22 8.01
C ASP A 56 -16.55 0.97 8.80
N ASP A 57 -15.63 1.77 9.36
CA ASP A 57 -16.02 2.98 10.09
C ASP A 57 -16.21 4.15 9.13
N SER A 58 -16.36 3.83 7.84
CA SER A 58 -16.49 4.82 6.77
C SER A 58 -15.33 5.82 6.80
N SER A 59 -14.15 5.33 7.15
CA SER A 59 -12.97 6.16 7.25
C SER A 59 -12.22 6.18 5.91
N LYS A 60 -12.89 5.67 4.87
CA LYS A 60 -12.33 5.63 3.51
C LYS A 60 -11.86 7.00 3.06
N ALA A 61 -12.42 8.05 3.67
CA ALA A 61 -11.97 9.42 3.44
C ALA A 61 -10.46 9.55 3.60
N ALA A 62 -9.88 8.67 4.41
CA ALA A 62 -8.43 8.62 4.58
C ALA A 62 -7.75 8.36 3.24
N PHE A 63 -8.18 7.29 2.56
CA PHE A 63 -7.61 6.97 1.24
C PHE A 63 -8.05 8.00 0.22
N ASP A 64 -9.22 8.59 0.45
CA ASP A 64 -9.75 9.60 -0.45
C ASP A 64 -8.90 10.87 -0.39
N LYS A 65 -8.40 11.20 0.79
CA LYS A 65 -7.56 12.38 0.95
C LYS A 65 -6.10 12.08 0.63
N PHE A 66 -5.72 10.80 0.69
CA PHE A 66 -4.36 10.38 0.39
C PHE A 66 -4.01 10.67 -1.07
N VAL A 67 -5.01 10.67 -1.94
CA VAL A 67 -4.79 10.96 -3.34
C VAL A 67 -4.28 12.39 -3.51
N GLU A 68 -4.66 13.26 -2.57
CA GLU A 68 -4.21 14.64 -2.58
C GLU A 68 -2.81 14.73 -1.99
N ASP A 69 -2.57 13.94 -0.94
CA ASP A 69 -1.25 13.84 -0.33
C ASP A 69 -0.20 13.53 -1.41
N VAL A 70 -0.55 12.60 -2.29
CA VAL A 70 0.32 12.21 -3.38
C VAL A 70 0.53 13.38 -4.36
N LYS A 71 -0.55 13.84 -4.97
CA LYS A 71 -0.46 14.83 -6.05
C LYS A 71 0.06 16.18 -5.55
N SER A 72 -0.05 16.43 -4.26
CA SER A 72 0.47 17.67 -3.69
C SER A 72 2.00 17.73 -3.79
N ARG A 73 2.68 16.72 -3.24
CA ARG A 73 4.15 16.75 -3.20
C ARG A 73 4.78 16.21 -4.48
N THR A 74 4.01 15.46 -5.27
CA THR A 74 4.57 14.84 -6.47
C THR A 74 4.90 15.87 -7.54
N ASP A 75 4.19 17.01 -7.51
CA ASP A 75 4.30 18.05 -8.55
C ASP A 75 3.68 17.54 -9.86
N ASN A 76 4.29 16.52 -10.43
CA ASN A 76 3.76 15.86 -11.61
C ASN A 76 4.07 14.37 -11.54
N LEU A 77 3.54 13.71 -10.50
CA LEU A 77 3.75 12.27 -10.28
C LEU A 77 5.25 11.91 -10.26
N THR A 78 6.07 12.83 -9.75
CA THR A 78 7.50 12.60 -9.70
C THR A 78 7.87 11.78 -8.46
N ASP A 79 7.09 11.94 -7.39
CA ASP A 79 7.29 11.16 -6.17
C ASP A 79 6.72 9.77 -6.35
N CYS A 80 7.43 8.80 -5.79
CA CYS A 80 7.04 7.40 -5.88
C CYS A 80 7.53 6.69 -4.63
N ARG A 81 6.68 5.84 -4.06
CA ARG A 81 6.98 5.25 -2.76
C ARG A 81 6.23 3.94 -2.55
N TYR A 82 6.50 3.31 -1.42
CA TYR A 82 5.85 2.09 -1.02
C TYR A 82 4.93 2.34 0.15
N ALA A 83 3.70 1.91 0.02
CA ALA A 83 2.74 2.04 1.10
C ALA A 83 2.09 0.69 1.35
N VAL A 84 2.07 0.28 2.60
CA VAL A 84 1.42 -0.97 2.95
C VAL A 84 0.34 -0.74 3.99
N PHE A 85 -0.87 -1.12 3.65
CA PHE A 85 -2.01 -0.95 4.54
C PHE A 85 -2.73 -2.28 4.69
N ASP A 86 -3.09 -2.65 5.89
CA ASP A 86 -4.05 -3.71 6.07
C ASP A 86 -5.41 -3.04 6.21
N PHE A 87 -6.15 -2.98 5.12
CA PHE A 87 -7.38 -2.20 5.11
C PHE A 87 -8.58 -3.11 5.33
N LYS A 88 -9.40 -2.73 6.28
CA LYS A 88 -10.59 -3.50 6.59
C LYS A 88 -11.79 -2.86 5.92
N PHE A 89 -12.29 -3.53 4.90
CA PHE A 89 -13.42 -3.04 4.13
C PHE A 89 -14.62 -3.93 4.38
N THR A 90 -15.69 -3.67 3.68
CA THR A 90 -16.85 -4.54 3.75
C THR A 90 -17.04 -5.24 2.41
N CYS A 91 -17.04 -6.55 2.45
CA CYS A 91 -17.16 -7.34 1.25
C CYS A 91 -18.61 -7.75 1.07
N SER A 92 -19.10 -7.60 -0.15
CA SER A 92 -20.45 -8.00 -0.48
C SER A 92 -20.60 -9.51 -0.37
N ARG A 93 -21.41 -9.93 0.58
CA ARG A 93 -21.66 -11.35 0.79
C ARG A 93 -22.86 -11.78 -0.02
N VAL A 94 -22.61 -12.57 -1.06
CA VAL A 94 -23.65 -13.00 -1.99
C VAL A 94 -24.72 -13.81 -1.26
N GLY A 95 -25.92 -13.24 -1.17
CA GLY A 95 -27.01 -13.91 -0.49
C GLY A 95 -27.11 -13.51 0.97
N ALA A 96 -26.33 -12.52 1.36
CA ALA A 96 -26.32 -12.03 2.73
C ALA A 96 -25.99 -10.54 2.79
N GLY A 97 -25.55 -10.07 3.94
CA GLY A 97 -25.25 -8.66 4.10
C GLY A 97 -23.76 -8.38 4.12
N THR A 98 -23.41 -7.09 4.17
CA THR A 98 -22.01 -6.66 4.18
C THR A 98 -21.21 -7.35 5.27
N SER A 99 -20.08 -7.92 4.90
CA SER A 99 -19.19 -8.56 5.85
C SER A 99 -17.87 -7.81 5.92
N LYS A 100 -17.50 -7.37 7.12
CA LYS A 100 -16.24 -6.66 7.29
C LYS A 100 -15.07 -7.60 7.16
N MET A 101 -14.11 -7.23 6.33
CA MET A 101 -12.97 -8.08 6.03
C MET A 101 -11.71 -7.25 5.93
N ASP A 102 -10.63 -7.79 6.48
CA ASP A 102 -9.34 -7.11 6.49
C ASP A 102 -8.38 -7.82 5.55
N LYS A 103 -7.44 -7.09 4.98
CA LYS A 103 -6.38 -7.70 4.20
C LYS A 103 -5.26 -6.70 3.93
N ILE A 104 -4.03 -7.17 4.12
CA ILE A 104 -2.85 -6.37 3.90
C ILE A 104 -2.56 -6.21 2.41
N ILE A 105 -2.47 -4.98 1.96
CA ILE A 105 -2.21 -4.70 0.55
C ILE A 105 -0.89 -3.96 0.37
N PHE A 106 -0.15 -4.37 -0.64
CA PHE A 106 1.08 -3.70 -1.01
C PHE A 106 0.82 -2.67 -2.10
N LEU A 107 0.79 -1.40 -1.71
CA LEU A 107 0.51 -0.33 -2.63
C LEU A 107 1.83 0.17 -3.22
N GLN A 108 2.12 -0.23 -4.44
CA GLN A 108 3.29 0.26 -5.14
C GLN A 108 2.92 1.52 -5.93
N ILE A 109 3.32 2.68 -5.41
CA ILE A 109 3.17 3.91 -6.15
C ILE A 109 4.24 3.98 -7.20
N CYS A 110 3.91 3.56 -8.40
CA CYS A 110 4.86 3.55 -9.49
C CYS A 110 4.24 4.12 -10.76
N PRO A 111 4.50 5.40 -11.04
CA PRO A 111 4.10 6.01 -12.30
C PRO A 111 4.87 5.39 -13.45
N ASP A 112 4.16 4.73 -14.36
CA ASP A 112 4.80 4.02 -15.44
C ASP A 112 5.54 4.98 -16.36
N GLY A 113 4.90 6.11 -16.67
CA GLY A 113 5.54 7.11 -17.51
C GLY A 113 6.34 8.12 -16.71
N ALA A 114 7.11 7.62 -15.75
CA ALA A 114 7.92 8.46 -14.88
C ALA A 114 9.41 8.28 -15.18
N SER A 115 10.22 9.06 -14.46
CA SER A 115 11.67 9.03 -14.59
C SER A 115 12.21 7.61 -14.57
N ILE A 116 12.62 7.11 -15.72
CA ILE A 116 12.97 5.71 -15.91
C ILE A 116 14.08 5.25 -14.97
N LYS A 117 15.08 6.11 -14.74
CA LYS A 117 16.25 5.71 -13.95
C LYS A 117 15.85 5.31 -12.53
N LYS A 118 15.12 6.18 -11.85
CA LYS A 118 14.71 5.91 -10.48
C LYS A 118 13.44 5.06 -10.44
N LYS A 119 12.65 5.11 -11.52
CA LYS A 119 11.46 4.29 -11.61
C LYS A 119 11.86 2.82 -11.82
N MET A 120 12.98 2.62 -12.51
CA MET A 120 13.53 1.29 -12.74
C MET A 120 13.92 0.65 -11.41
N VAL A 121 14.43 1.46 -10.49
CA VAL A 121 14.81 0.98 -9.18
C VAL A 121 13.58 0.49 -8.43
N TYR A 122 12.53 1.31 -8.41
CA TYR A 122 11.28 0.95 -7.75
C TYR A 122 10.64 -0.28 -8.39
N ALA A 123 10.83 -0.43 -9.69
CA ALA A 123 10.33 -1.60 -10.40
C ALA A 123 11.08 -2.86 -9.98
N SER A 124 12.33 -2.68 -9.58
CA SER A 124 13.16 -3.80 -9.16
C SER A 124 12.90 -4.15 -7.69
N SER A 125 12.72 -3.13 -6.86
CA SER A 125 12.49 -3.33 -5.44
C SER A 125 11.11 -3.89 -5.16
N ALA A 126 10.21 -3.77 -6.14
CA ALA A 126 8.86 -4.32 -6.03
C ALA A 126 8.92 -5.83 -5.78
N ALA A 127 9.84 -6.49 -6.47
CA ALA A 127 10.04 -7.92 -6.33
C ALA A 127 10.89 -8.22 -5.10
N ALA A 128 11.69 -7.24 -4.67
CA ALA A 128 12.57 -7.43 -3.52
C ALA A 128 11.78 -7.45 -2.22
N ILE A 129 10.87 -6.48 -2.06
CA ILE A 129 10.13 -6.32 -0.81
C ILE A 129 9.25 -7.54 -0.52
N LYS A 130 8.67 -8.13 -1.56
CA LYS A 130 7.82 -9.30 -1.39
C LYS A 130 8.66 -10.53 -1.05
N THR A 131 9.85 -10.60 -1.63
CA THR A 131 10.75 -11.73 -1.40
C THR A 131 11.34 -11.65 0.00
N SER A 132 11.45 -10.44 0.53
CA SER A 132 11.96 -10.23 1.88
C SER A 132 11.00 -10.85 2.89
N LEU A 133 9.73 -10.48 2.80
CA LEU A 133 8.73 -10.95 3.76
C LEU A 133 8.40 -12.42 3.54
N GLY A 134 8.56 -12.89 2.31
CA GLY A 134 8.27 -14.27 1.97
C GLY A 134 6.87 -14.68 2.39
N THR A 135 5.90 -13.83 2.08
CA THR A 135 4.52 -14.03 2.51
C THR A 135 3.77 -14.94 1.53
N GLY A 136 3.87 -14.63 0.24
CA GLY A 136 3.26 -15.47 -0.77
C GLY A 136 1.81 -15.14 -1.06
N LYS A 137 1.08 -14.65 -0.06
CA LYS A 137 -0.33 -14.33 -0.24
C LYS A 137 -0.62 -12.85 0.04
N ILE A 138 0.05 -12.00 -0.72
CA ILE A 138 -0.15 -10.56 -0.63
C ILE A 138 -0.77 -10.03 -1.92
N LEU A 139 -1.61 -9.01 -1.80
CA LEU A 139 -2.15 -8.36 -2.97
C LEU A 139 -1.32 -7.11 -3.26
N GLN A 140 -0.41 -7.25 -4.20
CA GLN A 140 0.52 -6.19 -4.54
C GLN A 140 0.16 -5.60 -5.89
N PHE A 141 -0.06 -4.30 -5.92
CA PHE A 141 -0.48 -3.63 -7.14
C PHE A 141 0.37 -2.39 -7.42
N GLN A 142 0.72 -2.20 -8.69
CA GLN A 142 1.48 -1.03 -9.10
C GLN A 142 0.55 -0.01 -9.75
N VAL A 143 0.38 1.13 -9.10
CA VAL A 143 -0.53 2.15 -9.58
C VAL A 143 0.20 3.46 -9.84
N SER A 144 -0.29 4.23 -10.80
CA SER A 144 0.32 5.50 -11.15
C SER A 144 -0.57 6.68 -10.73
N ASP A 145 -1.82 6.66 -11.16
CA ASP A 145 -2.72 7.79 -10.94
C ASP A 145 -3.39 7.70 -9.57
N GLU A 146 -3.86 8.85 -9.09
CA GLU A 146 -4.52 8.95 -7.78
C GLU A 146 -5.78 8.08 -7.72
N SER A 147 -6.46 7.94 -8.85
CA SER A 147 -7.69 7.15 -8.91
C SER A 147 -7.39 5.67 -8.76
N GLU A 148 -6.19 5.27 -9.17
CA GLU A 148 -5.79 3.88 -9.14
C GLU A 148 -5.56 3.41 -7.71
N MET A 149 -5.16 4.33 -6.85
CA MET A 149 -4.86 4.02 -5.46
C MET A 149 -6.02 4.44 -4.54
N SER A 150 -7.15 4.77 -5.15
CA SER A 150 -8.31 5.20 -4.39
C SER A 150 -9.00 4.01 -3.71
N HIS A 151 -9.67 4.27 -2.60
CA HIS A 151 -10.33 3.23 -1.80
C HIS A 151 -11.33 2.43 -2.63
N LYS A 152 -11.92 3.08 -3.64
CA LYS A 152 -12.86 2.42 -4.53
C LYS A 152 -12.22 1.20 -5.19
N GLU A 153 -11.05 1.38 -5.76
CA GLU A 153 -10.37 0.29 -6.44
C GLU A 153 -9.76 -0.68 -5.45
N LEU A 154 -9.37 -0.20 -4.27
CA LEU A 154 -8.82 -1.08 -3.24
C LEU A 154 -9.83 -2.16 -2.89
N LEU A 155 -11.09 -1.77 -2.76
CA LEU A 155 -12.14 -2.73 -2.48
C LEU A 155 -12.36 -3.63 -3.69
N ASN A 156 -12.40 -3.00 -4.86
CA ASN A 156 -12.68 -3.72 -6.10
C ASN A 156 -11.65 -4.81 -6.37
N LYS A 157 -10.36 -4.47 -6.31
CA LYS A 157 -9.31 -5.43 -6.61
C LYS A 157 -9.33 -6.55 -5.57
N LEU A 158 -9.48 -6.14 -4.32
CA LEU A 158 -9.52 -7.07 -3.20
C LEU A 158 -10.77 -7.96 -3.24
N GLY A 159 -11.71 -7.62 -4.11
CA GLY A 159 -12.84 -8.49 -4.35
C GLY A 159 -12.66 -9.34 -5.59
N GLU A 160 -12.40 -8.68 -6.73
CA GLU A 160 -12.34 -9.36 -8.02
C GLU A 160 -11.19 -10.37 -8.10
N LYS A 161 -10.17 -10.19 -7.27
CA LYS A 161 -8.98 -11.04 -7.34
C LYS A 161 -9.36 -12.52 -7.20
N TYR A 162 -10.29 -12.81 -6.28
CA TYR A 162 -10.81 -14.17 -6.14
C TYR A 162 -12.32 -14.21 -6.26
N GLY A 163 -12.89 -13.13 -6.76
CA GLY A 163 -14.31 -13.09 -7.04
C GLY A 163 -14.57 -13.04 -8.53
N ASP A 164 -15.43 -12.14 -8.97
CA ASP A 164 -15.65 -11.94 -10.39
C ASP A 164 -14.56 -11.03 -10.93
N HIS A 165 -13.62 -11.61 -11.65
CA HIS A 165 -12.44 -10.91 -12.08
C HIS A 165 -12.66 -10.36 -13.48
N MET A 1 15.91 -2.21 -12.33
CA MET A 1 17.38 -2.12 -12.24
C MET A 1 17.90 -3.18 -11.28
N SER A 2 18.25 -4.34 -11.81
CA SER A 2 18.65 -5.47 -10.99
C SER A 2 20.08 -5.33 -10.49
N SER A 3 20.28 -4.44 -9.54
CA SER A 3 21.57 -4.30 -8.88
C SER A 3 21.56 -5.01 -7.54
N GLY A 4 20.36 -5.40 -7.10
CA GLY A 4 20.22 -6.04 -5.80
C GLY A 4 19.79 -5.06 -4.74
N VAL A 5 18.55 -4.61 -4.84
CA VAL A 5 18.03 -3.65 -3.88
C VAL A 5 17.79 -4.32 -2.54
N MET A 6 18.42 -3.79 -1.50
CA MET A 6 18.25 -4.32 -0.16
C MET A 6 17.25 -3.47 0.60
N VAL A 7 16.84 -3.92 1.77
CA VAL A 7 15.85 -3.22 2.54
C VAL A 7 16.33 -3.01 3.97
N ASP A 8 16.21 -1.78 4.46
CA ASP A 8 16.46 -1.51 5.87
C ASP A 8 15.56 -2.39 6.73
N PRO A 9 16.15 -3.16 7.65
CA PRO A 9 15.46 -4.20 8.42
C PRO A 9 14.20 -3.73 9.14
N ASP A 10 14.14 -2.43 9.45
CA ASP A 10 13.00 -1.88 10.19
C ASP A 10 11.71 -1.95 9.36
N VAL A 11 11.87 -1.97 8.03
CA VAL A 11 10.72 -2.13 7.14
C VAL A 11 10.02 -3.45 7.43
N GLN A 12 10.80 -4.52 7.51
CA GLN A 12 10.28 -5.84 7.86
C GLN A 12 9.71 -5.83 9.27
N THR A 13 10.39 -5.14 10.18
CA THR A 13 9.93 -5.02 11.55
C THR A 13 8.56 -4.35 11.59
N SER A 14 8.39 -3.33 10.76
CA SER A 14 7.12 -2.62 10.66
C SER A 14 6.04 -3.55 10.12
N PHE A 15 6.40 -4.38 9.14
CA PHE A 15 5.50 -5.40 8.61
C PHE A 15 5.04 -6.34 9.72
N GLN A 16 5.99 -6.71 10.58
CA GLN A 16 5.72 -7.61 11.69
C GLN A 16 4.74 -6.98 12.69
N LYS A 17 5.07 -5.78 13.19
CA LYS A 17 4.25 -5.14 14.20
C LYS A 17 2.88 -4.73 13.65
N LEU A 18 2.76 -4.66 12.33
CA LEU A 18 1.49 -4.38 11.69
C LEU A 18 0.60 -5.62 11.73
N SER A 19 1.07 -6.69 11.09
CA SER A 19 0.29 -7.91 10.92
C SER A 19 0.12 -8.63 12.25
N GLU A 20 1.15 -8.55 13.10
CA GLU A 20 1.13 -9.20 14.40
C GLU A 20 0.47 -8.28 15.43
N GLY A 21 0.15 -7.06 14.98
CA GLY A 21 -0.58 -6.15 15.83
C GLY A 21 -2.07 -6.36 15.72
N ARG A 22 -2.74 -5.50 14.97
CA ARG A 22 -4.17 -5.70 14.70
C ARG A 22 -4.38 -6.03 13.23
N LYS A 23 -4.20 -5.01 12.39
CA LYS A 23 -4.25 -5.12 10.93
C LYS A 23 -3.94 -3.75 10.31
N GLU A 24 -4.92 -2.85 10.34
CA GLU A 24 -4.73 -1.48 9.90
C GLU A 24 -4.05 -0.66 11.00
N TYR A 25 -3.47 -1.35 11.97
CA TYR A 25 -2.83 -0.69 13.09
C TYR A 25 -1.35 -0.52 12.79
N ARG A 26 -0.91 0.74 12.85
CA ARG A 26 0.40 1.20 12.36
C ARG A 26 0.79 0.57 11.02
N TYR A 27 0.86 1.41 10.00
CA TYR A 27 1.17 0.96 8.65
C TYR A 27 2.59 1.34 8.26
N ILE A 28 3.08 0.76 7.18
CA ILE A 28 4.45 0.96 6.77
C ILE A 28 4.56 1.78 5.49
N ILE A 29 5.23 2.93 5.60
CA ILE A 29 5.48 3.79 4.47
C ILE A 29 6.98 3.86 4.20
N PHE A 30 7.40 3.38 3.03
CA PHE A 30 8.82 3.28 2.74
C PHE A 30 9.14 3.79 1.34
N LYS A 31 10.39 4.16 1.14
CA LYS A 31 10.85 4.74 -0.12
C LYS A 31 12.18 4.15 -0.51
N ILE A 32 12.64 4.48 -1.70
CA ILE A 32 13.95 4.07 -2.16
C ILE A 32 14.91 5.24 -2.11
N ASP A 33 15.95 5.10 -1.30
CA ASP A 33 16.98 6.12 -1.20
C ASP A 33 18.34 5.43 -1.25
N GLU A 34 19.34 6.13 -1.74
CA GLU A 34 20.65 5.53 -2.01
C GLU A 34 20.49 4.42 -3.04
N ASN A 35 20.43 3.18 -2.55
CA ASN A 35 20.20 2.02 -3.42
C ASN A 35 19.40 0.96 -2.68
N LYS A 36 18.69 1.37 -1.62
CA LYS A 36 17.93 0.41 -0.82
C LYS A 36 16.61 1.01 -0.35
N VAL A 37 15.77 0.16 0.25
CA VAL A 37 14.49 0.56 0.78
C VAL A 37 14.66 1.18 2.17
N ILE A 38 14.10 2.36 2.37
CA ILE A 38 14.18 3.04 3.66
C ILE A 38 12.79 3.23 4.25
N VAL A 39 12.69 3.03 5.56
CA VAL A 39 11.44 3.24 6.27
C VAL A 39 11.33 4.71 6.69
N GLU A 40 10.21 5.33 6.37
CA GLU A 40 10.00 6.73 6.72
C GLU A 40 8.92 6.86 7.78
N ALA A 41 7.82 6.16 7.61
CA ALA A 41 6.70 6.28 8.51
C ALA A 41 6.13 4.92 8.88
N ALA A 42 5.85 4.74 10.15
CA ALA A 42 5.21 3.54 10.66
C ALA A 42 4.26 3.90 11.80
N VAL A 43 3.13 4.48 11.43
CA VAL A 43 2.16 4.96 12.40
C VAL A 43 0.76 4.49 12.01
N THR A 44 -0.18 4.60 12.94
CA THR A 44 -1.55 4.19 12.67
C THR A 44 -2.40 5.39 12.31
N GLN A 45 -3.42 5.18 11.49
CA GLN A 45 -4.32 6.27 11.12
C GLN A 45 -5.19 6.65 12.31
N ASP A 46 -5.31 5.73 13.27
CA ASP A 46 -6.07 5.97 14.48
C ASP A 46 -5.44 7.07 15.34
N GLN A 47 -4.12 7.23 15.24
CA GLN A 47 -3.40 8.17 16.09
C GLN A 47 -3.33 9.56 15.47
N LEU A 48 -3.67 9.67 14.19
CA LEU A 48 -3.59 10.95 13.50
C LEU A 48 -4.97 11.59 13.34
N GLY A 49 -6.01 10.86 13.72
CA GLY A 49 -7.34 11.43 13.73
C GLY A 49 -8.41 10.49 13.23
N ILE A 50 -8.01 9.48 12.48
CA ILE A 50 -8.97 8.54 11.91
C ILE A 50 -9.32 7.48 12.96
N THR A 51 -10.41 6.75 12.75
CA THR A 51 -10.93 5.85 13.77
C THR A 51 -10.17 4.52 13.86
N GLY A 52 -9.98 3.83 12.73
CA GLY A 52 -9.21 2.60 12.77
C GLY A 52 -9.38 1.72 11.54
N ASP A 53 -10.44 0.92 11.54
CA ASP A 53 -10.64 -0.09 10.49
C ASP A 53 -10.99 0.54 9.15
N ASP A 54 -10.31 0.09 8.09
CA ASP A 54 -10.40 0.74 6.77
C ASP A 54 -11.83 0.80 6.22
N TYR A 55 -12.43 -0.33 5.94
CA TYR A 55 -13.78 -0.33 5.41
C TYR A 55 -14.75 -0.87 6.44
N ASP A 56 -14.22 -1.58 7.42
CA ASP A 56 -15.03 -2.11 8.51
C ASP A 56 -15.62 -0.97 9.34
N ASP A 57 -14.80 0.05 9.60
CA ASP A 57 -15.25 1.22 10.34
C ASP A 57 -15.23 2.44 9.43
N SER A 58 -14.90 2.21 8.16
CA SER A 58 -14.91 3.26 7.14
C SER A 58 -13.85 4.34 7.39
N SER A 59 -12.69 3.91 7.87
CA SER A 59 -11.57 4.82 8.09
C SER A 59 -10.84 5.12 6.79
N LYS A 60 -11.15 4.36 5.74
CA LYS A 60 -10.53 4.54 4.43
C LYS A 60 -10.71 5.96 3.92
N ALA A 61 -11.73 6.64 4.44
CA ALA A 61 -11.96 8.05 4.13
C ALA A 61 -10.67 8.85 4.21
N ALA A 62 -9.76 8.41 5.07
CA ALA A 62 -8.45 9.03 5.21
C ALA A 62 -7.69 9.04 3.89
N PHE A 63 -7.82 7.97 3.09
CA PHE A 63 -7.05 7.86 1.85
C PHE A 63 -7.46 8.94 0.85
N ASP A 64 -8.66 9.46 1.01
CA ASP A 64 -9.22 10.41 0.05
C ASP A 64 -8.50 11.76 0.13
N LYS A 65 -8.30 12.24 1.35
CA LYS A 65 -7.72 13.57 1.55
C LYS A 65 -6.23 13.59 1.22
N PHE A 66 -5.61 12.41 1.16
CA PHE A 66 -4.19 12.34 0.92
C PHE A 66 -3.84 12.38 -0.56
N VAL A 67 -4.75 11.91 -1.42
CA VAL A 67 -4.48 11.84 -2.86
C VAL A 67 -4.22 13.23 -3.44
N GLU A 68 -4.72 14.25 -2.78
CA GLU A 68 -4.47 15.63 -3.18
C GLU A 68 -3.07 16.04 -2.81
N ASP A 69 -2.77 15.94 -1.52
CA ASP A 69 -1.45 16.28 -1.01
C ASP A 69 -0.37 15.51 -1.74
N VAL A 70 -0.71 14.29 -2.13
CA VAL A 70 0.17 13.47 -2.93
C VAL A 70 0.47 14.14 -4.27
N LYS A 71 -0.56 14.53 -5.03
CA LYS A 71 -0.31 14.99 -6.39
C LYS A 71 0.19 16.43 -6.42
N SER A 72 -0.09 17.17 -5.35
CA SER A 72 0.38 18.55 -5.25
C SER A 72 1.88 18.59 -4.92
N ARG A 73 2.36 17.60 -4.20
CA ARG A 73 3.79 17.55 -3.85
C ARG A 73 4.60 16.90 -4.96
N THR A 74 3.96 16.05 -5.75
CA THR A 74 4.64 15.33 -6.82
C THR A 74 4.53 16.06 -8.15
N ASP A 75 3.90 17.23 -8.12
CA ASP A 75 3.62 18.02 -9.32
C ASP A 75 2.56 17.34 -10.18
N ASN A 76 2.90 16.18 -10.70
CA ASN A 76 1.97 15.36 -11.46
C ASN A 76 2.19 13.89 -11.13
N LEU A 77 3.23 13.30 -11.72
CA LEU A 77 3.54 11.89 -11.50
C LEU A 77 5.03 11.64 -11.61
N THR A 78 5.83 12.61 -11.17
CA THR A 78 7.28 12.50 -11.23
C THR A 78 7.82 11.55 -10.15
N ASP A 79 7.06 11.40 -9.08
CA ASP A 79 7.52 10.65 -7.92
C ASP A 79 6.78 9.32 -7.79
N CYS A 80 7.51 8.30 -7.34
CA CYS A 80 6.96 6.95 -7.21
C CYS A 80 7.44 6.31 -5.91
N ARG A 81 6.54 5.66 -5.18
CA ARG A 81 6.88 5.11 -3.85
C ARG A 81 6.16 3.80 -3.58
N TYR A 82 6.60 3.09 -2.54
CA TYR A 82 6.03 1.79 -2.19
C TYR A 82 5.41 1.86 -0.80
N ALA A 83 4.16 1.43 -0.69
CA ALA A 83 3.45 1.44 0.57
C ALA A 83 2.66 0.15 0.77
N VAL A 84 2.46 -0.26 2.00
CA VAL A 84 1.76 -1.52 2.28
C VAL A 84 0.75 -1.33 3.38
N PHE A 85 -0.48 -1.79 3.12
CA PHE A 85 -1.55 -1.72 4.11
C PHE A 85 -2.33 -3.03 4.10
N ASP A 86 -2.69 -3.50 5.27
CA ASP A 86 -3.64 -4.60 5.37
C ASP A 86 -5.00 -4.02 5.70
N PHE A 87 -5.84 -3.87 4.70
CA PHE A 87 -7.14 -3.26 4.90
C PHE A 87 -8.22 -4.35 4.93
N LYS A 88 -9.22 -4.17 5.78
CA LYS A 88 -10.32 -5.11 5.81
C LYS A 88 -11.59 -4.42 5.32
N PHE A 89 -12.44 -5.20 4.69
CA PHE A 89 -13.66 -4.68 4.12
C PHE A 89 -14.78 -5.69 4.28
N THR A 90 -15.98 -5.28 3.93
CA THR A 90 -17.15 -6.12 4.10
C THR A 90 -18.01 -6.11 2.84
N CYS A 91 -18.25 -7.28 2.29
CA CYS A 91 -19.12 -7.42 1.14
C CYS A 91 -20.51 -7.87 1.58
N SER A 92 -21.52 -7.18 1.10
CA SER A 92 -22.89 -7.56 1.38
C SER A 92 -23.27 -8.78 0.55
N ARG A 93 -23.42 -9.91 1.23
CA ARG A 93 -23.69 -11.16 0.57
C ARG A 93 -25.13 -11.19 0.08
N VAL A 94 -25.33 -11.78 -1.10
CA VAL A 94 -26.66 -11.86 -1.69
C VAL A 94 -27.62 -12.61 -0.76
N GLY A 95 -28.62 -11.89 -0.25
CA GLY A 95 -29.59 -12.47 0.64
C GLY A 95 -29.07 -12.59 2.06
N ALA A 96 -27.94 -11.96 2.33
CA ALA A 96 -27.33 -12.04 3.64
C ALA A 96 -26.78 -10.68 4.08
N GLY A 97 -25.97 -10.69 5.12
CA GLY A 97 -25.43 -9.44 5.64
C GLY A 97 -23.98 -9.22 5.23
N THR A 98 -23.22 -8.63 6.14
CA THR A 98 -21.83 -8.30 5.86
C THR A 98 -20.92 -9.50 6.01
N SER A 99 -19.95 -9.60 5.11
CA SER A 99 -18.88 -10.58 5.22
C SER A 99 -17.55 -9.85 5.33
N LYS A 100 -16.89 -9.98 6.47
CA LYS A 100 -15.62 -9.32 6.72
C LYS A 100 -14.47 -10.11 6.09
N MET A 101 -13.69 -9.44 5.27
CA MET A 101 -12.48 -10.02 4.71
C MET A 101 -11.35 -9.02 4.84
N ASP A 102 -10.16 -9.50 5.16
CA ASP A 102 -8.99 -8.64 5.30
C ASP A 102 -7.83 -9.23 4.53
N LYS A 103 -7.01 -8.36 3.94
CA LYS A 103 -5.87 -8.82 3.17
C LYS A 103 -4.83 -7.72 3.01
N ILE A 104 -3.59 -8.07 3.23
CA ILE A 104 -2.48 -7.15 3.05
C ILE A 104 -2.23 -6.89 1.57
N ILE A 105 -2.33 -5.65 1.16
CA ILE A 105 -2.14 -5.27 -0.23
C ILE A 105 -0.82 -4.53 -0.41
N PHE A 106 -0.15 -4.81 -1.52
CA PHE A 106 1.07 -4.11 -1.85
C PHE A 106 0.78 -2.95 -2.80
N LEU A 107 0.86 -1.75 -2.26
CA LEU A 107 0.59 -0.55 -3.03
C LEU A 107 1.89 0.03 -3.57
N GLN A 108 2.14 -0.19 -4.84
CA GLN A 108 3.34 0.35 -5.47
C GLN A 108 2.95 1.42 -6.47
N ILE A 109 3.17 2.66 -6.11
CA ILE A 109 2.84 3.78 -6.97
C ILE A 109 4.03 4.08 -7.87
N CYS A 110 3.95 3.67 -9.13
CA CYS A 110 5.06 3.84 -10.05
C CYS A 110 4.56 4.10 -11.47
N PRO A 111 4.54 5.37 -11.88
CA PRO A 111 4.28 5.76 -13.27
C PRO A 111 5.36 5.23 -14.20
N ASP A 112 4.99 4.91 -15.44
CA ASP A 112 5.98 4.47 -16.41
C ASP A 112 6.60 5.67 -17.10
N GLY A 113 5.79 6.71 -17.28
CA GLY A 113 6.28 7.96 -17.79
C GLY A 113 6.91 8.79 -16.69
N ALA A 114 7.54 8.09 -15.76
CA ALA A 114 8.19 8.71 -14.61
C ALA A 114 9.70 8.60 -14.74
N SER A 115 10.39 9.17 -13.76
CA SER A 115 11.85 9.22 -13.75
C SER A 115 12.44 7.81 -13.84
N ILE A 116 12.89 7.45 -15.04
CA ILE A 116 13.30 6.07 -15.35
C ILE A 116 14.33 5.51 -14.38
N LYS A 117 15.28 6.32 -13.96
CA LYS A 117 16.37 5.83 -13.11
C LYS A 117 15.84 5.32 -11.78
N LYS A 118 15.09 6.15 -11.06
CA LYS A 118 14.53 5.73 -9.79
C LYS A 118 13.35 4.80 -10.02
N LYS A 119 12.67 4.97 -11.15
CA LYS A 119 11.54 4.13 -11.53
C LYS A 119 12.00 2.67 -11.63
N MET A 120 13.15 2.47 -12.25
CA MET A 120 13.71 1.14 -12.44
C MET A 120 14.06 0.50 -11.10
N VAL A 121 14.45 1.32 -10.13
CA VAL A 121 14.84 0.81 -8.83
C VAL A 121 13.63 0.34 -8.04
N TYR A 122 12.55 1.11 -8.09
CA TYR A 122 11.32 0.75 -7.39
C TYR A 122 10.73 -0.55 -7.93
N ALA A 123 10.86 -0.75 -9.24
CA ALA A 123 10.42 -2.00 -9.86
C ALA A 123 11.22 -3.19 -9.34
N SER A 124 12.46 -2.93 -8.93
CA SER A 124 13.33 -3.96 -8.40
C SER A 124 13.07 -4.17 -6.91
N SER A 125 12.71 -3.10 -6.21
CA SER A 125 12.42 -3.20 -4.78
C SER A 125 11.14 -4.02 -4.53
N ALA A 126 10.30 -4.12 -5.56
CA ALA A 126 9.13 -4.98 -5.50
C ALA A 126 9.54 -6.42 -5.18
N ALA A 127 10.60 -6.88 -5.85
CA ALA A 127 11.10 -8.23 -5.63
C ALA A 127 11.75 -8.35 -4.25
N ALA A 128 12.39 -7.28 -3.82
CA ALA A 128 13.04 -7.24 -2.51
C ALA A 128 12.01 -7.35 -1.39
N ILE A 129 10.96 -6.55 -1.49
CA ILE A 129 9.89 -6.56 -0.49
C ILE A 129 9.16 -7.91 -0.52
N LYS A 130 9.10 -8.52 -1.70
CA LYS A 130 8.45 -9.81 -1.87
C LYS A 130 9.27 -10.92 -1.22
N THR A 131 10.59 -10.78 -1.30
CA THR A 131 11.47 -11.81 -0.78
C THR A 131 11.61 -11.72 0.74
N SER A 132 11.60 -10.50 1.25
CA SER A 132 11.80 -10.27 2.68
C SER A 132 10.58 -10.72 3.49
N LEU A 133 9.40 -10.66 2.89
CA LEU A 133 8.19 -11.13 3.56
C LEU A 133 7.80 -12.51 3.06
N GLY A 134 8.20 -12.84 1.85
CA GLY A 134 7.85 -14.12 1.27
C GLY A 134 6.45 -14.08 0.67
N THR A 135 5.46 -13.96 1.56
CA THR A 135 4.04 -13.87 1.18
C THR A 135 3.60 -14.98 0.21
N GLY A 136 3.58 -14.66 -1.08
CA GLY A 136 3.19 -15.64 -2.08
C GLY A 136 1.69 -15.70 -2.28
N LYS A 137 0.96 -14.87 -1.54
CA LYS A 137 -0.50 -14.83 -1.63
C LYS A 137 -0.98 -13.38 -1.46
N ILE A 138 -0.23 -12.45 -2.03
CA ILE A 138 -0.56 -11.04 -1.92
C ILE A 138 -1.19 -10.51 -3.18
N LEU A 139 -1.84 -9.36 -3.07
CA LEU A 139 -2.38 -8.67 -4.22
C LEU A 139 -1.66 -7.34 -4.37
N GLN A 140 -0.70 -7.32 -5.26
CA GLN A 140 0.06 -6.12 -5.51
C GLN A 140 -0.56 -5.37 -6.68
N PHE A 141 -0.84 -4.09 -6.48
CA PHE A 141 -1.41 -3.27 -7.53
C PHE A 141 -0.53 -2.05 -7.78
N GLN A 142 -0.01 -1.95 -8.99
CA GLN A 142 0.85 -0.85 -9.36
C GLN A 142 0.04 0.25 -10.02
N VAL A 143 -0.03 1.39 -9.36
CA VAL A 143 -0.82 2.51 -9.85
C VAL A 143 0.08 3.71 -10.11
N SER A 144 -0.47 4.73 -10.75
CA SER A 144 0.29 5.94 -11.05
C SER A 144 -0.56 7.19 -10.88
N ASP A 145 -1.87 7.03 -11.03
CA ASP A 145 -2.79 8.15 -10.94
C ASP A 145 -3.43 8.19 -9.55
N GLU A 146 -3.69 9.39 -9.06
CA GLU A 146 -4.23 9.58 -7.71
C GLU A 146 -5.67 9.06 -7.57
N SER A 147 -6.35 8.86 -8.69
CA SER A 147 -7.69 8.28 -8.66
C SER A 147 -7.61 6.76 -8.54
N GLU A 148 -6.44 6.21 -8.84
CA GLU A 148 -6.23 4.77 -8.74
C GLU A 148 -5.95 4.38 -7.28
N MET A 149 -5.36 5.31 -6.54
CA MET A 149 -5.02 5.07 -5.13
C MET A 149 -6.13 5.55 -4.21
N SER A 150 -7.26 5.93 -4.80
CA SER A 150 -8.40 6.39 -4.04
C SER A 150 -9.02 5.23 -3.25
N HIS A 151 -9.65 5.54 -2.11
CA HIS A 151 -10.14 4.51 -1.22
C HIS A 151 -11.24 3.65 -1.86
N LYS A 152 -11.93 4.24 -2.82
CA LYS A 152 -12.92 3.53 -3.60
C LYS A 152 -12.29 2.33 -4.33
N GLU A 153 -11.11 2.54 -4.89
CA GLU A 153 -10.49 1.54 -5.74
C GLU A 153 -9.79 0.45 -4.94
N LEU A 154 -9.38 0.74 -3.70
CA LEU A 154 -8.72 -0.28 -2.89
C LEU A 154 -9.64 -1.48 -2.71
N LEU A 155 -10.91 -1.20 -2.47
CA LEU A 155 -11.91 -2.25 -2.34
C LEU A 155 -12.14 -2.90 -3.70
N ASN A 156 -12.15 -2.08 -4.75
CA ASN A 156 -12.42 -2.57 -6.10
C ASN A 156 -11.35 -3.57 -6.55
N LYS A 157 -10.08 -3.23 -6.31
CA LYS A 157 -8.97 -4.06 -6.78
C LYS A 157 -8.94 -5.39 -6.08
N LEU A 158 -9.22 -5.38 -4.79
CA LEU A 158 -9.19 -6.60 -4.00
C LEU A 158 -10.50 -7.36 -4.17
N GLY A 159 -11.58 -6.60 -4.35
CA GLY A 159 -12.91 -7.17 -4.42
C GLY A 159 -13.22 -7.86 -5.73
N GLU A 160 -12.60 -7.43 -6.82
CA GLU A 160 -12.86 -8.03 -8.12
C GLU A 160 -12.49 -9.52 -8.12
N LYS A 161 -11.34 -9.85 -7.57
CA LYS A 161 -10.90 -11.24 -7.52
C LYS A 161 -11.45 -11.97 -6.29
N TYR A 162 -10.97 -11.62 -5.12
CA TYR A 162 -11.27 -12.39 -3.91
C TYR A 162 -12.50 -11.88 -3.17
N GLY A 163 -13.05 -10.78 -3.65
CA GLY A 163 -14.26 -10.24 -3.05
C GLY A 163 -15.50 -10.93 -3.59
N ASP A 164 -15.89 -10.56 -4.80
CA ASP A 164 -17.04 -11.15 -5.45
C ASP A 164 -16.97 -10.91 -6.95
N HIS A 165 -17.36 -11.90 -7.74
CA HIS A 165 -17.42 -11.77 -9.19
C HIS A 165 -18.29 -12.85 -9.78
#